data_7OS2
#
_entry.id   7OS2
#
_cell.length_a   1.00
_cell.length_b   1.00
_cell.length_c   1.00
_cell.angle_alpha   90.00
_cell.angle_beta   90.00
_cell.angle_gamma   90.00
#
_symmetry.space_group_name_H-M   'P 1'
#
loop_
_entity.id
_entity.type
_entity.pdbx_description
1 polymer 'U5 small nuclear ribonucleoprotein 200 kDa helicase'
2 polymer 'Telomere length and silencing protein 1 homolog'
3 polymer 'Pre-mRNA-processing-splicing factor 8'
#
loop_
_entity_poly.entity_id
_entity_poly.type
_entity_poly.pdbx_seq_one_letter_code
_entity_poly.pdbx_strand_id
1 'polypeptide(L)'
;GAEFDLDQGGEALAPRQVLDLEDLVFTQGSHFMANKRCQLPDGSFRRQRKGYEEVHVPALKPKPFGSEEQLLPVEKLPKY
AQAGFEGFKTLNRIQSKLYRAALETDENLLLCAPTGAGKTNVALMCMLREIGKHINMDGTINVDDFKIIYIAPMRSLVQE
MVGSFGKRLATYGITVAELTGDHQLCKEEISATQIIVCTPEKWDIITRKGGERTYTQLVRLIILDEIHLLHDDRGPVLEA
LVARAIRNIEMTQEDVRLIGLSATLPNYEDVATFLRVDPAKGLFYFDNSFRPVPLEQTYVGITEKKAIKRFQIMNEIVYE
KIMEHAGKNQVLVFVHSRKETGKTARAIRDMCLEKDTLGLFLREGSASTEVLRTEAEQCKNLELKDLLPYGFAIHHAGMT
RVDRTLVEDLFADKHIQVLVSTATLAWGVNLPAHTVIIKGTQVYSPEKGRWTELGALDILQMLGRAGRPQYDTKGEGILI
TSHGELQYYLSLLNQQLPIESQMVSKLPDMLNAEIVLGNVQNAKDAVNWLGYAYLYIRMLRSPTLYGISHDDLKGDPLLD
QRRLDLVHTAALMLDKNNLVKYDKKTGNFQVTELGRIASHYYITNDTVQTYNQLLKPTLSEIELFRVFSLSSEFKNITVR
EEEKLELQKLLERVPIPVKESIEEPSAKINVLLQAFISQLKLEGFALMADMVYVTQSAGRLMRAIFEIVLNRGWAQLTDK
TLNLCKMIDKRMWQSMCPLRQFRKLPEEVVKKIEKKNFPFERLYDLNHNEIGELIRMPKMGKTIHKYVHLFPKLELSVHL
QPITRSTLKVELTITPDFQWDEKVHGSSEAFWILVEDVDSEVILHHEYFLLKAKYAQDEHLITFFVPVFEPLPPQYFIRV
VSDRWLSCETQLPVSFRHLILPEKYPPPTELLDLQPLPVSALRNSAFESLYQDKFPFFNPIQTQVFNTVYNSDDNVFVGA
PTGSGKTICAEFAILRMLLQSSEGRCVYITPMEALAEQVYMDWYEKFQDRLNKKVVLLTGETSTDLKLLGKGNIIISTPE
KWDILSRRWKQRKNVQNINLFVVDEVHLIGGENGPVLEVICSRMRYISSQIERPIRIVALSSSLSNAKDVAHWLGCSATS
TFNFHPNVRPVPLELHIQGFNISHTQTRLLSMAKPVYHAITKHSPKKPVIVFVPSRKQTRLTAIDILTTCAADIQRQRFL
HCTEKDLIPYLEKLSDSTLKETLLNGVGYLHEGLSPMERRLVEQLFSSGAIQVVVASRSLCWGMNVAAHLVIIMDTQYYN
GKIHAYVDYPIYDVLQMVGHANRPLQDDEGRCVIMCQGSKKDFFKKFLYEPLPVESHLDHCMHDHFNAEIVTKTIENKQD
AVDYLTWTFLYRRMTQNPNYYNLQGISHRHLSDHLSELVEQTLSDLEQSKCISIEDEMDVAPLNLGMIAAYYYINYTTIE
LFSMSLNAKTKVRGLIEIISNAAEYENIPIRHHEDNLLRQLAQKVPHKLNNPKFNDPHVKTNLLLQAHLSRMQLSAELQS
DTEEILSKAIRLIQACVDVLSSNGWLSPALAAMELAQMVTQAMWSKDSYLKQLPHFTSEHIKRCTDKGVESVFDIMEMED
EERNALLQLTDSQIADVARFCNRYPNIELSYEVVDKDSIRSGGPVVVLVQLEREEEVTGPVIAPLFPQKREEGWWVVIGD
AKSNSLISIKRLTLQQKAKVKLDFVAPATGAHNYTLYFMSDAYMGCDQEYKFSVDVKEA
;
B
2 'polypeptide(L)'
;GAMAMPVVRKIFRRRRGDSESEEDEQDSEEVRLKLEETREVQNLRKRPNGVSAVALLVGEKVQEETTLVDDPFQMKTGGM
VDMKKLKERGKDKISEEEDLHLGTSFSAETNRRDEDADMMKYIETELKKRKGIVEHEEQKVKPKNAEDCLYELPENIRVS
SAKKTEEMLSNQMLSGIPEVDLGIDAKIKNIISTEDAKARLLAEQQNKKKDSETSFVPTNMAVNYVQHNRFYHEELNAPI
RRNKEEPKARPLRVGDTEKPEPERSPPNRKRPANEKATDDYHYEKFKKMNRRY
;
C
3 'polypeptide(L)'
;GPLGSMTQTFSSKTEWRVRAISAANLHLRTNHIYVSSDDIKETGYTYILPKNVLKKFICISDLRAQIAGYLYGVSPPDNP
QVKEIRCIVMVPQWGTHQTVHLPGQLPQHEYLKEMEPLGWIHTQPNESPQLSPQDVTTHAKIMADNPSWDGEKTIIITCS
FTPGSCTLTAYKLTPSGYEWGRQNTDKGNNPKGYLPSHYERVQMLLSDRFLGFFMVPAQSSWNYNFMGVRHDPNMKYELQ
LANPKEFYHEVHRPSHFLNFALLQEGEVYSADREDLYA
;
J
#
# COMPACT_ATOMS: atom_id res chain seq x y z
N LEU A 13 17.77 32.96 17.59
CA LEU A 13 17.39 32.91 19.00
C LEU A 13 17.41 34.30 19.62
N ALA A 14 16.33 35.04 19.41
CA ALA A 14 16.15 36.38 19.91
C ALA A 14 15.25 36.38 21.13
N PRO A 15 15.11 37.51 21.83
CA PRO A 15 14.12 37.58 22.93
C PRO A 15 12.69 37.77 22.41
N ARG A 16 12.07 36.64 22.03
CA ARG A 16 10.72 36.69 21.48
C ARG A 16 9.72 37.21 22.51
N GLN A 17 8.80 38.04 22.03
CA GLN A 17 7.65 38.47 22.82
C GLN A 17 6.39 37.87 22.20
N VAL A 18 5.43 37.55 23.05
CA VAL A 18 4.21 36.91 22.57
C VAL A 18 3.24 37.99 22.11
N LEU A 19 2.84 37.92 20.84
CA LEU A 19 1.87 38.81 20.25
C LEU A 19 0.53 38.11 20.16
N ASP A 20 -0.53 38.76 20.60
CA ASP A 20 -1.85 38.16 20.45
C ASP A 20 -2.28 38.27 18.99
N LEU A 21 -2.39 37.12 18.32
CA LEU A 21 -2.75 37.13 16.91
C LEU A 21 -4.17 37.64 16.68
N GLU A 22 -5.02 37.61 17.71
CA GLU A 22 -6.38 38.09 17.55
C GLU A 22 -6.40 39.60 17.34
N ASP A 23 -5.46 40.32 17.94
CA ASP A 23 -5.38 41.76 17.72
C ASP A 23 -5.00 42.07 16.28
N LEU A 24 -4.07 41.31 15.71
CA LEU A 24 -3.52 41.65 14.40
C LEU A 24 -4.49 41.33 13.27
N VAL A 25 -5.36 40.34 13.46
CA VAL A 25 -6.17 39.86 12.34
C VAL A 25 -7.14 40.93 11.88
N PHE A 26 -7.30 41.06 10.57
CA PHE A 26 -8.33 41.90 9.99
C PHE A 26 -9.68 41.21 10.20
N THR A 27 -10.53 41.80 11.02
CA THR A 27 -11.87 41.27 11.16
C THR A 27 -12.65 41.50 9.86
N GLN A 28 -13.77 40.80 9.72
CA GLN A 28 -14.67 40.86 8.57
C GLN A 28 -14.00 40.48 7.26
N GLY A 29 -12.80 39.91 7.32
CA GLY A 29 -12.22 39.17 6.22
C GLY A 29 -12.13 39.87 4.89
N SER A 30 -12.76 39.29 3.86
CA SER A 30 -12.69 39.82 2.52
C SER A 30 -13.32 41.19 2.39
N HIS A 31 -14.11 41.63 3.35
CA HIS A 31 -14.76 42.91 3.29
C HIS A 31 -13.93 44.03 3.90
N PHE A 32 -12.76 43.71 4.43
CA PHE A 32 -11.86 44.75 4.89
C PHE A 32 -11.33 45.53 3.71
N MET A 33 -11.60 46.83 3.68
CA MET A 33 -11.11 47.69 2.61
C MET A 33 -10.05 48.62 3.19
N ALA A 34 -8.80 48.41 2.79
CA ALA A 34 -7.73 49.32 3.17
C ALA A 34 -7.77 50.62 2.38
N ASN A 35 -8.49 50.64 1.28
CA ASN A 35 -8.68 51.86 0.51
C ASN A 35 -9.32 52.94 1.37
N LYS A 36 -8.88 54.18 1.19
CA LYS A 36 -9.30 55.23 2.11
C LYS A 36 -10.56 55.96 1.64
N ARG A 37 -10.58 56.43 0.39
CA ARG A 37 -11.66 57.32 -0.04
C ARG A 37 -12.36 56.91 -1.33
N CYS A 38 -11.71 56.18 -2.24
CA CYS A 38 -12.34 55.67 -3.46
C CYS A 38 -12.91 56.80 -4.33
N GLN A 39 -11.99 57.59 -4.88
CA GLN A 39 -12.38 58.54 -5.91
C GLN A 39 -12.69 57.77 -7.20
N LEU A 40 -13.74 58.19 -7.89
CA LEU A 40 -14.34 57.44 -8.98
C LEU A 40 -14.22 58.19 -10.30
N PRO A 41 -14.39 57.51 -11.45
CA PRO A 41 -14.15 58.14 -12.76
C PRO A 41 -14.84 59.47 -12.99
N ASP A 42 -14.35 60.20 -14.00
CA ASP A 42 -14.80 61.57 -14.24
C ASP A 42 -16.30 61.65 -14.46
N GLY A 43 -16.82 60.83 -15.36
CA GLY A 43 -18.26 60.75 -15.52
C GLY A 43 -18.89 60.05 -14.35
N SER A 44 -19.64 60.77 -13.54
CA SER A 44 -20.30 60.21 -12.37
C SER A 44 -21.23 61.25 -11.78
N PHE A 45 -22.30 60.78 -11.14
CA PHE A 45 -23.24 61.68 -10.49
C PHE A 45 -24.03 60.91 -9.46
N ARG A 46 -24.19 61.49 -8.27
CA ARG A 46 -24.97 60.90 -7.19
C ARG A 46 -26.30 61.64 -7.13
N ARG A 47 -27.37 60.98 -7.52
CA ARG A 47 -28.72 61.55 -7.48
C ARG A 47 -29.59 60.69 -6.59
N GLN A 48 -30.44 61.34 -5.79
CA GLN A 48 -31.25 60.66 -4.79
C GLN A 48 -32.71 60.70 -5.20
N ARG A 49 -33.37 59.55 -5.15
CA ARG A 49 -34.82 59.50 -5.24
C ARG A 49 -35.34 58.60 -4.14
N LYS A 50 -36.32 59.11 -3.39
CA LYS A 50 -37.02 58.37 -2.32
C LYS A 50 -36.00 57.85 -1.32
N GLY A 51 -36.09 56.58 -0.90
CA GLY A 51 -35.32 56.09 0.22
C GLY A 51 -33.87 55.79 -0.04
N TYR A 52 -33.41 55.98 -1.27
CA TYR A 52 -32.04 55.61 -1.62
C TYR A 52 -31.39 56.68 -2.50
N GLU A 53 -30.19 56.40 -2.98
CA GLU A 53 -29.51 57.25 -3.95
C GLU A 53 -28.69 56.38 -4.87
N GLU A 54 -28.64 56.74 -6.14
CA GLU A 54 -27.96 55.98 -7.17
C GLU A 54 -26.63 56.63 -7.53
N VAL A 55 -25.68 55.80 -7.92
CA VAL A 55 -24.38 56.25 -8.42
C VAL A 55 -24.18 55.61 -9.79
N HIS A 56 -23.92 56.44 -10.79
CA HIS A 56 -23.68 55.98 -12.16
C HIS A 56 -22.23 56.23 -12.54
N VAL A 57 -21.60 55.22 -13.13
CA VAL A 57 -20.25 55.31 -13.64
C VAL A 57 -20.27 54.92 -15.12
N PRO A 58 -20.30 55.91 -16.02
CA PRO A 58 -20.35 55.60 -17.46
C PRO A 58 -19.26 54.63 -17.88
N ALA A 59 -19.59 53.85 -18.91
CA ALA A 59 -18.65 52.87 -19.43
C ALA A 59 -17.41 53.55 -19.99
N LEU A 60 -16.24 53.04 -19.63
CA LEU A 60 -14.99 53.62 -20.08
C LEU A 60 -14.81 53.40 -21.57
N LYS A 61 -14.34 54.44 -22.25
CA LYS A 61 -14.03 54.31 -23.67
C LYS A 61 -12.84 53.38 -23.85
N PRO A 62 -12.89 52.44 -24.80
CA PRO A 62 -11.75 51.54 -25.00
C PRO A 62 -10.51 52.31 -25.43
N LYS A 63 -9.36 51.86 -24.94
CA LYS A 63 -8.11 52.51 -25.27
C LYS A 63 -7.80 52.32 -26.75
N PRO A 64 -7.51 53.39 -27.49
CA PRO A 64 -7.27 53.24 -28.93
C PRO A 64 -6.04 52.40 -29.21
N PHE A 65 -6.08 51.69 -30.34
CA PHE A 65 -4.96 50.85 -30.72
C PHE A 65 -3.73 51.69 -30.99
N GLY A 66 -2.59 51.25 -30.46
CA GLY A 66 -1.35 51.95 -30.67
C GLY A 66 -0.76 51.70 -32.04
N SER A 67 0.33 52.40 -32.33
CA SER A 67 1.02 52.21 -33.60
C SER A 67 1.64 50.82 -33.66
N GLU A 68 1.75 50.31 -34.89
CA GLU A 68 2.20 48.95 -35.20
C GLU A 68 1.63 47.92 -34.23
N GLU A 69 0.35 48.07 -33.89
CA GLU A 69 -0.35 47.13 -33.02
C GLU A 69 -1.50 46.51 -33.79
N GLN A 70 -1.61 45.18 -33.75
CA GLN A 70 -2.67 44.49 -34.45
C GLN A 70 -2.87 43.13 -33.81
N LEU A 71 -4.12 42.66 -33.86
CA LEU A 71 -4.45 41.35 -33.31
C LEU A 71 -3.73 40.25 -34.07
N LEU A 72 -3.31 39.23 -33.33
CA LEU A 72 -2.53 38.15 -33.92
C LEU A 72 -3.44 37.20 -34.66
N PRO A 73 -3.23 36.96 -35.95
CA PRO A 73 -3.95 35.89 -36.63
C PRO A 73 -3.56 34.54 -36.05
N VAL A 74 -4.52 33.60 -36.08
CA VAL A 74 -4.28 32.30 -35.48
C VAL A 74 -3.19 31.56 -36.23
N GLU A 75 -3.10 31.74 -37.55
CA GLU A 75 -2.07 31.07 -38.31
C GLU A 75 -0.67 31.61 -38.05
N LYS A 76 -0.55 32.69 -37.29
CA LYS A 76 0.72 33.36 -37.07
C LYS A 76 1.48 32.86 -35.84
N LEU A 77 0.96 31.87 -35.13
CA LEU A 77 1.60 31.32 -33.95
C LEU A 77 2.17 29.93 -34.26
N PRO A 78 2.97 29.36 -33.34
CA PRO A 78 3.57 28.04 -33.61
C PRO A 78 2.56 27.00 -34.06
N LYS A 79 3.03 26.08 -34.90
CA LYS A 79 2.14 25.14 -35.55
C LYS A 79 1.48 24.19 -34.56
N TYR A 80 2.22 23.74 -33.56
CA TYR A 80 1.63 22.82 -32.59
C TYR A 80 0.54 23.49 -31.78
N ALA A 81 0.65 24.80 -31.55
CA ALA A 81 -0.37 25.53 -30.84
C ALA A 81 -1.57 25.89 -31.70
N GLN A 82 -1.48 25.71 -33.02
CA GLN A 82 -2.63 25.99 -33.88
C GLN A 82 -3.81 25.11 -33.50
N ALA A 83 -3.57 23.83 -33.28
CA ALA A 83 -4.58 22.96 -32.71
C ALA A 83 -4.87 23.41 -31.29
N GLY A 84 -6.14 23.42 -30.92
CA GLY A 84 -6.54 24.01 -29.67
C GLY A 84 -6.93 25.46 -29.77
N PHE A 85 -6.99 26.01 -30.98
CA PHE A 85 -7.54 27.35 -31.19
C PHE A 85 -8.49 27.40 -32.36
N GLU A 86 -9.00 26.26 -32.84
CA GLU A 86 -9.89 26.25 -33.98
C GLU A 86 -11.20 26.96 -33.65
N GLY A 87 -11.84 27.48 -34.68
CA GLY A 87 -13.03 28.27 -34.51
C GLY A 87 -12.78 29.73 -34.16
N PHE A 88 -11.52 30.13 -34.05
CA PHE A 88 -11.16 31.51 -33.76
C PHE A 88 -10.41 32.09 -34.95
N LYS A 89 -10.84 33.26 -35.41
CA LYS A 89 -10.11 33.96 -36.46
C LYS A 89 -8.81 34.55 -35.92
N THR A 90 -8.89 35.23 -34.78
CA THR A 90 -7.75 35.92 -34.21
C THR A 90 -7.86 35.92 -32.69
N LEU A 91 -6.71 36.06 -32.03
CA LEU A 91 -6.69 36.33 -30.61
C LEU A 91 -7.12 37.78 -30.36
N ASN A 92 -7.75 38.02 -29.22
CA ASN A 92 -8.16 39.38 -28.91
C ASN A 92 -6.95 40.20 -28.47
N ARG A 93 -7.19 41.45 -28.08
CA ARG A 93 -6.10 42.38 -27.83
C ARG A 93 -5.22 41.92 -26.67
N ILE A 94 -5.85 41.50 -25.57
CA ILE A 94 -5.07 41.09 -24.40
C ILE A 94 -4.24 39.84 -24.71
N GLN A 95 -4.84 38.86 -25.36
CA GLN A 95 -4.11 37.68 -25.76
C GLN A 95 -3.00 38.03 -26.74
N SER A 96 -3.26 39.00 -27.62
CA SER A 96 -2.22 39.45 -28.55
C SER A 96 -1.04 40.03 -27.80
N LYS A 97 -1.31 40.82 -26.76
CA LYS A 97 -0.22 41.34 -25.94
C LYS A 97 0.55 40.23 -25.26
N LEU A 98 -0.16 39.23 -24.74
CA LEU A 98 0.49 38.25 -23.86
C LEU A 98 1.00 37.00 -24.57
N TYR A 99 0.78 36.85 -25.88
CA TYR A 99 1.12 35.59 -26.53
C TYR A 99 2.62 35.34 -26.51
N ARG A 100 3.43 36.40 -26.69
CA ARG A 100 4.87 36.22 -26.67
C ARG A 100 5.35 35.67 -25.33
N ALA A 101 4.94 36.31 -24.24
CA ALA A 101 5.39 35.88 -22.92
C ALA A 101 4.82 34.51 -22.59
N ALA A 102 3.61 34.20 -23.06
CA ALA A 102 3.00 32.93 -22.70
C ALA A 102 3.62 31.77 -23.44
N LEU A 103 3.91 31.93 -24.73
CA LEU A 103 4.32 30.81 -25.57
C LEU A 103 5.81 30.74 -25.84
N GLU A 104 6.54 31.86 -25.77
CA GLU A 104 7.93 31.82 -26.19
C GLU A 104 8.90 31.79 -25.02
N THR A 105 8.56 32.43 -23.91
CA THR A 105 9.44 32.49 -22.75
C THR A 105 8.87 31.65 -21.61
N ASP A 106 9.76 31.03 -20.86
CA ASP A 106 9.38 30.23 -19.70
C ASP A 106 9.52 31.06 -18.42
N GLU A 107 8.72 32.11 -18.35
CA GLU A 107 8.83 33.09 -17.28
C GLU A 107 7.53 33.14 -16.49
N ASN A 108 7.65 33.37 -15.19
CA ASN A 108 6.47 33.54 -14.35
C ASN A 108 5.67 34.75 -14.81
N LEU A 109 4.36 34.60 -14.85
CA LEU A 109 3.46 35.63 -15.35
C LEU A 109 2.43 36.00 -14.30
N LEU A 110 2.00 37.26 -14.34
CA LEU A 110 0.87 37.72 -13.56
C LEU A 110 0.03 38.61 -14.46
N LEU A 111 -1.17 38.14 -14.79
CA LEU A 111 -2.07 38.87 -15.67
C LEU A 111 -3.18 39.49 -14.83
N CYS A 112 -3.25 40.81 -14.82
CA CYS A 112 -4.28 41.55 -14.11
C CYS A 112 -5.17 42.22 -15.15
N ALA A 113 -6.27 41.56 -15.49
CA ALA A 113 -7.20 42.05 -16.49
C ALA A 113 -8.61 42.00 -15.96
N PRO A 114 -9.49 42.87 -16.44
CA PRO A 114 -10.89 42.82 -15.99
C PRO A 114 -11.54 41.49 -16.35
N THR A 115 -12.48 41.06 -15.52
CA THR A 115 -13.09 39.76 -15.70
C THR A 115 -13.83 39.69 -17.04
N GLY A 116 -13.79 38.51 -17.65
CA GLY A 116 -14.39 38.32 -18.95
C GLY A 116 -13.52 38.69 -20.12
N ALA A 117 -12.25 39.01 -19.89
CA ALA A 117 -11.34 39.43 -20.94
C ALA A 117 -10.55 38.27 -21.54
N GLY A 118 -10.85 37.04 -21.17
CA GLY A 118 -10.22 35.89 -21.77
C GLY A 118 -8.89 35.53 -21.16
N LYS A 119 -8.83 35.43 -19.83
CA LYS A 119 -7.61 34.99 -19.18
C LYS A 119 -7.45 33.48 -19.25
N THR A 120 -8.55 32.75 -19.40
CA THR A 120 -8.46 31.30 -19.55
C THR A 120 -7.70 30.93 -20.80
N ASN A 121 -7.83 31.72 -21.87
CA ASN A 121 -7.06 31.43 -23.08
C ASN A 121 -5.57 31.69 -22.87
N VAL A 122 -5.21 32.67 -22.05
CA VAL A 122 -3.81 32.88 -21.73
C VAL A 122 -3.27 31.69 -20.94
N ALA A 123 -4.05 31.19 -19.97
CA ALA A 123 -3.66 29.98 -19.28
C ALA A 123 -3.52 28.82 -20.25
N LEU A 124 -4.40 28.76 -21.24
CA LEU A 124 -4.31 27.71 -22.26
C LEU A 124 -3.04 27.86 -23.07
N MET A 125 -2.63 29.09 -23.38
CA MET A 125 -1.38 29.29 -24.10
C MET A 125 -0.19 28.80 -23.28
N CYS A 126 -0.19 29.07 -21.98
CA CYS A 126 0.88 28.55 -21.13
C CYS A 126 0.88 27.03 -21.12
N MET A 127 -0.31 26.43 -21.04
CA MET A 127 -0.41 24.98 -21.08
C MET A 127 0.10 24.43 -22.40
N LEU A 128 -0.20 25.12 -23.50
CA LEU A 128 0.30 24.70 -24.81
C LEU A 128 1.82 24.80 -24.87
N ARG A 129 2.39 25.82 -24.22
CA ARG A 129 3.85 25.89 -24.10
C ARG A 129 4.40 24.64 -23.42
N GLU A 130 3.83 24.30 -22.27
CA GLU A 130 4.32 23.14 -21.54
C GLU A 130 4.15 21.86 -22.35
N ILE A 131 3.06 21.76 -23.11
CA ILE A 131 2.85 20.61 -23.98
C ILE A 131 3.89 20.59 -25.09
N GLY A 132 4.15 21.75 -25.70
CA GLY A 132 5.12 21.82 -26.78
C GLY A 132 6.51 21.45 -26.34
N LYS A 133 6.80 21.57 -25.05
CA LYS A 133 8.07 21.07 -24.56
C LYS A 133 8.15 19.54 -24.67
N HIS A 134 7.08 18.88 -25.13
CA HIS A 134 7.05 17.42 -25.25
C HIS A 134 6.39 16.99 -26.56
N ILE A 135 6.78 17.58 -27.69
CA ILE A 135 6.18 17.23 -28.97
C ILE A 135 6.71 15.92 -29.52
N ASN A 136 7.76 15.35 -28.93
CA ASN A 136 8.20 13.98 -29.21
C ASN A 136 8.51 13.87 -30.70
N MET A 137 7.94 12.89 -31.42
CA MET A 137 8.16 12.75 -32.85
C MET A 137 6.89 12.20 -33.47
N ASP A 138 6.69 12.53 -34.76
CA ASP A 138 5.51 12.10 -35.51
C ASP A 138 4.22 12.59 -34.84
N GLY A 139 4.23 13.83 -34.37
CA GLY A 139 3.02 14.45 -33.85
C GLY A 139 2.39 13.73 -32.68
N THR A 140 3.21 13.23 -31.76
CA THR A 140 2.72 12.59 -30.54
C THR A 140 3.22 13.38 -29.35
N ILE A 141 2.59 13.17 -28.20
CA ILE A 141 2.91 13.90 -26.99
C ILE A 141 3.32 12.91 -25.91
N ASN A 142 4.41 13.21 -25.21
CA ASN A 142 4.85 12.36 -24.10
C ASN A 142 3.86 12.55 -22.96
N VAL A 143 2.92 11.61 -22.85
CA VAL A 143 1.81 11.76 -21.92
C VAL A 143 2.29 11.69 -20.48
N ASP A 144 3.26 10.83 -20.19
CA ASP A 144 3.69 10.57 -18.82
C ASP A 144 4.87 11.42 -18.40
N ASP A 145 5.24 12.43 -19.17
CA ASP A 145 6.41 13.22 -18.85
C ASP A 145 6.12 14.48 -18.03
N PHE A 146 4.87 14.91 -17.96
CA PHE A 146 4.56 16.18 -17.33
C PHE A 146 3.17 16.14 -16.72
N LYS A 147 2.91 17.09 -15.82
CA LYS A 147 1.58 17.34 -15.30
C LYS A 147 1.39 18.84 -15.13
N ILE A 148 0.14 19.28 -15.26
CA ILE A 148 -0.21 20.69 -15.12
C ILE A 148 -1.31 20.79 -14.08
N ILE A 149 -1.12 21.68 -13.11
CA ILE A 149 -2.09 21.90 -12.05
C ILE A 149 -2.79 23.22 -12.32
N TYR A 150 -4.11 23.17 -12.45
CA TYR A 150 -4.92 24.36 -12.66
C TYR A 150 -5.76 24.59 -11.42
N ILE A 151 -5.52 25.70 -10.73
CA ILE A 151 -6.19 26.00 -9.48
C ILE A 151 -7.32 26.98 -9.77
N ALA A 152 -8.54 26.60 -9.40
CA ALA A 152 -9.71 27.42 -9.63
C ALA A 152 -10.47 27.62 -8.33
N PRO A 153 -11.12 28.75 -8.14
CA PRO A 153 -11.69 29.08 -6.83
C PRO A 153 -12.99 28.35 -6.51
N MET A 154 -13.79 28.01 -7.51
CA MET A 154 -15.10 27.42 -7.28
C MET A 154 -15.21 26.08 -8.01
N ARG A 155 -15.84 25.11 -7.36
CA ARG A 155 -15.99 23.79 -7.97
C ARG A 155 -16.88 23.84 -9.20
N SER A 156 -17.95 24.64 -9.16
CA SER A 156 -18.79 24.78 -10.33
C SER A 156 -18.01 25.35 -11.51
N LEU A 157 -17.00 26.16 -11.23
CA LEU A 157 -16.09 26.60 -12.28
C LEU A 157 -15.08 25.53 -12.62
N VAL A 158 -14.70 24.69 -11.66
CA VAL A 158 -13.75 23.61 -11.93
C VAL A 158 -14.32 22.64 -12.95
N GLN A 159 -15.59 22.29 -12.81
CA GLN A 159 -16.20 21.35 -13.75
C GLN A 159 -16.27 21.93 -15.16
N GLU A 160 -16.62 23.21 -15.27
CA GLU A 160 -16.65 23.84 -16.59
C GLU A 160 -15.26 23.93 -17.18
N MET A 161 -14.25 24.22 -16.35
CA MET A 161 -12.88 24.21 -16.85
C MET A 161 -12.50 22.85 -17.38
N VAL A 162 -12.87 21.79 -16.65
CA VAL A 162 -12.55 20.44 -17.10
C VAL A 162 -13.19 20.15 -18.45
N GLY A 163 -14.48 20.48 -18.58
CA GLY A 163 -15.16 20.24 -19.84
C GLY A 163 -14.55 21.01 -20.99
N SER A 164 -14.32 22.31 -20.79
CA SER A 164 -13.79 23.13 -21.88
C SER A 164 -12.39 22.71 -22.26
N PHE A 165 -11.52 22.43 -21.29
CA PHE A 165 -10.17 22.03 -21.61
C PHE A 165 -10.12 20.65 -22.25
N GLY A 166 -11.03 19.75 -21.87
CA GLY A 166 -11.12 18.50 -22.57
C GLY A 166 -11.52 18.67 -24.02
N LYS A 167 -12.47 19.58 -24.27
CA LYS A 167 -12.86 19.84 -25.66
C LYS A 167 -11.72 20.48 -26.45
N ARG A 168 -11.00 21.42 -25.84
CA ARG A 168 -9.97 22.16 -26.57
C ARG A 168 -8.74 21.32 -26.81
N LEU A 169 -8.28 20.57 -25.81
CA LEU A 169 -7.04 19.81 -25.89
C LEU A 169 -7.28 18.36 -26.27
N ALA A 170 -8.42 18.05 -26.89
CA ALA A 170 -8.72 16.66 -27.24
C ALA A 170 -7.75 16.14 -28.30
N THR A 171 -7.42 16.96 -29.29
CA THR A 171 -6.59 16.50 -30.40
C THR A 171 -5.18 16.13 -29.97
N TYR A 172 -4.73 16.59 -28.81
CA TYR A 172 -3.39 16.29 -28.33
C TYR A 172 -3.32 14.98 -27.57
N GLY A 173 -4.44 14.29 -27.39
CA GLY A 173 -4.44 13.08 -26.59
C GLY A 173 -4.11 13.33 -25.15
N ILE A 174 -4.66 14.40 -24.57
CA ILE A 174 -4.35 14.83 -23.21
C ILE A 174 -5.65 14.83 -22.42
N THR A 175 -5.62 14.21 -21.24
CA THR A 175 -6.80 14.05 -20.41
C THR A 175 -6.77 15.05 -19.26
N VAL A 176 -7.89 15.75 -19.06
CA VAL A 176 -8.06 16.69 -17.97
C VAL A 176 -9.18 16.18 -17.09
N ALA A 177 -9.02 16.31 -15.77
CA ALA A 177 -10.00 15.77 -14.86
C ALA A 177 -9.99 16.55 -13.55
N GLU A 178 -11.14 16.54 -12.88
CA GLU A 178 -11.27 17.16 -11.57
C GLU A 178 -10.63 16.27 -10.51
N LEU A 179 -10.06 16.91 -9.50
CA LEU A 179 -9.34 16.22 -8.44
C LEU A 179 -10.24 15.75 -7.30
N THR A 180 -11.55 15.98 -7.39
CA THR A 180 -12.44 15.61 -6.30
C THR A 180 -12.45 14.11 -6.08
N GLY A 181 -12.70 13.71 -4.83
CA GLY A 181 -12.84 12.32 -4.46
C GLY A 181 -11.99 11.97 -3.25
N ASP A 182 -12.06 10.70 -2.88
CA ASP A 182 -11.26 10.18 -1.78
C ASP A 182 -9.79 10.20 -2.16
N HIS A 183 -8.93 10.24 -1.14
CA HIS A 183 -7.50 10.38 -1.38
C HIS A 183 -6.96 9.23 -2.21
N GLN A 184 -7.32 7.99 -1.87
CA GLN A 184 -6.89 6.86 -2.68
C GLN A 184 -7.65 6.78 -4.00
N LEU A 185 -8.76 7.49 -4.14
CA LEU A 185 -9.34 7.72 -5.46
C LEU A 185 -8.53 8.76 -6.22
N CYS A 186 -8.14 9.84 -5.55
CA CYS A 186 -7.28 10.84 -6.16
C CYS A 186 -5.90 10.28 -6.48
N LYS A 187 -5.45 9.29 -5.71
CA LYS A 187 -4.14 8.70 -5.97
C LYS A 187 -4.07 8.09 -7.36
N GLU A 188 -5.13 7.40 -7.77
CA GLU A 188 -5.19 6.84 -9.11
C GLU A 188 -5.75 7.84 -10.14
N GLU A 189 -6.46 8.86 -9.68
CA GLU A 189 -6.89 9.93 -10.59
C GLU A 189 -5.68 10.67 -11.15
N ILE A 190 -4.81 11.15 -10.27
CA ILE A 190 -3.73 12.01 -10.68
C ILE A 190 -2.78 11.29 -11.64
N SER A 191 -2.46 10.04 -11.33
CA SER A 191 -1.54 9.29 -12.18
C SER A 191 -2.09 9.17 -13.59
N ALA A 192 -3.41 9.13 -13.73
CA ALA A 192 -4.02 8.93 -15.05
C ALA A 192 -3.91 10.20 -15.90
N THR A 193 -4.20 11.36 -15.32
CA THR A 193 -4.42 12.57 -16.07
C THR A 193 -3.18 13.45 -16.10
N GLN A 194 -3.19 14.40 -17.02
CA GLN A 194 -2.08 15.34 -17.22
C GLN A 194 -2.38 16.75 -16.73
N ILE A 195 -3.61 17.22 -16.92
CA ILE A 195 -4.05 18.51 -16.40
C ILE A 195 -5.02 18.24 -15.27
N ILE A 196 -4.73 18.78 -14.09
CA ILE A 196 -5.56 18.60 -12.91
C ILE A 196 -6.17 19.94 -12.56
N VAL A 197 -7.50 19.98 -12.46
CA VAL A 197 -8.24 21.19 -12.11
C VAL A 197 -8.86 20.96 -10.75
N CYS A 198 -8.55 21.84 -9.80
CA CYS A 198 -9.00 21.64 -8.43
C CYS A 198 -9.07 22.99 -7.72
N THR A 199 -9.80 23.00 -6.61
CA THR A 199 -9.86 24.17 -5.75
C THR A 199 -8.58 24.30 -4.94
N PRO A 200 -8.27 25.50 -4.45
CA PRO A 200 -7.09 25.64 -3.59
C PRO A 200 -7.15 24.75 -2.36
N GLU A 201 -8.33 24.61 -1.75
CA GLU A 201 -8.46 23.77 -0.57
C GLU A 201 -8.17 22.31 -0.88
N LYS A 202 -8.71 21.81 -2.01
CA LYS A 202 -8.50 20.41 -2.36
C LYS A 202 -7.02 20.13 -2.61
N TRP A 203 -6.36 20.99 -3.38
CA TRP A 203 -4.95 20.80 -3.66
C TRP A 203 -4.13 20.89 -2.38
N ASP A 204 -4.47 21.85 -1.51
CA ASP A 204 -3.73 22.00 -0.27
C ASP A 204 -3.87 20.77 0.62
N ILE A 205 -5.09 20.23 0.73
CA ILE A 205 -5.28 19.08 1.60
C ILE A 205 -4.65 17.83 1.01
N ILE A 206 -4.65 17.70 -0.32
CA ILE A 206 -3.94 16.59 -0.94
C ILE A 206 -2.45 16.70 -0.67
N THR A 207 -1.90 17.91 -0.76
CA THR A 207 -0.49 18.09 -0.46
C THR A 207 -0.19 17.78 1.00
N ARG A 208 -1.06 18.20 1.91
CA ARG A 208 -0.85 17.92 3.32
C ARG A 208 -0.87 16.41 3.58
N LYS A 209 -1.79 15.69 2.96
CA LYS A 209 -1.86 14.25 3.14
C LYS A 209 -0.68 13.52 2.52
N GLY A 210 0.13 14.20 1.72
CA GLY A 210 1.24 13.55 1.04
C GLY A 210 0.89 12.88 -0.26
N GLY A 211 -0.31 13.10 -0.79
CA GLY A 211 -0.72 12.47 -2.03
C GLY A 211 -0.05 13.04 -3.27
N GLU A 212 0.50 14.25 -3.17
CA GLU A 212 1.20 14.86 -4.29
C GLU A 212 2.65 14.42 -4.39
N ARG A 213 3.13 13.61 -3.45
CA ARG A 213 4.55 13.33 -3.35
C ARG A 213 5.06 12.57 -4.57
N THR A 214 4.28 11.62 -5.08
CA THR A 214 4.78 10.72 -6.11
C THR A 214 5.01 11.47 -7.43
N TYR A 215 4.10 12.36 -7.80
CA TYR A 215 4.16 13.03 -9.08
C TYR A 215 4.62 14.48 -8.97
N THR A 216 5.15 14.88 -7.81
CA THR A 216 5.54 16.28 -7.63
C THR A 216 6.67 16.69 -8.56
N GLN A 217 7.46 15.74 -9.06
CA GLN A 217 8.50 16.08 -10.01
C GLN A 217 7.99 16.22 -11.43
N LEU A 218 6.77 15.76 -11.70
CA LEU A 218 6.18 15.89 -13.03
C LEU A 218 5.38 17.16 -13.19
N VAL A 219 5.16 17.92 -12.12
CA VAL A 219 4.38 19.14 -12.18
C VAL A 219 5.30 20.26 -12.65
N ARG A 220 5.11 20.72 -13.89
CA ARG A 220 5.94 21.76 -14.45
C ARG A 220 5.25 23.11 -14.51
N LEU A 221 3.91 23.15 -14.54
CA LEU A 221 3.16 24.39 -14.63
C LEU A 221 2.05 24.38 -13.61
N ILE A 222 1.90 25.49 -12.89
CA ILE A 222 0.81 25.70 -11.94
C ILE A 222 0.14 27.01 -12.26
N ILE A 223 -1.18 27.00 -12.43
CA ILE A 223 -1.94 28.18 -12.81
C ILE A 223 -2.83 28.57 -11.65
N LEU A 224 -2.68 29.81 -11.18
CA LEU A 224 -3.45 30.32 -10.05
C LEU A 224 -4.53 31.24 -10.62
N ASP A 225 -5.66 30.65 -10.99
CA ASP A 225 -6.77 31.43 -11.53
C ASP A 225 -7.48 32.19 -10.43
N GLU A 226 -7.88 33.42 -10.73
CA GLU A 226 -8.55 34.30 -9.78
C GLU A 226 -7.74 34.42 -8.49
N ILE A 227 -6.48 34.86 -8.65
CA ILE A 227 -5.57 34.94 -7.51
C ILE A 227 -5.87 36.11 -6.59
N HIS A 228 -6.77 37.00 -6.97
CA HIS A 228 -7.19 38.03 -6.02
C HIS A 228 -8.03 37.47 -4.89
N LEU A 229 -8.18 36.14 -4.83
CA LEU A 229 -8.76 35.47 -3.69
C LEU A 229 -7.93 35.62 -2.43
N LEU A 230 -6.68 36.08 -2.57
CA LEU A 230 -5.83 36.30 -1.39
C LEU A 230 -6.49 37.22 -0.39
N HIS A 231 -7.32 38.15 -0.87
CA HIS A 231 -8.02 39.06 0.03
C HIS A 231 -9.12 38.36 0.82
N ASP A 232 -9.59 37.20 0.36
CA ASP A 232 -10.68 36.50 0.99
C ASP A 232 -10.17 35.67 2.18
N ASP A 233 -11.12 35.21 3.00
CA ASP A 233 -10.77 34.33 4.12
C ASP A 233 -10.10 33.05 3.64
N ARG A 234 -10.38 32.64 2.41
CA ARG A 234 -9.72 31.49 1.81
C ARG A 234 -8.33 31.82 1.30
N GLY A 235 -7.92 33.09 1.39
CA GLY A 235 -6.63 33.53 0.93
C GLY A 235 -5.44 32.82 1.54
N PRO A 236 -5.43 32.53 2.85
CA PRO A 236 -4.30 31.80 3.42
C PRO A 236 -4.02 30.48 2.75
N VAL A 237 -5.01 29.84 2.15
CA VAL A 237 -4.75 28.60 1.41
C VAL A 237 -3.85 28.89 0.22
N LEU A 238 -4.16 29.96 -0.52
CA LEU A 238 -3.32 30.34 -1.65
C LEU A 238 -1.92 30.72 -1.20
N GLU A 239 -1.81 31.48 -0.11
CA GLU A 239 -0.50 31.84 0.41
C GLU A 239 0.30 30.61 0.77
N ALA A 240 -0.32 29.64 1.44
CA ALA A 240 0.37 28.43 1.81
C ALA A 240 0.84 27.68 0.57
N LEU A 241 -0.04 27.53 -0.42
CA LEU A 241 0.32 26.80 -1.63
C LEU A 241 1.49 27.45 -2.34
N VAL A 242 1.39 28.76 -2.58
CA VAL A 242 2.41 29.44 -3.37
C VAL A 242 3.73 29.50 -2.61
N ALA A 243 3.68 29.80 -1.31
CA ALA A 243 4.89 29.85 -0.52
C ALA A 243 5.57 28.49 -0.49
N ARG A 244 4.79 27.42 -0.31
CA ARG A 244 5.35 26.09 -0.33
C ARG A 244 5.99 25.78 -1.66
N ALA A 245 5.33 26.14 -2.76
CA ALA A 245 5.87 25.85 -4.08
C ALA A 245 7.18 26.60 -4.33
N ILE A 246 7.22 27.88 -3.98
CA ILE A 246 8.42 28.68 -4.23
C ILE A 246 9.57 28.20 -3.34
N ARG A 247 9.28 27.97 -2.06
CA ARG A 247 10.31 27.51 -1.15
C ARG A 247 10.84 26.14 -1.59
N ASN A 248 9.96 25.29 -2.11
CA ASN A 248 10.42 24.01 -2.65
C ASN A 248 11.26 24.19 -3.90
N ILE A 249 10.93 25.19 -4.73
CA ILE A 249 11.77 25.51 -5.88
C ILE A 249 13.19 25.79 -5.42
N GLU A 250 13.31 26.60 -4.36
CA GLU A 250 14.66 26.88 -3.84
C GLU A 250 15.29 25.64 -3.21
N MET A 251 14.50 24.84 -2.49
CA MET A 251 15.06 23.70 -1.78
C MET A 251 15.60 22.64 -2.73
N THR A 252 14.88 22.34 -3.81
CA THR A 252 15.27 21.28 -4.71
C THR A 252 15.87 21.79 -6.01
N GLN A 253 15.97 23.11 -6.19
CA GLN A 253 16.58 23.71 -7.37
C GLN A 253 15.81 23.38 -8.65
N GLU A 254 14.69 22.67 -8.53
CA GLU A 254 13.85 22.39 -9.68
C GLU A 254 13.03 23.61 -10.04
N ASP A 255 12.67 23.71 -11.31
CA ASP A 255 11.97 24.87 -11.85
C ASP A 255 10.52 24.52 -12.10
N VAL A 256 9.61 25.32 -11.52
CA VAL A 256 8.18 25.21 -11.74
C VAL A 256 7.66 26.59 -12.11
N ARG A 257 6.89 26.67 -13.19
CA ARG A 257 6.37 27.94 -13.67
C ARG A 257 5.01 28.21 -13.06
N LEU A 258 4.83 29.39 -12.49
CA LEU A 258 3.58 29.80 -11.87
C LEU A 258 2.95 30.90 -12.70
N ILE A 259 1.68 30.71 -13.06
CA ILE A 259 0.91 31.69 -13.82
C ILE A 259 -0.19 32.21 -12.91
N GLY A 260 -0.21 33.51 -12.69
CA GLY A 260 -1.22 34.11 -11.84
C GLY A 260 -2.21 34.94 -12.63
N LEU A 261 -3.49 34.63 -12.51
CA LEU A 261 -4.55 35.37 -13.18
C LEU A 261 -5.34 36.11 -12.12
N SER A 262 -5.47 37.42 -12.28
CA SER A 262 -6.09 38.25 -11.26
C SER A 262 -6.93 39.34 -11.93
N ALA A 263 -7.80 39.93 -11.13
CA ALA A 263 -8.56 41.09 -11.58
C ALA A 263 -7.75 42.36 -11.34
N THR A 264 -8.16 43.43 -11.99
CA THR A 264 -7.46 44.70 -11.86
C THR A 264 -7.76 45.30 -10.49
N LEU A 265 -6.81 45.17 -9.57
CA LEU A 265 -6.94 45.69 -8.22
C LEU A 265 -5.58 46.22 -7.77
N PRO A 266 -5.57 47.16 -6.82
CA PRO A 266 -4.29 47.66 -6.32
C PRO A 266 -3.46 46.58 -5.66
N ASN A 267 -2.22 46.93 -5.34
CA ASN A 267 -1.25 46.00 -4.77
C ASN A 267 -1.00 44.81 -5.68
N TYR A 268 -1.10 45.01 -7.00
CA TYR A 268 -0.81 43.93 -7.91
C TYR A 268 0.68 43.69 -8.04
N GLU A 269 1.50 44.73 -7.91
CA GLU A 269 2.94 44.53 -7.94
C GLU A 269 3.42 43.78 -6.70
N ASP A 270 2.74 43.96 -5.57
CA ASP A 270 3.06 43.17 -4.40
C ASP A 270 2.74 41.69 -4.64
N VAL A 271 1.65 41.41 -5.34
CA VAL A 271 1.35 40.03 -5.70
C VAL A 271 2.40 39.48 -6.66
N ALA A 272 2.87 40.32 -7.59
CA ALA A 272 3.91 39.89 -8.51
C ALA A 272 5.19 39.54 -7.75
N THR A 273 5.56 40.37 -6.79
CA THR A 273 6.71 40.06 -5.94
C THR A 273 6.47 38.76 -5.18
N PHE A 274 5.26 38.58 -4.66
CA PHE A 274 4.93 37.36 -3.94
C PHE A 274 4.97 36.14 -4.85
N LEU A 275 4.63 36.30 -6.12
CA LEU A 275 4.63 35.21 -7.08
C LEU A 275 5.98 35.02 -7.75
N ARG A 276 7.00 35.77 -7.36
CA ARG A 276 8.32 35.71 -7.98
C ARG A 276 8.23 36.04 -9.48
N VAL A 277 7.55 37.14 -9.77
CA VAL A 277 7.33 37.58 -11.14
C VAL A 277 8.17 38.82 -11.40
N ASP A 278 8.91 38.81 -12.48
CA ASP A 278 9.73 39.96 -12.85
C ASP A 278 8.82 41.07 -13.35
N PRO A 279 8.81 42.24 -12.72
CA PRO A 279 7.93 43.32 -13.20
C PRO A 279 8.24 43.78 -14.60
N ALA A 280 9.52 43.73 -15.01
CA ALA A 280 9.90 44.22 -16.32
C ALA A 280 9.36 43.32 -17.44
N LYS A 281 9.30 42.02 -17.21
CA LYS A 281 8.95 41.06 -18.25
C LYS A 281 7.63 40.35 -18.01
N GLY A 282 7.44 39.76 -16.85
CA GLY A 282 6.31 38.90 -16.60
C GLY A 282 5.07 39.56 -16.00
N LEU A 283 5.04 40.88 -15.86
CA LEU A 283 3.92 41.56 -15.25
C LEU A 283 3.11 42.27 -16.33
N PHE A 284 1.83 41.93 -16.44
CA PHE A 284 0.92 42.56 -17.38
C PHE A 284 -0.32 43.01 -16.62
N TYR A 285 -0.65 44.28 -16.73
CA TYR A 285 -1.78 44.86 -16.01
C TYR A 285 -2.61 45.70 -16.97
N PHE A 286 -3.90 45.43 -17.02
CA PHE A 286 -4.82 46.16 -17.89
C PHE A 286 -5.99 46.67 -17.05
N ASP A 287 -6.38 47.92 -17.29
CA ASP A 287 -7.44 48.54 -16.52
C ASP A 287 -8.81 48.18 -17.10
N ASN A 288 -9.86 48.84 -16.63
CA ASN A 288 -11.20 48.53 -17.10
C ASN A 288 -11.41 48.96 -18.55
N SER A 289 -10.56 49.82 -19.09
CA SER A 289 -10.68 50.23 -20.48
C SER A 289 -10.42 49.08 -21.43
N PHE A 290 -9.81 48.00 -20.97
CA PHE A 290 -9.50 46.86 -21.80
C PHE A 290 -10.58 45.78 -21.75
N ARG A 291 -11.68 46.05 -21.08
CA ARG A 291 -12.78 45.09 -21.05
C ARG A 291 -13.33 44.93 -22.46
N PRO A 292 -13.60 43.69 -22.90
CA PRO A 292 -14.07 43.49 -24.28
C PRO A 292 -15.34 44.24 -24.61
N VAL A 293 -16.25 44.38 -23.65
CA VAL A 293 -17.50 45.11 -23.84
C VAL A 293 -17.55 46.22 -22.80
N PRO A 294 -17.74 47.48 -23.20
CA PRO A 294 -17.88 48.55 -22.21
C PRO A 294 -19.06 48.28 -21.29
N LEU A 295 -18.88 48.60 -20.00
CA LEU A 295 -19.86 48.26 -18.97
C LEU A 295 -20.26 49.53 -18.25
N GLU A 296 -21.56 49.84 -18.29
CA GLU A 296 -22.09 51.05 -17.66
C GLU A 296 -22.68 50.71 -16.30
N GLN A 297 -21.79 50.40 -15.36
CA GLN A 297 -22.23 49.96 -14.04
C GLN A 297 -23.02 51.05 -13.33
N THR A 298 -24.06 50.64 -12.62
CA THR A 298 -24.91 51.53 -11.85
C THR A 298 -25.11 50.96 -10.46
N TYR A 299 -24.96 51.81 -9.45
CA TYR A 299 -25.10 51.40 -8.06
C TYR A 299 -26.32 52.07 -7.45
N VAL A 300 -26.92 51.39 -6.47
CA VAL A 300 -28.02 51.96 -5.71
C VAL A 300 -27.83 51.56 -4.25
N GLY A 301 -27.95 52.54 -3.36
CA GLY A 301 -27.74 52.30 -1.95
C GLY A 301 -28.92 52.72 -1.10
N ILE A 302 -29.55 51.77 -0.43
CA ILE A 302 -30.78 52.01 0.31
C ILE A 302 -30.44 52.49 1.71
N THR A 303 -31.01 53.62 2.11
CA THR A 303 -30.81 54.19 3.43
C THR A 303 -31.86 53.74 4.44
N GLU A 304 -32.86 52.97 4.00
CA GLU A 304 -33.91 52.53 4.90
C GLU A 304 -33.36 51.66 6.02
N LYS A 305 -33.84 51.88 7.24
CA LYS A 305 -33.32 51.18 8.40
C LYS A 305 -34.11 49.90 8.70
N LYS A 306 -35.42 50.03 8.89
CA LYS A 306 -36.23 48.87 9.25
C LYS A 306 -36.27 47.88 8.09
N ALA A 307 -36.20 46.60 8.44
CA ALA A 307 -35.98 45.56 7.44
C ALA A 307 -37.16 45.42 6.49
N ILE A 308 -38.39 45.52 7.00
CA ILE A 308 -39.55 45.23 6.17
C ILE A 308 -39.68 46.26 5.04
N LYS A 309 -39.50 47.54 5.36
CA LYS A 309 -39.57 48.56 4.31
C LYS A 309 -38.41 48.44 3.35
N ARG A 310 -37.20 48.19 3.88
CA ARG A 310 -36.03 48.07 3.01
C ARG A 310 -36.19 46.94 2.01
N PHE A 311 -36.73 45.81 2.46
CA PHE A 311 -37.01 44.73 1.53
C PHE A 311 -38.16 45.08 0.59
N GLN A 312 -39.13 45.85 1.08
CA GLN A 312 -40.24 46.26 0.22
C GLN A 312 -39.76 47.19 -0.89
N ILE A 313 -38.78 48.05 -0.58
CA ILE A 313 -38.29 48.99 -1.59
C ILE A 313 -37.65 48.25 -2.75
N MET A 314 -36.88 47.19 -2.46
CA MET A 314 -36.09 46.53 -3.49
C MET A 314 -36.96 45.95 -4.60
N ASN A 315 -38.17 45.51 -4.29
CA ASN A 315 -39.02 44.92 -5.31
C ASN A 315 -39.29 45.92 -6.43
N GLU A 316 -39.76 47.11 -6.07
CA GLU A 316 -40.02 48.11 -7.10
C GLU A 316 -38.75 48.67 -7.68
N ILE A 317 -37.63 48.58 -6.98
CA ILE A 317 -36.35 48.99 -7.57
C ILE A 317 -35.99 48.07 -8.73
N VAL A 318 -36.05 46.76 -8.49
CA VAL A 318 -35.78 45.80 -9.56
C VAL A 318 -36.80 45.98 -10.68
N TYR A 319 -38.06 46.20 -10.32
CA TYR A 319 -39.09 46.38 -11.34
C TYR A 319 -38.80 47.59 -12.22
N GLU A 320 -38.51 48.73 -11.59
CA GLU A 320 -38.22 49.95 -12.35
C GLU A 320 -37.00 49.77 -13.23
N LYS A 321 -35.96 49.14 -12.70
CA LYS A 321 -34.78 48.87 -13.52
C LYS A 321 -35.11 47.89 -14.65
N ILE A 322 -35.96 46.91 -14.37
CA ILE A 322 -36.36 45.95 -15.40
C ILE A 322 -37.08 46.64 -16.54
N MET A 323 -37.98 47.57 -16.21
CA MET A 323 -38.83 48.18 -17.22
C MET A 323 -38.04 48.96 -18.27
N GLU A 324 -36.85 49.45 -17.91
CA GLU A 324 -36.03 50.16 -18.89
C GLU A 324 -35.65 49.24 -20.04
N HIS A 325 -35.24 48.02 -19.73
CA HIS A 325 -34.80 47.06 -20.73
C HIS A 325 -35.88 46.04 -21.06
N ALA A 326 -37.14 46.41 -20.88
CA ALA A 326 -38.23 45.43 -20.94
C ALA A 326 -38.34 44.79 -22.32
N GLY A 327 -38.27 45.60 -23.37
CA GLY A 327 -38.52 45.09 -24.69
C GLY A 327 -37.30 44.90 -25.56
N LYS A 328 -36.13 45.33 -25.10
CA LYS A 328 -34.96 45.37 -25.96
C LYS A 328 -33.74 44.63 -25.44
N ASN A 329 -33.70 44.26 -24.16
CA ASN A 329 -32.49 43.66 -23.62
C ASN A 329 -32.82 42.50 -22.69
N GLN A 330 -32.12 41.39 -22.86
CA GLN A 330 -32.24 40.25 -21.95
C GLN A 330 -31.65 40.62 -20.60
N VAL A 331 -32.47 40.71 -19.58
CA VAL A 331 -32.01 41.04 -18.24
C VAL A 331 -31.82 39.75 -17.46
N LEU A 332 -30.73 39.69 -16.70
CA LEU A 332 -30.43 38.55 -15.83
C LEU A 332 -30.34 39.07 -14.41
N VAL A 333 -31.08 38.45 -13.50
CA VAL A 333 -31.16 38.89 -12.12
C VAL A 333 -30.58 37.80 -11.23
N PHE A 334 -29.79 38.20 -10.24
CA PHE A 334 -29.19 37.28 -9.29
C PHE A 334 -29.82 37.45 -7.92
N VAL A 335 -30.04 36.34 -7.23
CA VAL A 335 -30.58 36.35 -5.88
C VAL A 335 -29.68 35.50 -4.99
N HIS A 336 -29.79 35.73 -3.68
CA HIS A 336 -28.82 35.14 -2.77
C HIS A 336 -29.08 33.66 -2.55
N SER A 337 -30.35 33.25 -2.46
CA SER A 337 -30.69 31.90 -2.06
C SER A 337 -31.46 31.17 -3.14
N ARG A 338 -31.46 29.85 -3.03
CA ARG A 338 -32.09 29.00 -4.05
C ARG A 338 -33.60 29.18 -4.08
N LYS A 339 -34.22 29.33 -2.91
CA LYS A 339 -35.67 29.52 -2.88
C LYS A 339 -36.07 30.91 -3.32
N GLU A 340 -35.21 31.90 -3.09
CA GLU A 340 -35.54 33.27 -3.42
C GLU A 340 -35.73 33.48 -4.92
N THR A 341 -35.19 32.59 -5.75
CA THR A 341 -35.28 32.76 -7.19
C THR A 341 -36.74 32.77 -7.65
N GLY A 342 -37.48 31.72 -7.31
CA GLY A 342 -38.87 31.65 -7.72
C GLY A 342 -39.71 32.73 -7.07
N LYS A 343 -39.42 33.06 -5.81
CA LYS A 343 -40.17 34.09 -5.13
C LYS A 343 -39.98 35.44 -5.82
N THR A 344 -38.75 35.77 -6.19
CA THR A 344 -38.49 37.02 -6.89
C THR A 344 -39.15 37.03 -8.26
N ALA A 345 -39.09 35.90 -8.97
CA ALA A 345 -39.72 35.85 -10.29
C ALA A 345 -41.22 36.06 -10.18
N ARG A 346 -41.87 35.38 -9.24
CA ARG A 346 -43.30 35.55 -9.06
C ARG A 346 -43.64 36.97 -8.63
N ALA A 347 -42.83 37.55 -7.75
CA ALA A 347 -43.10 38.91 -7.30
C ALA A 347 -42.99 39.90 -8.46
N ILE A 348 -41.96 39.77 -9.29
CA ILE A 348 -41.80 40.72 -10.40
C ILE A 348 -42.88 40.51 -11.44
N ARG A 349 -43.26 39.25 -11.70
CA ARG A 349 -44.33 38.98 -12.64
C ARG A 349 -45.64 39.58 -12.16
N ASP A 350 -45.96 39.39 -10.88
CA ASP A 350 -47.19 39.94 -10.33
C ASP A 350 -47.16 41.46 -10.35
N MET A 351 -46.02 42.06 -10.01
CA MET A 351 -45.92 43.51 -10.00
C MET A 351 -46.12 44.09 -11.40
N CYS A 352 -45.53 43.46 -12.42
CA CYS A 352 -45.69 43.98 -13.77
C CYS A 352 -47.09 43.71 -14.31
N LEU A 353 -47.71 42.60 -13.92
CA LEU A 353 -49.02 42.26 -14.45
C LEU A 353 -50.13 43.09 -13.81
N GLU A 354 -50.08 43.30 -12.50
CA GLU A 354 -51.21 43.89 -11.80
C GLU A 354 -51.41 45.35 -12.19
N LYS A 355 -50.32 46.08 -12.39
CA LYS A 355 -50.37 47.50 -12.70
C LYS A 355 -50.18 47.68 -14.20
N ASP A 356 -51.22 48.16 -14.88
CA ASP A 356 -51.16 48.61 -16.27
C ASP A 356 -50.75 47.50 -17.23
N THR A 357 -50.53 46.29 -16.72
CA THR A 357 -50.16 45.12 -17.53
C THR A 357 -48.97 45.43 -18.43
N LEU A 358 -47.84 45.72 -17.77
CA LEU A 358 -46.59 45.95 -18.52
C LEU A 358 -46.09 44.68 -19.17
N GLY A 359 -46.56 43.51 -18.75
CA GLY A 359 -46.12 42.26 -19.32
C GLY A 359 -46.39 42.12 -20.80
N LEU A 360 -47.35 42.89 -21.32
CA LEU A 360 -47.67 42.87 -22.75
C LEU A 360 -46.41 43.02 -23.60
N PHE A 361 -45.70 44.14 -23.42
CA PHE A 361 -44.46 44.34 -24.13
C PHE A 361 -43.26 43.79 -23.39
N LEU A 362 -43.36 43.63 -22.06
CA LEU A 362 -42.28 42.98 -21.33
C LEU A 362 -41.99 41.60 -21.88
N ARG A 363 -43.00 40.93 -22.42
CA ARG A 363 -42.80 39.70 -23.17
C ARG A 363 -42.68 39.97 -24.66
N GLU A 364 -43.53 40.83 -25.20
CA GLU A 364 -43.54 41.18 -26.63
C GLU A 364 -43.67 39.93 -27.50
N GLY A 365 -44.83 39.28 -27.35
CA GLY A 365 -45.15 38.19 -28.24
C GLY A 365 -45.23 38.62 -29.69
N SER A 366 -45.68 39.85 -29.92
CA SER A 366 -45.86 40.40 -31.27
C SER A 366 -46.63 39.42 -32.16
N ALA A 367 -47.83 39.07 -31.68
CA ALA A 367 -48.67 38.06 -32.33
C ALA A 367 -47.93 36.73 -32.47
N SER A 368 -47.29 36.31 -31.38
CA SER A 368 -46.58 35.04 -31.30
C SER A 368 -45.49 34.93 -32.36
N THR A 369 -44.77 36.02 -32.58
CA THR A 369 -43.58 35.96 -33.42
C THR A 369 -42.53 35.07 -32.80
N GLU A 370 -42.37 35.16 -31.49
CA GLU A 370 -41.36 34.39 -30.75
C GLU A 370 -41.96 33.49 -29.67
N VAL A 371 -43.12 33.84 -29.14
CA VAL A 371 -43.71 33.13 -28.00
C VAL A 371 -44.02 31.67 -28.34
N LEU A 372 -44.18 31.34 -29.62
CA LEU A 372 -44.57 29.99 -29.99
C LEU A 372 -43.64 28.94 -29.41
N ARG A 373 -42.33 29.23 -29.37
CA ARG A 373 -41.38 28.25 -28.83
C ARG A 373 -41.62 28.01 -27.35
N THR A 374 -41.88 29.07 -26.58
CA THR A 374 -42.14 28.87 -25.15
C THR A 374 -43.49 28.21 -24.92
N GLU A 375 -44.49 28.54 -25.75
CA GLU A 375 -45.77 27.87 -25.65
C GLU A 375 -45.63 26.38 -25.96
N ALA A 376 -44.68 26.02 -26.82
CA ALA A 376 -44.39 24.61 -27.05
C ALA A 376 -43.63 23.99 -25.88
N GLU A 377 -42.74 24.77 -25.27
CA GLU A 377 -41.89 24.28 -24.19
C GLU A 377 -42.53 24.41 -22.81
N GLN A 378 -43.80 24.80 -22.75
CA GLN A 378 -44.49 24.85 -21.46
C GLN A 378 -44.63 23.46 -20.83
N CYS A 379 -44.41 22.39 -21.59
CA CYS A 379 -44.67 21.04 -21.12
C CYS A 379 -43.59 20.59 -20.13
N LYS A 380 -43.49 21.31 -19.02
CA LYS A 380 -42.61 20.97 -17.91
C LYS A 380 -43.46 20.57 -16.71
N ASN A 381 -42.80 20.24 -15.61
CA ASN A 381 -43.48 19.83 -14.40
C ASN A 381 -42.90 20.54 -13.17
N LEU A 382 -42.60 21.84 -13.33
CA LEU A 382 -42.11 22.63 -12.21
C LEU A 382 -42.83 23.96 -12.15
N GLU A 383 -42.39 24.86 -11.26
CA GLU A 383 -42.90 26.22 -11.27
C GLU A 383 -42.43 27.00 -12.50
N LEU A 384 -41.44 26.49 -13.22
CA LEU A 384 -41.06 27.08 -14.49
C LEU A 384 -42.19 27.00 -15.51
N LYS A 385 -43.15 26.09 -15.31
CA LYS A 385 -44.29 26.00 -16.20
C LYS A 385 -45.12 27.27 -16.17
N ASP A 386 -45.23 27.90 -15.01
CA ASP A 386 -46.00 29.14 -14.89
C ASP A 386 -45.28 30.31 -15.55
N LEU A 387 -43.98 30.44 -15.29
CA LEU A 387 -43.26 31.64 -15.69
C LEU A 387 -42.93 31.66 -17.18
N LEU A 388 -42.62 30.50 -17.76
CA LEU A 388 -42.11 30.47 -19.13
C LEU A 388 -43.03 31.13 -20.16
N PRO A 389 -44.35 30.92 -20.16
CA PRO A 389 -45.18 31.60 -21.17
C PRO A 389 -45.07 33.11 -21.11
N TYR A 390 -44.89 33.69 -19.93
CA TYR A 390 -44.76 35.13 -19.80
C TYR A 390 -43.36 35.63 -20.14
N GLY A 391 -42.41 34.74 -20.38
CA GLY A 391 -41.05 35.12 -20.68
C GLY A 391 -40.10 35.04 -19.51
N PHE A 392 -40.62 35.01 -18.29
CA PHE A 392 -39.79 34.86 -17.11
C PHE A 392 -39.27 33.43 -17.01
N ALA A 393 -38.18 33.27 -16.28
CA ALA A 393 -37.62 31.95 -16.02
C ALA A 393 -36.80 32.00 -14.74
N ILE A 394 -36.55 30.83 -14.16
CA ILE A 394 -35.71 30.70 -12.99
C ILE A 394 -34.68 29.60 -13.26
N HIS A 395 -33.43 29.88 -12.94
CA HIS A 395 -32.36 28.90 -13.04
C HIS A 395 -31.66 28.84 -11.69
N HIS A 396 -31.69 27.68 -11.07
CA HIS A 396 -30.98 27.52 -9.82
C HIS A 396 -30.52 26.08 -9.69
N ALA A 397 -29.52 25.86 -8.84
CA ALA A 397 -29.08 24.51 -8.55
C ALA A 397 -30.24 23.70 -8.00
N GLY A 398 -30.27 22.43 -8.32
CA GLY A 398 -31.45 21.63 -8.12
C GLY A 398 -32.28 21.56 -9.39
N MET A 399 -33.55 21.94 -9.29
CA MET A 399 -34.49 21.87 -10.42
C MET A 399 -34.36 20.45 -11.00
N THR A 400 -34.12 20.30 -12.30
CA THR A 400 -33.65 19.06 -12.88
C THR A 400 -32.45 19.40 -13.75
N ARG A 401 -31.65 18.38 -14.06
CA ARG A 401 -30.54 18.60 -14.99
C ARG A 401 -31.06 19.04 -16.35
N VAL A 402 -32.17 18.43 -16.81
CA VAL A 402 -32.73 18.78 -18.11
C VAL A 402 -33.32 20.19 -18.07
N ASP A 403 -33.93 20.58 -16.95
CA ASP A 403 -34.52 21.91 -16.87
C ASP A 403 -33.46 22.99 -16.99
N ARG A 404 -32.32 22.80 -16.35
CA ARG A 404 -31.28 23.82 -16.39
C ARG A 404 -30.72 23.99 -17.80
N THR A 405 -30.43 22.90 -18.49
CA THR A 405 -29.93 23.03 -19.86
C THR A 405 -31.01 23.56 -20.79
N LEU A 406 -32.27 23.20 -20.55
CA LEU A 406 -33.36 23.75 -21.34
C LEU A 406 -33.42 25.27 -21.20
N VAL A 407 -33.37 25.76 -19.97
CA VAL A 407 -33.48 27.20 -19.75
C VAL A 407 -32.24 27.91 -20.27
N GLU A 408 -31.07 27.29 -20.15
CA GLU A 408 -29.85 27.87 -20.72
C GLU A 408 -29.99 28.04 -22.22
N ASP A 409 -30.38 26.97 -22.92
CA ASP A 409 -30.47 27.01 -24.37
C ASP A 409 -31.56 27.97 -24.82
N LEU A 410 -32.68 28.01 -24.10
CA LEU A 410 -33.75 28.93 -24.46
C LEU A 410 -33.35 30.37 -24.24
N PHE A 411 -32.50 30.63 -23.24
CA PHE A 411 -32.01 31.98 -23.02
C PHE A 411 -30.96 32.39 -24.03
N ALA A 412 -30.14 31.43 -24.48
CA ALA A 412 -29.10 31.73 -25.46
C ALA A 412 -29.67 32.14 -26.80
N ASP A 413 -30.92 31.78 -27.09
CA ASP A 413 -31.57 32.13 -28.34
C ASP A 413 -32.45 33.36 -28.21
N LYS A 414 -32.25 34.15 -27.15
CA LYS A 414 -32.97 35.40 -26.94
C LYS A 414 -34.48 35.18 -26.87
N HIS A 415 -34.88 34.26 -26.01
CA HIS A 415 -36.28 33.99 -25.75
C HIS A 415 -36.72 34.45 -24.37
N ILE A 416 -36.02 34.01 -23.32
CA ILE A 416 -36.34 34.40 -21.96
C ILE A 416 -35.92 35.85 -21.77
N GLN A 417 -36.91 36.75 -21.70
CA GLN A 417 -36.59 38.16 -21.55
C GLN A 417 -35.94 38.45 -20.20
N VAL A 418 -36.47 37.86 -19.13
CA VAL A 418 -35.98 38.09 -17.78
C VAL A 418 -35.68 36.74 -17.14
N LEU A 419 -34.46 36.56 -16.66
CA LEU A 419 -34.05 35.31 -16.03
C LEU A 419 -33.43 35.62 -14.68
N VAL A 420 -34.14 35.29 -13.62
CA VAL A 420 -33.63 35.42 -12.27
C VAL A 420 -32.96 34.11 -11.88
N SER A 421 -31.82 34.20 -11.21
CA SER A 421 -31.02 33.01 -10.94
C SER A 421 -30.22 33.21 -9.67
N THR A 422 -29.43 32.20 -9.32
CA THR A 422 -28.55 32.25 -8.17
C THR A 422 -27.11 32.49 -8.62
N ALA A 423 -26.20 32.51 -7.65
CA ALA A 423 -24.81 32.82 -7.95
C ALA A 423 -24.11 31.72 -8.71
N THR A 424 -24.65 30.50 -8.71
CA THR A 424 -23.99 29.40 -9.41
C THR A 424 -24.08 29.52 -10.91
N LEU A 425 -25.01 30.32 -11.43
CA LEU A 425 -25.11 30.50 -12.87
C LEU A 425 -23.87 31.18 -13.43
N ALA A 426 -23.37 32.20 -12.72
CA ALA A 426 -22.19 32.92 -13.19
C ALA A 426 -20.95 32.03 -13.19
N TRP A 427 -20.79 31.21 -12.16
CA TRP A 427 -19.61 30.37 -12.07
C TRP A 427 -19.69 29.17 -13.00
N GLY A 428 -20.88 28.61 -13.17
CA GLY A 428 -21.02 27.35 -13.87
C GLY A 428 -20.92 27.42 -15.38
N VAL A 429 -21.84 28.14 -16.01
CA VAL A 429 -21.95 28.15 -17.45
C VAL A 429 -21.75 29.58 -17.96
N ASN A 430 -21.06 29.71 -19.09
CA ASN A 430 -20.83 31.00 -19.74
C ASN A 430 -22.12 31.39 -20.44
N LEU A 431 -22.95 32.17 -19.74
CA LEU A 431 -24.23 32.64 -20.26
C LEU A 431 -24.32 34.15 -20.06
N PRO A 432 -23.69 34.92 -20.94
CA PRO A 432 -23.73 36.37 -20.80
C PRO A 432 -25.10 36.94 -21.10
N ALA A 433 -25.39 38.10 -20.50
CA ALA A 433 -26.62 38.81 -20.75
C ALA A 433 -26.31 40.29 -20.93
N HIS A 434 -27.20 41.00 -21.61
CA HIS A 434 -26.96 42.42 -21.86
C HIS A 434 -26.90 43.20 -20.55
N THR A 435 -27.82 42.94 -19.63
CA THR A 435 -27.83 43.59 -18.33
C THR A 435 -27.95 42.54 -17.24
N VAL A 436 -27.21 42.75 -16.14
CA VAL A 436 -27.32 41.92 -14.97
C VAL A 436 -27.67 42.81 -13.78
N ILE A 437 -28.58 42.34 -12.94
CA ILE A 437 -28.99 43.05 -11.75
C ILE A 437 -28.67 42.18 -10.55
N ILE A 438 -27.80 42.68 -9.69
CA ILE A 438 -27.46 41.98 -8.44
C ILE A 438 -28.42 42.46 -7.38
N LYS A 439 -29.24 41.54 -6.88
CA LYS A 439 -30.27 41.87 -5.90
C LYS A 439 -29.83 41.42 -4.52
N GLY A 440 -29.84 42.33 -3.57
CA GLY A 440 -29.55 41.99 -2.20
C GLY A 440 -28.11 42.19 -1.76
N THR A 441 -27.19 41.44 -2.35
CA THR A 441 -25.79 41.40 -1.93
C THR A 441 -25.63 41.03 -0.46
N GLN A 442 -26.63 40.39 0.12
CA GLN A 442 -26.61 39.99 1.53
C GLN A 442 -26.88 38.50 1.58
N VAL A 443 -25.88 37.72 2.00
CA VAL A 443 -25.99 36.27 2.01
C VAL A 443 -25.78 35.77 3.44
N TYR A 444 -26.37 34.61 3.73
CA TYR A 444 -26.19 33.99 5.03
C TYR A 444 -24.94 33.14 5.04
N SER A 445 -24.07 33.36 6.01
CA SER A 445 -22.82 32.62 6.12
C SER A 445 -22.90 31.69 7.31
N PRO A 446 -23.05 30.38 7.11
CA PRO A 446 -23.08 29.46 8.26
C PRO A 446 -21.81 29.48 9.09
N GLU A 447 -20.65 29.67 8.46
CA GLU A 447 -19.40 29.75 9.21
C GLU A 447 -19.42 30.94 10.15
N LYS A 448 -19.86 32.09 9.66
CA LYS A 448 -19.98 33.27 10.50
C LYS A 448 -21.19 33.19 11.43
N GLY A 449 -22.18 32.39 11.09
CA GLY A 449 -23.37 32.29 11.90
C GLY A 449 -24.33 33.45 11.79
N ARG A 450 -24.17 34.31 10.79
CA ARG A 450 -25.01 35.48 10.64
C ARG A 450 -25.12 35.84 9.17
N TRP A 451 -25.80 36.94 8.88
CA TRP A 451 -25.91 37.45 7.53
C TRP A 451 -24.72 38.36 7.25
N THR A 452 -23.99 38.06 6.19
CA THR A 452 -22.81 38.84 5.82
C THR A 452 -22.91 39.23 4.35
N GLU A 453 -22.18 40.27 3.98
CA GLU A 453 -22.10 40.66 2.58
C GLU A 453 -21.33 39.62 1.80
N LEU A 454 -21.73 39.38 0.55
CA LEU A 454 -21.13 38.31 -0.20
C LEU A 454 -19.74 38.72 -0.71
N GLY A 455 -18.96 37.72 -1.10
CA GLY A 455 -17.55 37.95 -1.36
C GLY A 455 -17.29 38.81 -2.57
N ALA A 456 -16.11 39.42 -2.58
CA ALA A 456 -15.70 40.24 -3.71
C ALA A 456 -15.55 39.41 -4.97
N LEU A 457 -15.01 38.20 -4.83
CA LEU A 457 -14.80 37.33 -5.98
C LEU A 457 -16.13 37.00 -6.66
N ASP A 458 -17.16 36.70 -5.86
CA ASP A 458 -18.47 36.41 -6.43
C ASP A 458 -19.05 37.63 -7.14
N ILE A 459 -18.89 38.82 -6.55
CA ILE A 459 -19.40 40.03 -7.20
C ILE A 459 -18.72 40.23 -8.55
N LEU A 460 -17.40 40.07 -8.59
CA LEU A 460 -16.68 40.27 -9.84
C LEU A 460 -17.13 39.26 -10.89
N GLN A 461 -17.25 37.99 -10.50
CA GLN A 461 -17.68 36.99 -11.47
C GLN A 461 -19.10 37.23 -11.96
N MET A 462 -19.99 37.65 -11.06
CA MET A 462 -21.39 37.86 -11.43
C MET A 462 -21.56 39.08 -12.31
N LEU A 463 -20.76 40.13 -12.09
CA LEU A 463 -20.86 41.31 -12.94
C LEU A 463 -19.97 41.23 -14.17
N GLY A 464 -19.15 40.21 -14.30
CA GLY A 464 -18.43 40.03 -15.53
C GLY A 464 -19.24 39.43 -16.65
N ARG A 465 -20.48 39.05 -16.37
CA ARG A 465 -21.37 38.49 -17.38
C ARG A 465 -22.26 39.54 -18.03
N ALA A 466 -22.07 40.81 -17.72
CA ALA A 466 -22.87 41.86 -18.31
C ALA A 466 -22.34 42.21 -19.69
N GLY A 467 -23.19 42.06 -20.71
CA GLY A 467 -22.79 42.36 -22.06
C GLY A 467 -22.28 41.15 -22.82
N ARG A 468 -22.98 40.78 -23.89
CA ARG A 468 -22.52 39.68 -24.72
C ARG A 468 -21.38 40.17 -25.63
N PRO A 469 -20.32 39.38 -25.79
CA PRO A 469 -19.10 39.91 -26.44
C PRO A 469 -19.31 40.48 -27.84
N GLN A 470 -20.19 39.89 -28.65
CA GLN A 470 -20.34 40.34 -30.03
C GLN A 470 -21.70 40.91 -30.37
N TYR A 471 -22.75 40.59 -29.62
CA TYR A 471 -24.06 41.15 -29.90
C TYR A 471 -24.32 42.46 -29.17
N ASP A 472 -23.44 42.87 -28.27
CA ASP A 472 -23.67 44.03 -27.41
C ASP A 472 -22.63 45.10 -27.69
N THR A 473 -23.11 46.31 -27.96
CA THR A 473 -22.21 47.46 -27.99
C THR A 473 -21.67 47.77 -26.60
N LYS A 474 -22.56 47.82 -25.61
CA LYS A 474 -22.16 48.06 -24.23
C LYS A 474 -23.27 47.55 -23.32
N GLY A 475 -22.90 46.77 -22.32
CA GLY A 475 -23.89 46.22 -21.41
C GLY A 475 -23.73 46.71 -20.00
N GLU A 476 -24.79 47.27 -19.42
CA GLU A 476 -24.71 47.82 -18.08
C GLU A 476 -25.06 46.77 -17.03
N GLY A 477 -24.71 47.08 -15.79
CA GLY A 477 -25.00 46.21 -14.67
C GLY A 477 -25.40 46.99 -13.44
N ILE A 478 -26.49 46.58 -12.80
CA ILE A 478 -27.05 47.28 -11.65
C ILE A 478 -26.79 46.45 -10.41
N LEU A 479 -26.18 47.07 -9.39
CA LEU A 479 -25.91 46.41 -8.13
C LEU A 479 -26.74 47.07 -7.04
N ILE A 480 -27.51 46.28 -6.31
CA ILE A 480 -28.42 46.77 -5.28
C ILE A 480 -27.88 46.35 -3.93
N THR A 481 -27.63 47.33 -3.07
CA THR A 481 -27.03 47.05 -1.76
C THR A 481 -27.42 48.16 -0.80
N SER A 482 -27.19 47.92 0.48
CA SER A 482 -27.45 48.93 1.49
C SER A 482 -26.51 50.11 1.32
N HIS A 483 -27.02 51.31 1.60
CA HIS A 483 -26.22 52.51 1.37
C HIS A 483 -24.98 52.56 2.24
N GLY A 484 -24.99 51.86 3.37
CA GLY A 484 -23.83 51.88 4.24
C GLY A 484 -22.65 51.12 3.71
N GLU A 485 -22.84 50.32 2.66
CA GLU A 485 -21.80 49.48 2.10
C GLU A 485 -21.55 49.82 0.63
N LEU A 486 -21.87 51.05 0.23
CA LEU A 486 -21.76 51.44 -1.17
C LEU A 486 -20.31 51.70 -1.57
N GLN A 487 -19.52 52.27 -0.66
CA GLN A 487 -18.14 52.63 -0.99
C GLN A 487 -17.29 51.39 -1.24
N TYR A 488 -17.56 50.30 -0.51
CA TYR A 488 -16.79 49.08 -0.72
C TYR A 488 -16.95 48.58 -2.15
N TYR A 489 -18.19 48.58 -2.65
CA TYR A 489 -18.40 48.08 -4.01
C TYR A 489 -17.94 49.08 -5.06
N LEU A 490 -18.04 50.38 -4.76
CA LEU A 490 -17.42 51.36 -5.65
C LEU A 490 -15.93 51.10 -5.79
N SER A 491 -15.26 50.80 -4.68
CA SER A 491 -13.83 50.51 -4.74
C SER A 491 -13.57 49.21 -5.47
N LEU A 492 -14.35 48.17 -5.18
CA LEU A 492 -14.10 46.86 -5.75
C LEU A 492 -14.26 46.87 -7.26
N LEU A 493 -15.30 47.52 -7.77
CA LEU A 493 -15.59 47.48 -9.19
C LEU A 493 -14.88 48.56 -9.98
N ASN A 494 -14.08 49.39 -9.34
CA ASN A 494 -13.32 50.43 -10.02
C ASN A 494 -11.86 50.35 -9.67
N GLN A 495 -11.34 49.14 -9.55
CA GLN A 495 -9.91 48.84 -9.41
C GLN A 495 -9.25 49.71 -8.35
N GLN A 496 -9.89 49.83 -7.19
CA GLN A 496 -9.34 50.63 -6.10
C GLN A 496 -9.44 49.92 -4.76
N LEU A 497 -9.62 48.61 -4.74
CA LEU A 497 -9.68 47.85 -3.50
C LEU A 497 -8.42 47.03 -3.32
N PRO A 498 -7.52 47.41 -2.41
CA PRO A 498 -6.25 46.71 -2.29
C PRO A 498 -6.43 45.26 -1.87
N ILE A 499 -5.50 44.42 -2.33
CA ILE A 499 -5.49 43.00 -1.99
C ILE A 499 -4.59 42.84 -0.78
N GLU A 500 -5.19 42.61 0.39
CA GLU A 500 -4.44 42.45 1.62
C GLU A 500 -4.37 40.98 2.02
N SER A 501 -3.47 40.68 2.93
CA SER A 501 -3.25 39.31 3.36
C SER A 501 -4.07 39.00 4.60
N GLN A 502 -4.56 37.76 4.68
CA GLN A 502 -5.34 37.28 5.81
C GLN A 502 -4.62 36.17 6.56
N MET A 503 -3.31 36.04 6.36
CA MET A 503 -2.56 34.90 6.87
C MET A 503 -2.50 34.86 8.38
N VAL A 504 -2.66 35.99 9.06
CA VAL A 504 -2.47 36.04 10.50
C VAL A 504 -3.47 35.14 11.21
N SER A 505 -4.73 35.14 10.75
CA SER A 505 -5.77 34.37 11.40
C SER A 505 -5.47 32.88 11.36
N LYS A 506 -5.04 32.37 10.21
CA LYS A 506 -4.80 30.95 10.01
C LYS A 506 -3.34 30.58 10.14
N LEU A 507 -2.51 31.46 10.71
CA LEU A 507 -1.08 31.19 10.80
C LEU A 507 -0.76 29.94 11.59
N PRO A 508 -1.30 29.70 12.78
CA PRO A 508 -0.92 28.46 13.50
C PRO A 508 -1.22 27.19 12.74
N ASP A 509 -2.35 27.12 12.04
CA ASP A 509 -2.71 25.90 11.33
C ASP A 509 -1.77 25.64 10.16
N MET A 510 -1.46 26.68 9.39
CA MET A 510 -0.53 26.51 8.28
C MET A 510 0.87 26.19 8.78
N LEU A 511 1.28 26.80 9.88
CA LEU A 511 2.59 26.48 10.46
C LEU A 511 2.63 25.02 10.90
N ASN A 512 1.55 24.53 11.52
CA ASN A 512 1.47 23.12 11.89
C ASN A 512 1.55 22.23 10.67
N ALA A 513 0.88 22.63 9.59
CA ALA A 513 0.94 21.83 8.36
C ALA A 513 2.35 21.77 7.82
N GLU A 514 3.08 22.89 7.86
CA GLU A 514 4.46 22.90 7.40
C GLU A 514 5.34 22.02 8.29
N ILE A 515 5.11 22.06 9.60
CA ILE A 515 5.89 21.20 10.49
C ILE A 515 5.63 19.73 10.19
N VAL A 516 4.35 19.38 9.99
CA VAL A 516 4.01 17.99 9.73
C VAL A 516 4.61 17.53 8.40
N LEU A 517 4.57 18.40 7.39
CA LEU A 517 5.19 18.05 6.12
C LEU A 517 6.70 17.90 6.24
N GLY A 518 7.29 18.38 7.32
CA GLY A 518 8.74 18.34 7.48
C GLY A 518 9.47 19.48 6.84
N ASN A 519 8.77 20.44 6.25
CA ASN A 519 9.44 21.56 5.60
C ASN A 519 10.16 22.43 6.60
N VAL A 520 9.57 22.65 7.78
CA VAL A 520 10.18 23.48 8.82
C VAL A 520 10.47 22.62 10.02
N GLN A 521 11.70 22.71 10.53
CA GLN A 521 12.13 21.92 11.67
C GLN A 521 12.27 22.74 12.96
N ASN A 522 12.51 24.04 12.87
CA ASN A 522 12.69 24.87 14.05
C ASN A 522 12.21 26.28 13.72
N ALA A 523 12.47 27.21 14.64
CA ALA A 523 11.97 28.56 14.49
C ALA A 523 12.64 29.28 13.31
N LYS A 524 13.92 29.02 13.09
CA LYS A 524 14.61 29.63 11.96
C LYS A 524 13.99 29.21 10.63
N ASP A 525 13.69 27.91 10.50
CA ASP A 525 13.04 27.43 9.29
C ASP A 525 11.67 28.05 9.13
N ALA A 526 10.94 28.25 10.24
CA ALA A 526 9.62 28.85 10.14
C ALA A 526 9.71 30.31 9.72
N VAL A 527 10.71 31.04 10.20
CA VAL A 527 10.92 32.41 9.75
C VAL A 527 11.24 32.44 8.26
N ASN A 528 12.09 31.51 7.82
CA ASN A 528 12.39 31.43 6.39
C ASN A 528 11.14 31.13 5.58
N TRP A 529 10.28 30.24 6.09
CA TRP A 529 9.03 29.92 5.40
C TRP A 529 8.12 31.14 5.32
N LEU A 530 8.00 31.88 6.42
CA LEU A 530 7.22 33.11 6.39
C LEU A 530 7.80 34.14 5.43
N GLY A 531 9.10 34.05 5.15
CA GLY A 531 9.70 34.97 4.20
C GLY A 531 9.06 34.92 2.83
N TYR A 532 8.48 33.78 2.46
CA TYR A 532 7.86 33.63 1.15
C TYR A 532 6.37 33.94 1.15
N ALA A 533 5.77 34.21 2.31
CA ALA A 533 4.34 34.45 2.39
C ALA A 533 3.99 35.85 1.92
N TYR A 534 2.81 35.99 1.34
CA TYR A 534 2.32 37.29 0.91
C TYR A 534 2.17 38.25 2.08
N LEU A 535 1.94 37.70 3.28
CA LEU A 535 1.85 38.53 4.47
C LEU A 535 3.15 39.29 4.71
N TYR A 536 4.29 38.64 4.48
CA TYR A 536 5.57 39.31 4.69
C TYR A 536 5.75 40.49 3.75
N ILE A 537 5.41 40.30 2.47
CA ILE A 537 5.50 41.41 1.52
C ILE A 537 4.59 42.54 1.93
N ARG A 538 3.35 42.21 2.32
CA ARG A 538 2.41 43.25 2.72
C ARG A 538 2.91 44.00 3.95
N MET A 539 3.47 43.29 4.92
CA MET A 539 4.02 43.96 6.10
C MET A 539 5.17 44.86 5.74
N LEU A 540 6.01 44.43 4.79
CA LEU A 540 7.09 45.29 4.33
C LEU A 540 6.55 46.56 3.71
N ARG A 541 5.53 46.44 2.85
CA ARG A 541 5.05 47.61 2.12
C ARG A 541 4.22 48.54 3.01
N SER A 542 3.34 47.99 3.84
CA SER A 542 2.43 48.78 4.67
C SER A 542 2.53 48.33 6.11
N PRO A 543 3.61 48.69 6.80
CA PRO A 543 3.77 48.23 8.18
C PRO A 543 2.68 48.73 9.12
N THR A 544 2.20 49.95 8.90
CA THR A 544 1.23 50.52 9.83
C THR A 544 -0.13 49.84 9.76
N LEU A 545 -0.46 49.24 8.62
CA LEU A 545 -1.73 48.55 8.49
C LEU A 545 -1.73 47.22 9.24
N TYR A 546 -0.55 46.62 9.43
CA TYR A 546 -0.42 45.32 10.06
C TYR A 546 0.12 45.42 11.48
N GLY A 547 -0.10 46.56 12.13
CA GLY A 547 0.32 46.75 13.50
C GLY A 547 1.82 46.78 13.70
N ILE A 548 2.55 47.45 12.82
CA ILE A 548 3.99 47.61 12.94
C ILE A 548 4.29 49.10 12.87
N SER A 549 4.94 49.62 13.91
CA SER A 549 5.27 51.03 13.95
C SER A 549 6.38 51.35 12.96
N HIS A 550 6.43 52.61 12.53
CA HIS A 550 7.47 53.03 11.59
C HIS A 550 8.85 52.94 12.21
N ASP A 551 8.99 53.32 13.48
CA ASP A 551 10.27 53.17 14.15
C ASP A 551 10.62 51.69 14.31
N ASP A 552 9.62 50.85 14.56
CA ASP A 552 9.85 49.41 14.59
C ASP A 552 10.30 48.91 13.23
N LEU A 553 9.72 49.43 12.15
CA LEU A 553 10.18 49.08 10.81
C LEU A 553 11.63 49.49 10.60
N LYS A 554 12.00 50.67 11.09
CA LYS A 554 13.39 51.12 10.98
C LYS A 554 14.32 50.26 11.82
N GLY A 555 13.82 49.69 12.92
CA GLY A 555 14.67 48.85 13.75
C GLY A 555 15.21 47.64 13.03
N ASP A 556 14.36 46.97 12.25
CA ASP A 556 14.80 45.84 11.46
C ASP A 556 14.20 45.92 10.06
N PRO A 557 15.01 46.28 9.06
CA PRO A 557 14.46 46.41 7.70
C PRO A 557 13.88 45.12 7.14
N LEU A 558 14.44 43.97 7.50
CA LEU A 558 13.98 42.70 6.96
C LEU A 558 12.89 42.05 7.79
N LEU A 559 12.46 42.69 8.88
CA LEU A 559 11.42 42.17 9.75
C LEU A 559 11.75 40.76 10.26
N ASP A 560 13.03 40.53 10.55
CA ASP A 560 13.41 39.26 11.17
C ASP A 560 12.78 39.12 12.54
N GLN A 561 12.79 40.20 13.33
CA GLN A 561 12.25 40.13 14.68
C GLN A 561 10.75 39.92 14.68
N ARG A 562 10.03 40.63 13.82
CA ARG A 562 8.57 40.47 13.78
C ARG A 562 8.18 39.08 13.29
N ARG A 563 8.87 38.57 12.27
CA ARG A 563 8.58 37.21 11.81
C ARG A 563 8.86 36.20 12.92
N LEU A 564 9.95 36.40 13.65
CA LEU A 564 10.26 35.49 14.75
C LEU A 564 9.23 35.57 15.85
N ASP A 565 8.72 36.77 16.15
CA ASP A 565 7.67 36.90 17.16
C ASP A 565 6.39 36.20 16.72
N LEU A 566 6.01 36.35 15.45
CA LEU A 566 4.82 35.68 14.95
C LEU A 566 4.98 34.17 15.03
N VAL A 567 6.14 33.68 14.62
CA VAL A 567 6.39 32.24 14.67
C VAL A 567 6.38 31.75 16.11
N HIS A 568 6.94 32.53 17.02
CA HIS A 568 6.95 32.13 18.42
C HIS A 568 5.53 32.04 18.98
N THR A 569 4.69 33.02 18.66
CA THR A 569 3.32 32.96 19.14
C THR A 569 2.58 31.77 18.55
N ALA A 570 2.76 31.50 17.25
CA ALA A 570 2.09 30.36 16.65
C ALA A 570 2.56 29.06 17.28
N ALA A 571 3.86 28.95 17.54
CA ALA A 571 4.40 27.75 18.16
C ALA A 571 3.86 27.57 19.58
N LEU A 572 3.75 28.66 20.34
CA LEU A 572 3.16 28.56 21.67
C LEU A 572 1.71 28.10 21.60
N MET A 573 0.95 28.65 20.66
CA MET A 573 -0.45 28.23 20.52
C MET A 573 -0.54 26.76 20.15
N LEU A 574 0.32 26.29 19.26
CA LEU A 574 0.29 24.88 18.88
C LEU A 574 0.71 23.99 20.05
N ASP A 575 1.72 24.41 20.81
CA ASP A 575 2.19 23.61 21.94
C ASP A 575 1.14 23.52 23.04
N LYS A 576 0.44 24.62 23.30
CA LYS A 576 -0.61 24.59 24.32
C LYS A 576 -1.68 23.57 23.98
N ASN A 577 -2.01 23.43 22.70
CA ASN A 577 -3.02 22.47 22.26
C ASN A 577 -2.43 21.11 21.90
N ASN A 578 -1.16 20.88 22.25
CA ASN A 578 -0.49 19.59 22.06
C ASN A 578 -0.34 19.21 20.59
N LEU A 579 -0.39 20.19 19.69
CA LEU A 579 -0.17 19.90 18.28
C LEU A 579 1.31 19.62 18.01
N VAL A 580 2.20 20.35 18.68
CA VAL A 580 3.64 20.22 18.44
C VAL A 580 4.35 20.33 19.78
N LYS A 581 5.49 19.65 19.89
CA LYS A 581 6.38 19.79 21.04
C LYS A 581 7.45 20.80 20.69
N TYR A 582 7.35 22.00 21.27
CA TYR A 582 8.25 23.10 20.94
C TYR A 582 8.89 23.62 22.21
N ASP A 583 10.21 23.59 22.27
CA ASP A 583 10.96 24.09 23.41
C ASP A 583 11.54 25.46 23.09
N LYS A 584 11.36 26.40 24.01
CA LYS A 584 11.77 27.77 23.76
C LYS A 584 13.28 27.89 23.60
N LYS A 585 14.04 26.99 24.21
CA LYS A 585 15.49 27.12 24.23
C LYS A 585 16.07 27.01 22.83
N THR A 586 15.92 25.85 22.19
CA THR A 586 16.48 25.65 20.87
C THR A 586 15.51 25.98 19.75
N GLY A 587 14.23 26.18 20.06
CA GLY A 587 13.27 26.49 19.03
C GLY A 587 12.87 25.33 18.16
N ASN A 588 13.23 24.10 18.52
CA ASN A 588 12.94 22.94 17.70
C ASN A 588 11.46 22.57 17.76
N PHE A 589 11.01 21.87 16.73
CA PHE A 589 9.64 21.42 16.61
C PHE A 589 9.61 19.90 16.50
N GLN A 590 8.67 19.27 17.20
CA GLN A 590 8.50 17.83 17.13
C GLN A 590 7.04 17.52 16.83
N VAL A 591 6.81 16.75 15.78
CA VAL A 591 5.45 16.45 15.33
C VAL A 591 4.83 15.43 16.25
N THR A 592 3.61 15.73 16.72
CA THR A 592 2.80 14.80 17.50
C THR A 592 1.74 14.19 16.60
N GLU A 593 1.20 13.05 17.04
CA GLU A 593 0.14 12.40 16.28
C GLU A 593 -1.05 13.32 16.08
N LEU A 594 -1.41 14.08 17.12
CA LEU A 594 -2.50 15.04 16.97
C LEU A 594 -2.17 16.07 15.90
N GLY A 595 -0.93 16.54 15.86
CA GLY A 595 -0.54 17.49 14.83
C GLY A 595 -0.64 16.90 13.44
N ARG A 596 -0.18 15.66 13.28
CA ARG A 596 -0.26 15.01 11.98
C ARG A 596 -1.71 14.85 11.54
N ILE A 597 -2.57 14.43 12.44
CA ILE A 597 -3.97 14.20 12.09
C ILE A 597 -4.67 15.53 11.79
N ALA A 598 -4.34 16.58 12.54
CA ALA A 598 -4.92 17.89 12.26
C ALA A 598 -4.48 18.40 10.90
N SER A 599 -3.20 18.22 10.57
CA SER A 599 -2.71 18.65 9.27
C SER A 599 -3.40 17.88 8.15
N HIS A 600 -3.53 16.56 8.30
CA HIS A 600 -4.08 15.75 7.23
C HIS A 600 -5.54 16.10 6.95
N TYR A 601 -6.32 16.37 8.00
CA TYR A 601 -7.74 16.58 7.84
C TYR A 601 -8.17 18.02 7.99
N TYR A 602 -7.22 18.95 8.09
CA TYR A 602 -7.50 20.37 7.97
C TYR A 602 -8.49 20.86 9.04
N ILE A 603 -8.14 20.58 10.30
CA ILE A 603 -8.96 21.00 11.44
C ILE A 603 -8.14 21.90 12.35
N THR A 604 -8.80 22.87 12.95
CA THR A 604 -8.10 23.85 13.77
C THR A 604 -7.60 23.23 15.07
N ASN A 605 -6.62 23.89 15.69
CA ASN A 605 -5.96 23.32 16.85
C ASN A 605 -6.90 23.27 18.06
N ASP A 606 -7.83 24.21 18.18
CA ASP A 606 -8.77 24.17 19.30
C ASP A 606 -9.64 22.92 19.24
N THR A 607 -10.06 22.54 18.04
CA THR A 607 -10.83 21.30 17.89
C THR A 607 -9.98 20.10 18.30
N VAL A 608 -8.70 20.11 17.97
CA VAL A 608 -7.82 19.01 18.36
C VAL A 608 -7.71 18.93 19.86
N GLN A 609 -7.56 20.07 20.53
CA GLN A 609 -7.49 20.05 21.99
C GLN A 609 -8.79 19.53 22.59
N THR A 610 -9.93 19.95 22.04
CA THR A 610 -11.20 19.47 22.54
C THR A 610 -11.32 17.96 22.38
N TYR A 611 -10.94 17.44 21.22
CA TYR A 611 -11.00 15.99 21.01
C TYR A 611 -10.05 15.26 21.94
N ASN A 612 -8.85 15.81 22.15
CA ASN A 612 -7.89 15.17 23.05
C ASN A 612 -8.41 15.11 24.47
N GLN A 613 -9.09 16.17 24.92
CA GLN A 613 -9.63 16.18 26.26
C GLN A 613 -10.81 15.22 26.39
N LEU A 614 -11.74 15.25 25.45
CA LEU A 614 -13.01 14.58 25.63
C LEU A 614 -13.00 13.10 25.25
N LEU A 615 -12.22 12.71 24.25
CA LEU A 615 -12.26 11.33 23.79
C LEU A 615 -11.70 10.39 24.85
N LYS A 616 -12.43 9.32 25.13
CA LYS A 616 -12.07 8.30 26.10
C LYS A 616 -12.44 6.94 25.54
N PRO A 617 -11.76 5.88 25.97
CA PRO A 617 -12.05 4.55 25.41
C PRO A 617 -13.49 4.11 25.62
N THR A 618 -14.09 4.47 26.77
CA THR A 618 -15.43 4.04 27.12
C THR A 618 -16.51 4.94 26.51
N LEU A 619 -16.17 5.73 25.51
CA LEU A 619 -17.14 6.63 24.92
C LEU A 619 -18.22 5.85 24.17
N SER A 620 -19.45 6.32 24.28
CA SER A 620 -20.58 5.74 23.57
C SER A 620 -21.00 6.65 22.42
N GLU A 621 -22.04 6.23 21.71
CA GLU A 621 -22.51 7.01 20.57
C GLU A 621 -23.07 8.35 21.00
N ILE A 622 -23.79 8.39 22.13
CA ILE A 622 -24.33 9.65 22.63
C ILE A 622 -23.20 10.64 22.89
N GLU A 623 -22.20 10.21 23.64
CA GLU A 623 -21.08 11.10 23.93
C GLU A 623 -20.23 11.34 22.70
N LEU A 624 -20.22 10.42 21.74
CA LEU A 624 -19.51 10.69 20.50
C LEU A 624 -20.14 11.84 19.73
N PHE A 625 -21.48 11.84 19.63
CA PHE A 625 -22.16 12.97 19.01
C PHE A 625 -21.94 14.24 19.80
N ARG A 626 -21.92 14.14 21.13
CA ARG A 626 -21.63 15.31 21.95
C ARG A 626 -20.24 15.87 21.64
N VAL A 627 -19.24 14.99 21.56
CA VAL A 627 -17.88 15.41 21.29
C VAL A 627 -17.78 16.08 19.92
N PHE A 628 -18.44 15.49 18.92
CA PHE A 628 -18.46 16.12 17.60
C PHE A 628 -19.11 17.49 17.66
N SER A 629 -20.22 17.62 18.38
CA SER A 629 -20.91 18.89 18.43
C SER A 629 -20.09 19.95 19.14
N LEU A 630 -19.19 19.56 20.03
CA LEU A 630 -18.36 20.51 20.74
C LEU A 630 -17.12 20.91 19.96
N SER A 631 -17.10 20.71 18.65
CA SER A 631 -15.95 21.10 17.85
C SER A 631 -15.88 22.62 17.71
N SER A 632 -14.67 23.11 17.45
CA SER A 632 -14.46 24.55 17.37
C SER A 632 -14.81 25.12 16.00
N GLU A 633 -15.01 24.29 14.99
CA GLU A 633 -15.47 24.79 13.71
C GLU A 633 -16.89 25.34 13.79
N PHE A 634 -17.62 25.00 14.85
CA PHE A 634 -18.98 25.43 15.04
C PHE A 634 -19.13 26.47 16.13
N LYS A 635 -18.03 27.18 16.45
CA LYS A 635 -18.07 28.11 17.57
C LYS A 635 -19.01 29.28 17.30
N ASN A 636 -19.25 29.60 16.04
CA ASN A 636 -20.15 30.69 15.70
C ASN A 636 -21.59 30.22 15.51
N ILE A 637 -21.84 28.92 15.56
CA ILE A 637 -23.21 28.43 15.42
C ILE A 637 -23.98 28.72 16.70
N THR A 638 -25.15 29.33 16.55
CA THR A 638 -26.02 29.63 17.66
C THR A 638 -27.46 29.26 17.31
N VAL A 639 -28.25 28.98 18.32
CA VAL A 639 -29.65 28.63 18.13
C VAL A 639 -30.49 29.90 18.17
N ARG A 640 -31.30 30.11 17.15
CA ARG A 640 -32.13 31.31 17.04
C ARG A 640 -33.54 31.03 17.53
N GLU A 641 -34.23 32.11 17.90
CA GLU A 641 -35.55 31.95 18.51
C GLU A 641 -36.56 31.37 17.52
N GLU A 642 -36.49 31.77 16.25
CA GLU A 642 -37.48 31.29 15.29
C GLU A 642 -37.31 29.80 15.03
N GLU A 643 -36.07 29.31 15.03
CA GLU A 643 -35.81 27.90 14.79
C GLU A 643 -35.73 27.11 16.09
N LYS A 644 -36.73 27.26 16.94
CA LYS A 644 -36.83 26.48 18.16
C LYS A 644 -37.92 25.43 18.12
N LEU A 645 -39.10 25.76 17.58
CA LEU A 645 -40.14 24.75 17.44
C LEU A 645 -39.70 23.64 16.50
N GLU A 646 -39.06 23.99 15.38
CA GLU A 646 -38.60 22.98 14.45
C GLU A 646 -37.51 22.11 15.07
N LEU A 647 -36.59 22.71 15.80
CA LEU A 647 -35.56 21.93 16.48
C LEU A 647 -36.17 21.01 17.52
N GLN A 648 -37.16 21.49 18.27
CA GLN A 648 -37.82 20.64 19.25
C GLN A 648 -38.52 19.47 18.58
N LYS A 649 -39.20 19.72 17.47
CA LYS A 649 -39.86 18.63 16.74
C LYS A 649 -38.85 17.62 16.23
N LEU A 650 -37.72 18.10 15.70
CA LEU A 650 -36.68 17.19 15.25
C LEU A 650 -36.03 16.43 16.40
N LEU A 651 -36.10 16.97 17.62
CA LEU A 651 -35.42 16.34 18.75
C LEU A 651 -36.00 14.97 19.05
N GLU A 652 -37.33 14.81 18.95
CA GLU A 652 -37.93 13.53 19.29
C GLU A 652 -37.69 12.48 18.21
N ARG A 653 -37.55 12.90 16.95
CA ARG A 653 -37.47 11.92 15.87
C ARG A 653 -36.06 11.40 15.64
N VAL A 654 -35.03 12.02 16.21
CA VAL A 654 -33.67 11.53 15.99
C VAL A 654 -33.44 10.31 16.86
N PRO A 655 -32.71 9.32 16.36
CA PRO A 655 -32.53 8.07 17.13
C PRO A 655 -31.67 8.23 18.36
N ILE A 656 -30.48 8.78 18.21
CA ILE A 656 -29.54 8.86 19.34
C ILE A 656 -30.02 9.91 20.33
N PRO A 657 -30.15 9.60 21.61
CA PRO A 657 -30.59 10.60 22.58
C PRO A 657 -29.59 11.74 22.71
N VAL A 658 -30.11 12.91 23.02
CA VAL A 658 -29.30 14.10 23.26
C VAL A 658 -29.53 14.52 24.71
N LYS A 659 -28.44 14.55 25.50
CA LYS A 659 -28.55 14.86 26.92
C LYS A 659 -28.33 16.33 27.22
N GLU A 660 -28.64 17.21 26.29
CA GLU A 660 -28.46 18.65 26.47
C GLU A 660 -29.75 19.37 26.14
N SER A 661 -29.95 20.52 26.77
CA SER A 661 -31.11 21.35 26.48
C SER A 661 -31.00 21.90 25.06
N ILE A 662 -32.18 22.15 24.46
CA ILE A 662 -32.22 22.63 23.09
C ILE A 662 -31.59 24.01 22.95
N GLU A 663 -31.55 24.79 24.03
CA GLU A 663 -30.97 26.12 23.97
C GLU A 663 -29.46 26.10 23.79
N GLU A 664 -28.82 24.96 23.99
CA GLU A 664 -27.38 25.06 23.73
C GLU A 664 -27.08 24.82 22.26
N PRO A 665 -26.08 25.50 21.71
CA PRO A 665 -25.72 25.26 20.30
C PRO A 665 -25.27 23.84 20.03
N SER A 666 -24.62 23.20 21.00
CA SER A 666 -24.14 21.83 20.79
C SER A 666 -25.30 20.88 20.53
N ALA A 667 -26.39 21.04 21.27
CA ALA A 667 -27.56 20.20 21.03
C ALA A 667 -28.11 20.45 19.63
N LYS A 668 -28.10 21.71 19.18
CA LYS A 668 -28.56 22.02 17.83
C LYS A 668 -27.71 21.31 16.79
N ILE A 669 -26.39 21.36 16.95
CA ILE A 669 -25.50 20.71 15.98
C ILE A 669 -25.73 19.20 15.99
N ASN A 670 -25.87 18.61 17.18
CA ASN A 670 -26.06 17.17 17.27
C ASN A 670 -27.36 16.75 16.59
N VAL A 671 -28.47 17.39 16.96
CA VAL A 671 -29.75 17.01 16.37
C VAL A 671 -29.78 17.32 14.88
N LEU A 672 -29.01 18.31 14.44
CA LEU A 672 -28.97 18.64 13.02
C LEU A 672 -28.23 17.56 12.23
N LEU A 673 -27.10 17.09 12.74
CA LEU A 673 -26.40 15.99 12.08
C LEU A 673 -27.28 14.74 12.05
N GLN A 674 -27.97 14.46 13.16
CA GLN A 674 -28.84 13.30 13.17
C GLN A 674 -29.97 13.44 12.16
N ALA A 675 -30.55 14.64 12.04
CA ALA A 675 -31.60 14.86 11.07
C ALA A 675 -31.09 14.67 9.65
N PHE A 676 -29.85 15.09 9.40
CA PHE A 676 -29.27 14.86 8.09
C PHE A 676 -29.13 13.37 7.80
N ILE A 677 -28.53 12.63 8.72
CA ILE A 677 -28.34 11.20 8.50
C ILE A 677 -29.68 10.49 8.38
N SER A 678 -30.65 10.87 9.20
CA SER A 678 -31.98 10.28 9.14
C SER A 678 -32.75 10.75 7.92
N GLN A 679 -32.26 11.73 7.19
CA GLN A 679 -32.92 12.28 6.00
C GLN A 679 -34.31 12.83 6.35
N LEU A 680 -34.35 13.69 7.36
CA LEU A 680 -35.58 14.37 7.73
C LEU A 680 -35.70 15.67 6.95
N LYS A 681 -36.94 16.14 6.82
CA LYS A 681 -37.23 17.34 6.05
C LYS A 681 -37.19 18.56 6.96
N LEU A 682 -36.48 19.60 6.51
CA LEU A 682 -36.37 20.85 7.24
C LEU A 682 -37.00 21.97 6.44
N GLU A 683 -37.58 22.95 7.14
CA GLU A 683 -38.32 24.03 6.50
C GLU A 683 -37.74 25.40 6.83
N GLY A 684 -36.53 25.47 7.35
CA GLY A 684 -35.91 26.74 7.64
C GLY A 684 -34.67 26.97 6.80
N PHE A 685 -34.57 28.14 6.17
CA PHE A 685 -33.43 28.42 5.30
C PHE A 685 -32.13 28.46 6.10
N ALA A 686 -32.12 29.19 7.21
CA ALA A 686 -30.92 29.23 8.05
C ALA A 686 -30.62 27.87 8.62
N LEU A 687 -31.67 27.13 9.02
CA LEU A 687 -31.47 25.79 9.55
C LEU A 687 -30.87 24.87 8.50
N MET A 688 -31.35 24.95 7.25
CA MET A 688 -30.79 24.11 6.20
C MET A 688 -29.37 24.49 5.87
N ALA A 689 -29.05 25.79 5.90
CA ALA A 689 -27.68 26.21 5.67
C ALA A 689 -26.76 25.68 6.76
N ASP A 690 -27.21 25.75 8.01
CA ASP A 690 -26.42 25.19 9.11
C ASP A 690 -26.24 23.70 8.94
N MET A 691 -27.28 22.99 8.52
CA MET A 691 -27.17 21.56 8.32
C MET A 691 -26.15 21.24 7.25
N VAL A 692 -26.20 21.96 6.13
CA VAL A 692 -25.25 21.70 5.05
C VAL A 692 -23.83 21.96 5.53
N TYR A 693 -23.61 23.05 6.26
CA TYR A 693 -22.27 23.36 6.74
C TYR A 693 -21.76 22.29 7.68
N VAL A 694 -22.57 21.92 8.69
CA VAL A 694 -22.09 20.97 9.69
C VAL A 694 -21.87 19.60 9.06
N THR A 695 -22.70 19.21 8.09
CA THR A 695 -22.53 17.91 7.50
C THR A 695 -21.39 17.86 6.52
N GLN A 696 -21.07 18.97 5.84
CA GLN A 696 -19.90 18.98 4.99
C GLN A 696 -18.61 18.99 5.82
N SER A 697 -18.64 19.61 6.98
CA SER A 697 -17.46 19.54 7.85
C SER A 697 -17.37 18.20 8.58
N ALA A 698 -18.51 17.53 8.77
CA ALA A 698 -18.54 16.31 9.57
C ALA A 698 -17.69 15.20 8.96
N GLY A 699 -17.58 15.15 7.65
CA GLY A 699 -16.75 14.14 7.03
C GLY A 699 -15.34 14.20 7.54
N ARG A 700 -14.70 15.36 7.39
CA ARG A 700 -13.33 15.51 7.85
C ARG A 700 -13.23 15.39 9.37
N LEU A 701 -14.19 15.97 10.10
CA LEU A 701 -14.08 15.94 11.56
C LEU A 701 -14.17 14.52 12.10
N MET A 702 -15.13 13.74 11.60
CA MET A 702 -15.27 12.37 12.07
C MET A 702 -14.15 11.49 11.56
N ARG A 703 -13.62 11.78 10.37
CA ARG A 703 -12.45 11.03 9.91
C ARG A 703 -11.24 11.29 10.81
N ALA A 704 -11.08 12.54 11.26
CA ALA A 704 -10.00 12.85 12.19
C ALA A 704 -10.20 12.14 13.52
N ILE A 705 -11.43 12.12 14.02
CA ILE A 705 -11.72 11.40 15.25
C ILE A 705 -11.40 9.91 15.09
N PHE A 706 -11.78 9.34 13.95
CA PHE A 706 -11.51 7.93 13.69
C PHE A 706 -10.01 7.67 13.67
N GLU A 707 -9.25 8.54 13.02
CA GLU A 707 -7.81 8.35 12.97
C GLU A 707 -7.19 8.45 14.35
N ILE A 708 -7.67 9.40 15.17
CA ILE A 708 -7.16 9.54 16.53
C ILE A 708 -7.41 8.27 17.32
N VAL A 709 -8.65 7.78 17.30
CA VAL A 709 -9.01 6.62 18.10
C VAL A 709 -8.30 5.38 17.60
N LEU A 710 -8.17 5.22 16.28
CA LEU A 710 -7.44 4.09 15.73
C LEU A 710 -5.98 4.12 16.13
N ASN A 711 -5.37 5.31 16.10
CA ASN A 711 -3.98 5.42 16.53
C ASN A 711 -3.81 5.06 17.99
N ARG A 712 -4.75 5.48 18.84
CA ARG A 712 -4.67 5.10 20.24
C ARG A 712 -5.11 3.67 20.50
N GLY A 713 -5.63 2.96 19.50
CA GLY A 713 -5.95 1.56 19.64
C GLY A 713 -7.18 1.24 20.44
N TRP A 714 -8.20 2.09 20.39
CA TRP A 714 -9.45 1.85 21.12
C TRP A 714 -10.44 1.20 20.15
N ALA A 715 -10.54 -0.13 20.21
CA ALA A 715 -11.31 -0.86 19.21
C ALA A 715 -12.80 -0.50 19.27
N GLN A 716 -13.35 -0.44 20.47
CA GLN A 716 -14.79 -0.23 20.60
C GLN A 716 -15.20 1.13 20.04
N LEU A 717 -14.41 2.16 20.32
CA LEU A 717 -14.71 3.47 19.77
C LEU A 717 -14.29 3.58 18.31
N THR A 718 -13.27 2.83 17.90
CA THR A 718 -12.88 2.83 16.50
C THR A 718 -14.01 2.34 15.61
N ASP A 719 -14.67 1.25 16.01
CA ASP A 719 -15.78 0.73 15.23
C ASP A 719 -16.89 1.76 15.09
N LYS A 720 -17.25 2.40 16.20
CA LYS A 720 -18.32 3.39 16.18
C LYS A 720 -17.96 4.57 15.29
N THR A 721 -16.72 5.07 15.40
CA THR A 721 -16.33 6.22 14.62
C THR A 721 -16.30 5.89 13.13
N LEU A 722 -15.79 4.71 12.76
CA LEU A 722 -15.77 4.34 11.35
C LEU A 722 -17.18 4.19 10.81
N ASN A 723 -18.07 3.55 11.58
CA ASN A 723 -19.44 3.41 11.14
C ASN A 723 -20.10 4.77 10.99
N LEU A 724 -19.82 5.70 11.89
CA LEU A 724 -20.40 7.04 11.79
C LEU A 724 -19.88 7.77 10.57
N CYS A 725 -18.58 7.61 10.26
CA CYS A 725 -18.04 8.20 9.04
C CYS A 725 -18.78 7.66 7.81
N LYS A 726 -18.98 6.35 7.76
CA LYS A 726 -19.69 5.76 6.64
C LYS A 726 -21.14 6.27 6.58
N MET A 727 -21.79 6.41 7.74
CA MET A 727 -23.17 6.88 7.75
C MET A 727 -23.27 8.30 7.23
N ILE A 728 -22.33 9.16 7.63
CA ILE A 728 -22.33 10.53 7.13
C ILE A 728 -22.08 10.55 5.63
N ASP A 729 -21.15 9.71 5.16
CA ASP A 729 -20.85 9.66 3.74
C ASP A 729 -22.05 9.21 2.93
N LYS A 730 -22.67 8.10 3.32
CA LYS A 730 -23.76 7.49 2.57
C LYS A 730 -25.13 8.05 2.93
N ARG A 731 -25.22 8.83 4.00
CA ARG A 731 -26.48 9.42 4.46
C ARG A 731 -27.54 8.35 4.70
N MET A 732 -27.22 7.45 5.63
CA MET A 732 -28.13 6.39 6.03
C MET A 732 -27.59 5.73 7.28
N TRP A 733 -28.49 5.25 8.13
CA TRP A 733 -28.09 4.52 9.32
C TRP A 733 -27.68 3.10 8.94
N GLN A 734 -26.78 2.53 9.75
CA GLN A 734 -26.29 1.19 9.46
C GLN A 734 -27.36 0.12 9.61
N SER A 735 -28.42 0.41 10.37
CA SER A 735 -29.50 -0.55 10.51
C SER A 735 -30.29 -0.72 9.23
N MET A 736 -30.22 0.24 8.31
CA MET A 736 -30.97 0.15 7.07
C MET A 736 -30.36 -0.91 6.16
N CYS A 737 -31.10 -1.27 5.11
CA CYS A 737 -30.67 -2.32 4.21
C CYS A 737 -29.38 -1.90 3.50
N PRO A 738 -28.37 -2.76 3.42
CA PRO A 738 -27.12 -2.37 2.74
C PRO A 738 -27.31 -2.09 1.27
N LEU A 739 -28.40 -2.56 0.66
CA LEU A 739 -28.63 -2.30 -0.76
C LEU A 739 -28.98 -0.85 -1.05
N ARG A 740 -29.24 -0.03 -0.03
CA ARG A 740 -29.45 1.39 -0.26
C ARG A 740 -28.23 2.04 -0.88
N GLN A 741 -27.03 1.52 -0.58
CA GLN A 741 -25.82 2.13 -1.09
C GLN A 741 -25.72 2.06 -2.60
N PHE A 742 -26.39 1.12 -3.23
CA PHE A 742 -26.59 1.15 -4.67
C PHE A 742 -27.81 2.01 -4.95
N ARG A 743 -27.59 3.22 -5.47
CA ARG A 743 -28.70 4.16 -5.62
C ARG A 743 -29.66 3.75 -6.72
N LYS A 744 -29.38 2.69 -7.48
CA LYS A 744 -30.24 2.30 -8.58
C LYS A 744 -31.48 1.53 -8.13
N LEU A 745 -31.48 0.98 -6.92
CA LEU A 745 -32.64 0.25 -6.45
C LEU A 745 -33.82 1.21 -6.23
N PRO A 746 -35.04 0.80 -6.56
CA PRO A 746 -36.21 1.61 -6.22
C PRO A 746 -36.35 1.74 -4.71
N GLU A 747 -36.84 2.91 -4.28
CA GLU A 747 -37.05 3.12 -2.86
C GLU A 747 -38.06 2.12 -2.30
N GLU A 748 -39.14 1.87 -3.05
CA GLU A 748 -40.16 0.94 -2.58
C GLU A 748 -39.58 -0.44 -2.36
N VAL A 749 -38.72 -0.90 -3.27
CA VAL A 749 -38.16 -2.25 -3.18
C VAL A 749 -37.32 -2.39 -1.92
N VAL A 750 -36.45 -1.42 -1.65
CA VAL A 750 -35.58 -1.50 -0.48
C VAL A 750 -36.40 -1.36 0.79
N LYS A 751 -37.41 -0.50 0.78
CA LYS A 751 -38.27 -0.35 1.94
C LYS A 751 -38.99 -1.66 2.26
N LYS A 752 -39.45 -2.35 1.22
CA LYS A 752 -40.09 -3.65 1.44
C LYS A 752 -39.09 -4.69 1.91
N ILE A 753 -37.86 -4.64 1.39
CA ILE A 753 -36.84 -5.60 1.79
C ILE A 753 -36.55 -5.48 3.27
N GLU A 754 -36.36 -4.25 3.76
CA GLU A 754 -36.05 -4.08 5.17
C GLU A 754 -37.29 -4.03 6.04
N LYS A 755 -38.48 -3.98 5.45
CA LYS A 755 -39.70 -4.09 6.25
C LYS A 755 -39.79 -5.45 6.91
N LYS A 756 -39.53 -6.51 6.15
CA LYS A 756 -39.45 -7.84 6.74
C LYS A 756 -38.26 -7.91 7.67
N ASN A 757 -38.47 -8.54 8.83
CA ASN A 757 -37.38 -8.66 9.80
C ASN A 757 -36.37 -9.65 9.24
N PHE A 758 -35.38 -9.14 8.52
CA PHE A 758 -34.58 -10.00 7.68
C PHE A 758 -33.09 -9.76 7.87
N PRO A 759 -32.30 -10.83 7.97
CA PRO A 759 -30.85 -10.67 7.96
C PRO A 759 -30.34 -10.62 6.52
N PHE A 760 -29.45 -9.66 6.27
CA PHE A 760 -28.96 -9.47 4.91
C PHE A 760 -28.17 -10.66 4.41
N GLU A 761 -27.51 -11.39 5.31
CA GLU A 761 -26.67 -12.50 4.90
C GLU A 761 -27.48 -13.65 4.31
N ARG A 762 -28.77 -13.74 4.62
CA ARG A 762 -29.57 -14.82 4.07
C ARG A 762 -29.80 -14.65 2.58
N LEU A 763 -29.70 -13.42 2.07
CA LEU A 763 -29.97 -13.19 0.66
C LEU A 763 -28.96 -13.87 -0.24
N TYR A 764 -27.76 -14.16 0.28
CA TYR A 764 -26.75 -14.80 -0.56
C TYR A 764 -27.17 -16.21 -0.96
N ASP A 765 -27.80 -16.95 -0.05
CA ASP A 765 -28.18 -18.33 -0.35
C ASP A 765 -29.22 -18.40 -1.45
N LEU A 766 -30.22 -17.53 -1.41
CA LEU A 766 -31.35 -17.64 -2.33
C LEU A 766 -30.92 -17.35 -3.77
N ASN A 767 -31.61 -18.01 -4.71
CA ASN A 767 -31.43 -17.68 -6.12
C ASN A 767 -32.33 -16.51 -6.49
N HIS A 768 -32.36 -16.18 -7.78
CA HIS A 768 -33.11 -15.00 -8.20
C HIS A 768 -34.62 -15.19 -8.06
N ASN A 769 -35.10 -16.43 -8.16
CA ASN A 769 -36.54 -16.67 -8.01
C ASN A 769 -36.98 -16.48 -6.56
N GLU A 770 -36.26 -17.08 -5.62
CA GLU A 770 -36.65 -17.00 -4.21
C GLU A 770 -36.54 -15.58 -3.69
N ILE A 771 -35.55 -14.82 -4.16
CA ILE A 771 -35.44 -13.43 -3.74
C ILE A 771 -36.65 -12.64 -4.20
N GLY A 772 -37.09 -12.85 -5.44
CA GLY A 772 -38.26 -12.16 -5.93
C GLY A 772 -39.53 -12.53 -5.18
N GLU A 773 -39.74 -13.84 -4.99
CA GLU A 773 -40.93 -14.28 -4.27
C GLU A 773 -40.92 -13.78 -2.83
N LEU A 774 -39.76 -13.81 -2.20
CA LEU A 774 -39.62 -13.41 -0.79
C LEU A 774 -40.03 -11.98 -0.55
N ILE A 775 -39.89 -11.10 -1.54
CA ILE A 775 -40.36 -9.72 -1.45
C ILE A 775 -41.77 -9.58 -2.00
N ARG A 776 -42.45 -10.70 -2.26
CA ARG A 776 -43.80 -10.71 -2.82
C ARG A 776 -43.87 -10.01 -4.18
N MET A 777 -42.74 -9.96 -4.88
CA MET A 777 -42.71 -9.44 -6.24
C MET A 777 -41.54 -10.05 -7.00
N PRO A 778 -41.81 -10.91 -7.99
CA PRO A 778 -40.72 -11.67 -8.62
C PRO A 778 -39.98 -10.93 -9.71
N LYS A 779 -40.60 -9.88 -10.28
CA LYS A 779 -39.99 -9.22 -11.43
C LYS A 779 -38.69 -8.52 -11.06
N MET A 780 -38.58 -8.01 -9.83
CA MET A 780 -37.39 -7.33 -9.37
C MET A 780 -36.36 -8.28 -8.77
N GLY A 781 -36.69 -9.57 -8.66
CA GLY A 781 -35.82 -10.50 -7.98
C GLY A 781 -34.47 -10.66 -8.67
N LYS A 782 -34.47 -10.68 -10.00
CA LYS A 782 -33.22 -10.85 -10.73
C LYS A 782 -32.28 -9.67 -10.49
N THR A 783 -32.81 -8.44 -10.55
CA THR A 783 -31.98 -7.28 -10.30
C THR A 783 -31.49 -7.23 -8.86
N ILE A 784 -32.36 -7.61 -7.91
CA ILE A 784 -31.94 -7.64 -6.52
C ILE A 784 -30.83 -8.66 -6.33
N HIS A 785 -30.94 -9.83 -6.97
CA HIS A 785 -29.89 -10.83 -6.89
C HIS A 785 -28.58 -10.30 -7.44
N LYS A 786 -28.64 -9.62 -8.59
CA LYS A 786 -27.43 -9.06 -9.18
C LYS A 786 -26.78 -8.05 -8.25
N TYR A 787 -27.58 -7.17 -7.66
CA TYR A 787 -27.00 -6.15 -6.79
C TYR A 787 -26.51 -6.75 -5.48
N VAL A 788 -27.16 -7.80 -4.98
CA VAL A 788 -26.67 -8.47 -3.78
C VAL A 788 -25.30 -9.07 -4.06
N HIS A 789 -25.14 -9.72 -5.21
CA HIS A 789 -23.83 -10.28 -5.53
C HIS A 789 -22.83 -9.22 -5.96
N LEU A 790 -23.27 -7.99 -6.21
CA LEU A 790 -22.32 -6.90 -6.40
C LEU A 790 -21.80 -6.32 -5.09
N PHE A 791 -22.44 -6.63 -3.98
CA PHE A 791 -22.04 -6.05 -2.70
C PHE A 791 -20.70 -6.64 -2.27
N PRO A 792 -19.74 -5.82 -1.84
CA PRO A 792 -18.42 -6.34 -1.47
C PRO A 792 -18.51 -7.35 -0.35
N LYS A 793 -17.68 -8.39 -0.45
CA LYS A 793 -17.70 -9.49 0.51
C LYS A 793 -16.39 -10.23 0.42
N LEU A 794 -15.80 -10.55 1.56
CA LEU A 794 -14.52 -11.21 1.62
C LEU A 794 -14.60 -12.43 2.51
N GLU A 795 -13.79 -13.44 2.19
CA GLU A 795 -13.68 -14.65 2.97
C GLU A 795 -12.32 -14.69 3.64
N LEU A 796 -12.30 -14.97 4.94
CA LEU A 796 -11.08 -14.93 5.73
C LEU A 796 -10.70 -16.34 6.17
N SER A 797 -9.39 -16.60 6.20
CA SER A 797 -8.86 -17.86 6.71
C SER A 797 -7.44 -17.59 7.19
N VAL A 798 -7.13 -18.00 8.40
CA VAL A 798 -5.84 -17.71 9.01
C VAL A 798 -5.10 -19.01 9.29
N HIS A 799 -3.79 -18.99 9.09
CA HIS A 799 -2.89 -20.08 9.44
C HIS A 799 -1.81 -19.49 10.32
N LEU A 800 -2.04 -19.48 11.63
CA LEU A 800 -1.11 -18.89 12.57
C LEU A 800 -0.16 -19.94 13.12
N GLN A 801 1.11 -19.55 13.29
CA GLN A 801 2.12 -20.42 13.83
C GLN A 801 2.94 -19.67 14.87
N PRO A 802 3.10 -20.23 16.07
CA PRO A 802 3.79 -19.50 17.15
C PRO A 802 5.27 -19.37 16.85
N ILE A 803 5.79 -18.16 17.04
CA ILE A 803 7.22 -17.92 16.89
C ILE A 803 7.95 -18.09 18.21
N THR A 804 7.46 -17.44 19.26
CA THR A 804 7.95 -17.66 20.61
C THR A 804 6.76 -17.61 21.54
N ARG A 805 7.02 -17.73 22.85
CA ARG A 805 5.94 -17.76 23.82
C ARG A 805 5.19 -16.44 23.94
N SER A 806 5.71 -15.36 23.34
CA SER A 806 5.09 -14.05 23.48
C SER A 806 4.63 -13.46 22.16
N THR A 807 4.89 -14.10 21.03
CA THR A 807 4.46 -13.57 19.75
C THR A 807 3.91 -14.69 18.88
N LEU A 808 2.97 -14.32 18.01
CA LEU A 808 2.37 -15.23 17.05
C LEU A 808 2.52 -14.64 15.66
N LYS A 809 2.85 -15.48 14.70
CA LYS A 809 2.88 -15.09 13.30
C LYS A 809 1.58 -15.55 12.65
N VAL A 810 0.80 -14.60 12.15
CA VAL A 810 -0.50 -14.89 11.58
C VAL A 810 -0.45 -14.50 10.11
N GLU A 811 -0.80 -15.44 9.23
CA GLU A 811 -1.00 -15.13 7.82
C GLU A 811 -2.48 -15.21 7.52
N LEU A 812 -3.02 -14.14 6.96
CA LEU A 812 -4.44 -14.00 6.69
C LEU A 812 -4.64 -14.05 5.19
N THR A 813 -5.50 -14.95 4.74
CA THR A 813 -5.80 -15.12 3.33
C THR A 813 -7.15 -14.49 3.05
N ILE A 814 -7.15 -13.42 2.26
CA ILE A 814 -8.36 -12.69 1.91
C ILE A 814 -8.71 -13.05 0.47
N THR A 815 -9.88 -13.65 0.28
CA THR A 815 -10.33 -14.04 -1.05
C THR A 815 -11.61 -13.28 -1.39
N PRO A 816 -11.60 -12.39 -2.38
CA PRO A 816 -12.83 -11.69 -2.75
C PRO A 816 -13.92 -12.66 -3.15
N ASP A 817 -15.14 -12.37 -2.72
CA ASP A 817 -16.29 -13.24 -2.96
C ASP A 817 -17.45 -12.42 -3.51
N PHE A 818 -17.17 -11.56 -4.48
CA PHE A 818 -18.20 -10.73 -5.07
C PHE A 818 -17.80 -10.38 -6.49
N GLN A 819 -18.80 -10.25 -7.36
CA GLN A 819 -18.55 -9.82 -8.72
C GLN A 819 -18.16 -8.35 -8.74
N TRP A 820 -17.05 -8.05 -9.41
CA TRP A 820 -16.53 -6.68 -9.45
C TRP A 820 -17.12 -5.95 -10.63
N ASP A 821 -17.63 -4.74 -10.37
CA ASP A 821 -18.16 -3.86 -11.41
C ASP A 821 -17.42 -2.54 -11.34
N GLU A 822 -16.91 -2.10 -12.49
CA GLU A 822 -16.12 -0.87 -12.52
C GLU A 822 -16.95 0.34 -12.12
N LYS A 823 -18.20 0.41 -12.59
CA LYS A 823 -19.03 1.57 -12.31
C LYS A 823 -19.38 1.67 -10.84
N VAL A 824 -19.56 0.53 -10.17
CA VAL A 824 -19.96 0.53 -8.77
C VAL A 824 -18.76 0.59 -7.84
N HIS A 825 -17.78 -0.27 -8.05
CA HIS A 825 -16.64 -0.37 -7.14
C HIS A 825 -15.50 0.55 -7.51
N GLY A 826 -15.48 1.10 -8.71
CA GLY A 826 -14.40 1.99 -9.05
C GLY A 826 -13.11 1.24 -9.34
N SER A 827 -12.01 1.97 -9.24
CA SER A 827 -10.71 1.40 -9.56
C SER A 827 -10.21 0.45 -8.48
N SER A 828 -10.56 0.70 -7.22
CA SER A 828 -10.08 -0.14 -6.13
C SER A 828 -11.02 -0.01 -4.95
N GLU A 829 -10.94 -0.98 -4.06
CA GLU A 829 -11.71 -1.01 -2.82
C GLU A 829 -10.76 -1.12 -1.64
N ALA A 830 -11.05 -0.38 -0.57
CA ALA A 830 -10.19 -0.28 0.59
C ALA A 830 -10.84 -0.93 1.80
N PHE A 831 -10.04 -1.64 2.58
CA PHE A 831 -10.51 -2.35 3.75
C PHE A 831 -9.54 -2.11 4.91
N TRP A 832 -10.07 -2.23 6.12
CA TRP A 832 -9.27 -2.13 7.34
C TRP A 832 -9.19 -3.51 7.99
N ILE A 833 -7.98 -3.98 8.24
CA ILE A 833 -7.76 -5.25 8.91
C ILE A 833 -7.45 -4.95 10.36
N LEU A 834 -8.29 -5.46 11.26
CA LEU A 834 -8.15 -5.20 12.68
C LEU A 834 -8.13 -6.52 13.43
N VAL A 835 -7.17 -6.70 14.33
CA VAL A 835 -7.14 -7.83 15.24
C VAL A 835 -7.25 -7.31 16.66
N GLU A 836 -8.16 -7.90 17.44
CA GLU A 836 -8.51 -7.41 18.75
C GLU A 836 -8.36 -8.53 19.77
N ASP A 837 -8.45 -8.17 21.04
CA ASP A 837 -8.33 -9.13 22.12
C ASP A 837 -9.68 -9.78 22.38
N VAL A 838 -9.80 -10.48 23.52
CA VAL A 838 -11.04 -11.18 23.84
C VAL A 838 -12.19 -10.20 23.99
N ASP A 839 -11.96 -9.10 24.70
CA ASP A 839 -13.01 -8.16 25.00
C ASP A 839 -13.26 -7.17 23.89
N SER A 840 -12.49 -7.22 22.80
CA SER A 840 -12.61 -6.27 21.70
C SER A 840 -12.49 -4.84 22.21
N GLU A 841 -11.56 -4.62 23.14
CA GLU A 841 -11.34 -3.30 23.71
C GLU A 841 -10.05 -2.65 23.25
N VAL A 842 -9.05 -3.42 22.85
CA VAL A 842 -7.79 -2.88 22.38
C VAL A 842 -7.45 -3.53 21.05
N ILE A 843 -6.92 -2.74 20.13
CA ILE A 843 -6.51 -3.22 18.82
C ILE A 843 -5.07 -3.70 18.93
N LEU A 844 -4.87 -5.02 18.83
CA LEU A 844 -3.52 -5.56 18.90
C LEU A 844 -2.70 -5.11 17.70
N HIS A 845 -3.31 -5.06 16.52
CA HIS A 845 -2.61 -4.70 15.30
C HIS A 845 -3.64 -4.31 14.26
N HIS A 846 -3.32 -3.31 13.45
CA HIS A 846 -4.21 -2.88 12.38
C HIS A 846 -3.38 -2.52 11.16
N GLU A 847 -3.97 -2.65 9.98
CA GLU A 847 -3.28 -2.24 8.77
C GLU A 847 -4.29 -1.99 7.66
N TYR A 848 -3.96 -1.05 6.79
CA TYR A 848 -4.78 -0.71 5.65
C TYR A 848 -4.59 -1.75 4.55
N PHE A 849 -5.69 -2.19 3.96
CA PHE A 849 -5.66 -3.17 2.88
C PHE A 849 -6.38 -2.59 1.68
N LEU A 850 -5.71 -2.56 0.54
CA LEU A 850 -6.26 -2.01 -0.69
C LEU A 850 -6.39 -3.12 -1.72
N LEU A 851 -7.59 -3.30 -2.24
CA LEU A 851 -7.89 -4.34 -3.21
C LEU A 851 -8.05 -3.70 -4.58
N LYS A 852 -7.23 -4.12 -5.53
CA LYS A 852 -7.23 -3.54 -6.86
C LYS A 852 -8.24 -4.23 -7.75
N ALA A 853 -8.74 -3.50 -8.76
CA ALA A 853 -9.70 -4.07 -9.68
C ALA A 853 -9.06 -5.20 -10.50
N LYS A 854 -7.84 -5.01 -10.96
CA LYS A 854 -7.19 -6.03 -11.77
C LYS A 854 -6.81 -7.25 -10.96
N TYR A 855 -6.67 -7.11 -9.64
CA TYR A 855 -6.32 -8.22 -8.78
C TYR A 855 -7.52 -8.75 -8.02
N ALA A 856 -8.73 -8.40 -8.43
CA ALA A 856 -9.92 -8.99 -7.83
C ALA A 856 -9.96 -10.49 -8.12
N GLN A 857 -10.78 -11.19 -7.36
CA GLN A 857 -10.85 -12.66 -7.33
C GLN A 857 -9.46 -13.28 -7.39
N ASP A 858 -8.51 -12.70 -6.67
CA ASP A 858 -7.21 -13.29 -6.40
C ASP A 858 -7.03 -13.39 -4.89
N GLU A 859 -6.46 -14.49 -4.43
CA GLU A 859 -6.20 -14.62 -3.00
C GLU A 859 -5.07 -13.70 -2.58
N HIS A 860 -5.32 -12.86 -1.59
CA HIS A 860 -4.32 -11.99 -1.03
C HIS A 860 -3.91 -12.50 0.34
N LEU A 861 -2.60 -12.56 0.58
CA LEU A 861 -2.06 -13.04 1.85
C LEU A 861 -1.42 -11.89 2.61
N ILE A 862 -1.82 -11.71 3.85
CA ILE A 862 -1.29 -10.68 4.73
C ILE A 862 -0.68 -11.35 5.94
N THR A 863 0.58 -11.05 6.22
CA THR A 863 1.31 -11.65 7.33
C THR A 863 1.65 -10.57 8.35
N PHE A 864 1.38 -10.85 9.62
CA PHE A 864 1.69 -9.91 10.68
C PHE A 864 1.93 -10.68 11.97
N PHE A 865 2.55 -10.01 12.93
CA PHE A 865 2.88 -10.59 14.22
C PHE A 865 2.03 -9.95 15.30
N VAL A 866 1.39 -10.76 16.12
CA VAL A 866 0.60 -10.25 17.24
C VAL A 866 1.18 -10.83 18.53
N PRO A 867 1.12 -10.11 19.64
CA PRO A 867 1.67 -10.62 20.89
C PRO A 867 0.62 -11.34 21.74
N VAL A 868 1.12 -12.24 22.58
CA VAL A 868 0.30 -12.95 23.56
C VAL A 868 0.94 -12.78 24.93
N PHE A 869 0.19 -13.17 25.96
CA PHE A 869 0.60 -12.94 27.34
C PHE A 869 0.40 -14.21 28.15
N GLU A 870 0.91 -14.18 29.38
CA GLU A 870 0.83 -15.34 30.26
C GLU A 870 -0.60 -15.78 30.55
N PRO A 871 -1.55 -14.89 30.89
CA PRO A 871 -2.95 -15.35 30.95
C PRO A 871 -3.50 -15.52 29.55
N LEU A 872 -3.22 -16.69 28.97
CA LEU A 872 -3.50 -17.00 27.57
C LEU A 872 -4.95 -16.68 27.23
N PRO A 873 -5.19 -15.69 26.37
CA PRO A 873 -6.55 -15.29 26.05
C PRO A 873 -7.29 -16.42 25.35
N PRO A 874 -8.60 -16.57 25.61
CA PRO A 874 -9.36 -17.62 24.93
C PRO A 874 -9.33 -17.50 23.41
N GLN A 875 -9.39 -16.28 22.87
CA GLN A 875 -9.34 -16.12 21.42
C GLN A 875 -9.05 -14.66 21.07
N TYR A 876 -8.67 -14.45 19.82
CA TYR A 876 -8.56 -13.14 19.23
C TYR A 876 -9.57 -13.01 18.11
N PHE A 877 -9.97 -11.78 17.80
CA PHE A 877 -10.91 -11.51 16.74
C PHE A 877 -10.22 -10.74 15.63
N ILE A 878 -10.32 -11.23 14.41
CA ILE A 878 -9.76 -10.57 13.24
C ILE A 878 -10.92 -10.03 12.42
N ARG A 879 -11.00 -8.70 12.32
CA ARG A 879 -12.08 -8.04 11.60
C ARG A 879 -11.51 -7.36 10.37
N VAL A 880 -12.10 -7.65 9.21
CA VAL A 880 -11.80 -6.94 7.98
C VAL A 880 -13.01 -6.11 7.64
N VAL A 881 -12.87 -4.79 7.74
CA VAL A 881 -13.99 -3.86 7.61
C VAL A 881 -13.75 -2.98 6.41
N SER A 882 -14.79 -2.80 5.60
CA SER A 882 -14.68 -1.93 4.44
C SER A 882 -14.43 -0.50 4.88
N ASP A 883 -13.74 0.26 4.04
CA ASP A 883 -13.44 1.64 4.37
C ASP A 883 -14.65 2.54 4.15
N ARG A 884 -15.50 2.24 3.18
CA ARG A 884 -16.61 3.15 2.87
C ARG A 884 -17.93 2.44 2.59
N TRP A 885 -18.08 1.17 2.96
CA TRP A 885 -19.32 0.46 2.76
C TRP A 885 -19.90 0.06 4.11
N LEU A 886 -21.18 0.35 4.32
CA LEU A 886 -21.86 -0.04 5.54
C LEU A 886 -22.22 -1.52 5.50
N SER A 887 -22.17 -2.15 6.67
CA SER A 887 -22.49 -3.58 6.82
C SER A 887 -21.63 -4.44 5.89
N CYS A 888 -20.35 -4.09 5.80
CA CYS A 888 -19.41 -4.79 4.94
C CYS A 888 -18.20 -5.24 5.74
N GLU A 889 -18.45 -5.86 6.89
CA GLU A 889 -17.38 -6.34 7.75
C GLU A 889 -17.45 -7.86 7.87
N THR A 890 -16.29 -8.48 8.01
CA THR A 890 -16.17 -9.91 8.22
C THR A 890 -15.31 -10.14 9.44
N GLN A 891 -15.77 -10.99 10.36
CA GLN A 891 -15.07 -11.27 11.59
C GLN A 891 -14.73 -12.76 11.66
N LEU A 892 -13.49 -13.06 12.02
CA LEU A 892 -13.03 -14.44 12.11
C LEU A 892 -12.42 -14.68 13.49
N PRO A 893 -13.12 -15.38 14.38
CA PRO A 893 -12.52 -15.72 15.67
C PRO A 893 -11.33 -16.64 15.49
N VAL A 894 -10.32 -16.44 16.32
CA VAL A 894 -9.11 -17.25 16.29
C VAL A 894 -8.95 -17.84 17.69
N SER A 895 -9.48 -19.04 17.89
CA SER A 895 -9.47 -19.65 19.20
C SER A 895 -8.06 -20.09 19.59
N PHE A 896 -7.72 -19.89 20.86
CA PHE A 896 -6.45 -20.35 21.41
C PHE A 896 -6.64 -21.51 22.37
N ARG A 897 -7.75 -22.23 22.26
CA ARG A 897 -8.04 -23.32 23.19
C ARG A 897 -7.02 -24.44 23.05
N HIS A 898 -6.67 -24.80 21.81
CA HIS A 898 -5.76 -25.90 21.55
C HIS A 898 -4.39 -25.42 21.07
N LEU A 899 -4.07 -24.15 21.26
CA LEU A 899 -2.77 -23.64 20.87
C LEU A 899 -1.71 -24.12 21.84
N ILE A 900 -0.60 -24.63 21.30
CA ILE A 900 0.52 -25.10 22.10
C ILE A 900 1.66 -24.11 21.90
N LEU A 901 1.92 -23.31 22.92
CA LEU A 901 3.01 -22.36 22.84
C LEU A 901 4.36 -23.08 22.85
N PRO A 902 5.36 -22.53 22.20
CA PRO A 902 6.66 -23.22 22.13
C PRO A 902 7.31 -23.33 23.50
N GLU A 903 8.32 -24.18 23.57
CA GLU A 903 9.00 -24.44 24.83
C GLU A 903 9.66 -23.17 25.35
N LYS A 904 9.65 -23.02 26.67
CA LYS A 904 10.34 -21.91 27.29
C LYS A 904 11.85 -22.09 27.13
N TYR A 905 12.55 -21.03 26.73
CA TYR A 905 13.91 -21.35 26.38
C TYR A 905 14.88 -21.01 27.51
N PRO A 906 15.97 -21.77 27.62
CA PRO A 906 16.93 -21.55 28.71
C PRO A 906 17.70 -20.26 28.50
N PRO A 907 18.34 -19.74 29.55
CA PRO A 907 19.03 -18.45 29.45
C PRO A 907 20.32 -18.58 28.65
N PRO A 908 20.82 -17.47 28.12
CA PRO A 908 22.08 -17.53 27.36
C PRO A 908 23.26 -17.81 28.26
N THR A 909 24.32 -18.32 27.64
CA THR A 909 25.56 -18.60 28.36
C THR A 909 26.12 -17.31 28.94
N GLU A 910 26.54 -17.38 30.19
CA GLU A 910 27.06 -16.20 30.88
C GLU A 910 28.50 -15.95 30.48
N LEU A 911 28.81 -14.70 30.15
CA LEU A 911 30.15 -14.32 29.74
C LEU A 911 31.06 -14.30 30.97
N LEU A 912 31.93 -15.29 31.07
CA LEU A 912 32.84 -15.36 32.21
C LEU A 912 33.85 -14.22 32.13
N ASP A 913 34.03 -13.52 33.24
CA ASP A 913 34.98 -12.41 33.31
C ASP A 913 36.37 -12.99 33.50
N LEU A 914 37.02 -13.32 32.38
CA LEU A 914 38.36 -13.88 32.38
C LEU A 914 39.34 -12.86 31.84
N GLN A 915 40.58 -12.96 32.28
CA GLN A 915 41.61 -12.06 31.78
C GLN A 915 41.84 -12.34 30.29
N PRO A 916 42.04 -11.31 29.48
CA PRO A 916 42.19 -11.52 28.04
C PRO A 916 43.34 -12.46 27.72
N LEU A 917 43.13 -13.29 26.73
CA LEU A 917 44.10 -14.32 26.38
C LEU A 917 45.17 -13.74 25.45
N PRO A 918 46.44 -13.85 25.80
CA PRO A 918 47.50 -13.40 24.89
C PRO A 918 47.59 -14.28 23.66
N VAL A 919 48.06 -13.68 22.56
CA VAL A 919 48.24 -14.43 21.32
C VAL A 919 49.25 -15.55 21.52
N SER A 920 50.20 -15.37 22.44
CA SER A 920 51.18 -16.40 22.73
C SER A 920 50.58 -17.64 23.39
N ALA A 921 49.26 -17.66 23.62
CA ALA A 921 48.64 -18.86 24.19
C ALA A 921 48.80 -20.05 23.26
N LEU A 922 48.65 -19.83 21.96
CA LEU A 922 48.94 -20.87 20.99
C LEU A 922 50.41 -21.23 21.06
N ARG A 923 50.70 -22.48 21.42
CA ARG A 923 52.08 -22.89 21.62
C ARG A 923 52.88 -22.78 20.33
N ASN A 924 52.29 -23.20 19.21
CA ASN A 924 53.00 -23.18 17.94
C ASN A 924 53.40 -21.75 17.56
N SER A 925 54.66 -21.60 17.14
CA SER A 925 55.18 -20.27 16.85
C SER A 925 54.66 -19.73 15.53
N ALA A 926 54.44 -20.60 14.55
CA ALA A 926 54.01 -20.14 13.23
C ALA A 926 52.66 -19.46 13.29
N PHE A 927 51.73 -20.00 14.08
CA PHE A 927 50.38 -19.43 14.12
C PHE A 927 50.38 -18.05 14.73
N GLU A 928 51.26 -17.80 15.70
CA GLU A 928 51.23 -16.54 16.43
C GLU A 928 51.42 -15.36 15.51
N SER A 929 52.29 -15.50 14.50
CA SER A 929 52.55 -14.40 13.57
C SER A 929 51.29 -13.98 12.81
N LEU A 930 50.31 -14.87 12.71
CA LEU A 930 49.07 -14.52 12.01
C LEU A 930 48.32 -13.44 12.74
N TYR A 931 48.29 -13.51 14.07
CA TYR A 931 47.52 -12.56 14.87
C TYR A 931 48.40 -11.61 15.67
N GLN A 932 49.72 -11.75 15.62
CA GLN A 932 50.58 -10.93 16.44
C GLN A 932 50.45 -9.45 16.11
N ASP A 933 50.41 -9.12 14.82
CA ASP A 933 50.27 -7.73 14.43
C ASP A 933 48.84 -7.22 14.59
N LYS A 934 47.85 -8.09 14.38
CA LYS A 934 46.46 -7.65 14.43
C LYS A 934 46.08 -7.15 15.82
N PHE A 935 46.41 -7.93 16.85
CA PHE A 935 46.03 -7.59 18.22
C PHE A 935 46.92 -8.38 19.17
N PRO A 936 47.12 -7.89 20.39
CA PRO A 936 47.91 -8.65 21.35
C PRO A 936 47.09 -9.63 22.17
N PHE A 937 45.78 -9.42 22.22
CA PHE A 937 44.90 -10.24 23.05
C PHE A 937 43.64 -10.59 22.29
N PHE A 938 43.19 -11.83 22.46
CA PHE A 938 41.87 -12.21 21.97
C PHE A 938 40.79 -11.57 22.83
N ASN A 939 39.70 -11.16 22.19
CA ASN A 939 38.61 -10.48 22.89
C ASN A 939 37.87 -11.48 23.78
N PRO A 940 37.01 -11.02 24.69
CA PRO A 940 36.48 -11.93 25.73
C PRO A 940 35.80 -13.18 25.21
N ILE A 941 35.01 -13.07 24.14
CA ILE A 941 34.32 -14.25 23.63
C ILE A 941 35.31 -15.29 23.16
N GLN A 942 36.30 -14.87 22.38
CA GLN A 942 37.31 -15.79 21.87
C GLN A 942 38.10 -16.41 23.01
N THR A 943 38.41 -15.62 24.04
CA THR A 943 39.12 -16.17 25.19
C THR A 943 38.29 -17.24 25.88
N GLN A 944 36.99 -17.00 26.06
CA GLN A 944 36.15 -17.97 26.72
C GLN A 944 36.03 -19.26 25.92
N VAL A 945 35.90 -19.13 24.59
CA VAL A 945 35.67 -20.32 23.76
C VAL A 945 36.97 -21.02 23.39
N PHE A 946 38.12 -20.37 23.60
CA PHE A 946 39.39 -20.87 23.08
C PHE A 946 39.72 -22.25 23.63
N ASN A 947 39.58 -22.46 24.93
CA ASN A 947 39.98 -23.73 25.50
C ASN A 947 39.25 -24.89 24.83
N THR A 948 37.93 -24.77 24.74
CA THR A 948 37.13 -25.84 24.14
C THR A 948 37.48 -26.02 22.67
N VAL A 949 37.54 -24.93 21.91
CA VAL A 949 37.71 -25.07 20.47
C VAL A 949 39.11 -25.57 20.12
N TYR A 950 40.13 -24.95 20.70
CA TYR A 950 41.51 -25.27 20.32
C TYR A 950 41.99 -26.57 20.95
N ASN A 951 41.61 -26.85 22.19
CA ASN A 951 42.20 -27.98 22.90
C ASN A 951 41.34 -29.24 22.88
N SER A 952 40.02 -29.09 22.93
CA SER A 952 39.17 -30.28 22.85
C SER A 952 38.89 -30.64 21.40
N ASP A 953 38.54 -31.91 21.20
CA ASP A 953 38.26 -32.44 19.86
C ASP A 953 36.76 -32.63 19.62
N ASP A 954 35.93 -32.25 20.57
CA ASP A 954 34.50 -32.48 20.47
C ASP A 954 33.82 -31.36 19.69
N ASN A 955 32.60 -31.64 19.23
CA ASN A 955 31.84 -30.64 18.50
C ASN A 955 31.53 -29.46 19.39
N VAL A 956 31.52 -28.27 18.80
CA VAL A 956 31.31 -27.03 19.54
C VAL A 956 30.37 -26.14 18.76
N PHE A 957 29.47 -25.47 19.47
CA PHE A 957 28.56 -24.50 18.91
C PHE A 957 28.81 -23.15 19.54
N VAL A 958 29.01 -22.13 18.72
CA VAL A 958 29.29 -20.78 19.19
C VAL A 958 28.19 -19.86 18.67
N GLY A 959 27.47 -19.23 19.59
CA GLY A 959 26.44 -18.29 19.20
C GLY A 959 26.70 -16.93 19.78
N ALA A 960 26.99 -15.95 18.92
CA ALA A 960 27.31 -14.61 19.36
C ALA A 960 26.82 -13.64 18.29
N PRO A 961 26.48 -12.41 18.65
CA PRO A 961 26.04 -11.45 17.65
C PRO A 961 27.13 -11.16 16.64
N THR A 962 26.70 -10.88 15.40
CA THR A 962 27.66 -10.65 14.33
C THR A 962 28.55 -9.46 14.63
N GLY A 963 29.82 -9.58 14.29
CA GLY A 963 30.79 -8.58 14.65
C GLY A 963 31.54 -8.85 15.94
N SER A 964 31.43 -10.06 16.49
CA SER A 964 32.12 -10.42 17.71
C SER A 964 33.31 -11.33 17.45
N GLY A 965 33.81 -11.37 16.23
CA GLY A 965 34.96 -12.18 15.90
C GLY A 965 34.72 -13.68 16.00
N LYS A 966 33.59 -14.16 15.48
CA LYS A 966 33.31 -15.58 15.50
C LYS A 966 34.23 -16.36 14.57
N THR A 967 34.71 -15.72 13.50
CA THR A 967 35.56 -16.41 12.54
C THR A 967 36.85 -16.91 13.19
N ILE A 968 37.36 -16.18 14.17
CA ILE A 968 38.60 -16.60 14.82
C ILE A 968 38.40 -17.92 15.55
N CYS A 969 37.18 -18.22 16.00
CA CYS A 969 36.93 -19.53 16.58
C CYS A 969 37.08 -20.63 15.54
N ALA A 970 36.55 -20.41 14.33
CA ALA A 970 36.76 -21.37 13.25
C ALA A 970 38.23 -21.50 12.94
N GLU A 971 38.97 -20.39 12.97
CA GLU A 971 40.40 -20.46 12.73
C GLU A 971 41.11 -21.27 13.81
N PHE A 972 40.66 -21.14 15.06
CA PHE A 972 41.22 -21.96 16.12
C PHE A 972 40.98 -23.44 15.85
N ALA A 973 39.77 -23.79 15.41
CA ALA A 973 39.47 -25.17 15.07
C ALA A 973 40.36 -25.66 13.93
N ILE A 974 40.58 -24.81 12.93
CA ILE A 974 41.42 -25.19 11.81
C ILE A 974 42.86 -25.41 12.25
N LEU A 975 43.39 -24.54 13.10
CA LEU A 975 44.75 -24.72 13.59
C LEU A 975 44.86 -25.98 14.43
N ARG A 976 43.82 -26.29 15.21
CA ARG A 976 43.78 -27.55 15.93
C ARG A 976 43.85 -28.73 14.97
N MET A 977 43.09 -28.65 13.87
CA MET A 977 43.14 -29.71 12.86
C MET A 977 44.55 -29.85 12.28
N LEU A 978 45.20 -28.72 12.00
CA LEU A 978 46.58 -28.75 11.51
C LEU A 978 47.50 -29.43 12.50
N LEU A 979 47.29 -29.19 13.80
CA LEU A 979 48.05 -29.91 14.81
C LEU A 979 47.79 -31.40 14.75
N GLN A 980 46.53 -31.80 14.55
CA GLN A 980 46.19 -33.22 14.55
C GLN A 980 46.91 -33.96 13.43
N SER A 981 46.93 -33.38 12.23
CA SER A 981 47.58 -34.01 11.09
C SER A 981 48.24 -32.95 10.24
N SER A 982 49.45 -33.26 9.74
CA SER A 982 50.16 -32.30 8.91
C SER A 982 49.37 -31.97 7.65
N GLU A 983 48.79 -32.97 7.01
CA GLU A 983 47.86 -32.76 5.91
C GLU A 983 46.45 -33.01 6.42
N GLY A 984 45.62 -31.97 6.39
CA GLY A 984 44.26 -32.06 6.86
C GLY A 984 43.29 -31.57 5.80
N ARG A 985 42.01 -31.77 6.07
CA ARG A 985 40.95 -31.39 5.14
C ARG A 985 39.78 -30.82 5.93
N CYS A 986 39.60 -29.51 5.86
CA CYS A 986 38.52 -28.82 6.54
C CYS A 986 37.58 -28.21 5.51
N VAL A 987 36.28 -28.36 5.75
CA VAL A 987 35.25 -27.83 4.85
C VAL A 987 34.54 -26.71 5.59
N TYR A 988 34.52 -25.53 4.99
CA TYR A 988 33.88 -24.35 5.56
C TYR A 988 32.73 -23.96 4.66
N ILE A 989 31.53 -23.86 5.24
CA ILE A 989 30.30 -23.64 4.49
C ILE A 989 29.72 -22.29 4.87
N THR A 990 29.39 -21.49 3.87
CA THR A 990 28.75 -20.19 4.09
C THR A 990 27.53 -20.08 3.19
N PRO A 991 26.38 -19.70 3.71
CA PRO A 991 25.17 -19.66 2.87
C PRO A 991 25.25 -18.71 1.70
N MET A 992 26.07 -17.67 1.78
CA MET A 992 26.13 -16.64 0.75
C MET A 992 27.43 -16.77 -0.03
N GLU A 993 27.33 -16.68 -1.35
CA GLU A 993 28.52 -16.80 -2.19
C GLU A 993 29.47 -15.62 -1.99
N ALA A 994 28.91 -14.42 -1.82
CA ALA A 994 29.76 -13.24 -1.63
C ALA A 994 30.52 -13.33 -0.32
N LEU A 995 29.86 -13.76 0.74
CA LEU A 995 30.56 -14.04 1.99
C LEU A 995 31.63 -15.09 1.78
N ALA A 996 31.35 -16.08 0.92
CA ALA A 996 32.33 -17.12 0.65
C ALA A 996 33.57 -16.53 0.00
N GLU A 997 33.40 -15.62 -0.96
CA GLU A 997 34.56 -15.00 -1.59
C GLU A 997 35.34 -14.12 -0.62
N GLN A 998 34.63 -13.38 0.23
CA GLN A 998 35.27 -12.56 1.23
C GLN A 998 36.13 -13.41 2.16
N VAL A 999 35.53 -14.46 2.73
CA VAL A 999 36.26 -15.37 3.60
C VAL A 999 37.39 -16.04 2.83
N TYR A 1000 37.18 -16.33 1.55
CA TYR A 1000 38.21 -17.00 0.78
C TYR A 1000 39.44 -16.14 0.65
N MET A 1001 39.27 -14.87 0.30
CA MET A 1001 40.46 -14.03 0.16
C MET A 1001 41.15 -13.83 1.50
N ASP A 1002 40.36 -13.64 2.57
CA ASP A 1002 40.97 -13.49 3.89
C ASP A 1002 41.77 -14.72 4.27
N TRP A 1003 41.17 -15.90 4.20
CA TRP A 1003 41.86 -17.11 4.61
C TRP A 1003 42.96 -17.49 3.64
N TYR A 1004 42.85 -17.11 2.38
CA TYR A 1004 43.93 -17.35 1.44
C TYR A 1004 45.17 -16.58 1.86
N GLU A 1005 45.04 -15.27 2.04
CA GLU A 1005 46.19 -14.49 2.46
C GLU A 1005 46.65 -14.85 3.87
N LYS A 1006 45.80 -15.51 4.65
CA LYS A 1006 46.20 -15.91 6.00
C LYS A 1006 46.96 -17.23 6.01
N PHE A 1007 46.48 -18.23 5.28
CA PHE A 1007 47.03 -19.58 5.34
C PHE A 1007 47.95 -19.91 4.17
N GLN A 1008 47.53 -19.65 2.94
CA GLN A 1008 48.32 -20.04 1.78
C GLN A 1008 49.67 -19.34 1.74
N ASP A 1009 49.79 -18.18 2.38
CA ASP A 1009 51.05 -17.45 2.42
C ASP A 1009 51.86 -17.79 3.66
N ARG A 1010 51.26 -17.60 4.84
CA ARG A 1010 51.99 -17.83 6.08
C ARG A 1010 52.29 -19.30 6.29
N LEU A 1011 51.29 -20.16 6.15
CA LEU A 1011 51.44 -21.58 6.42
C LEU A 1011 51.58 -22.42 5.15
N ASN A 1012 51.45 -21.81 3.98
CA ASN A 1012 51.57 -22.51 2.71
C ASN A 1012 50.64 -23.71 2.63
N LYS A 1013 49.45 -23.56 3.19
CA LYS A 1013 48.41 -24.57 3.09
C LYS A 1013 47.50 -24.27 1.93
N LYS A 1014 46.99 -25.33 1.29
CA LYS A 1014 46.15 -25.17 0.12
C LYS A 1014 44.75 -24.73 0.54
N VAL A 1015 44.37 -23.53 0.13
CA VAL A 1015 43.04 -22.98 0.35
C VAL A 1015 42.36 -22.84 -1.00
N VAL A 1016 41.20 -23.47 -1.16
CA VAL A 1016 40.51 -23.48 -2.44
C VAL A 1016 39.07 -23.05 -2.23
N LEU A 1017 38.48 -22.52 -3.29
CA LEU A 1017 37.09 -22.11 -3.30
C LEU A 1017 36.37 -22.86 -4.42
N LEU A 1018 35.25 -23.48 -4.09
CA LEU A 1018 34.58 -24.36 -5.03
C LEU A 1018 33.68 -23.57 -5.98
N THR A 1019 33.66 -24.01 -7.24
CA THR A 1019 32.82 -23.43 -8.28
C THR A 1019 31.66 -24.38 -8.57
N GLY A 1020 30.86 -24.01 -9.57
CA GLY A 1020 29.71 -24.83 -9.92
C GLY A 1020 30.09 -26.18 -10.52
N GLU A 1021 31.14 -26.20 -11.33
CA GLU A 1021 31.49 -27.41 -12.07
C GLU A 1021 31.87 -28.53 -11.11
N THR A 1022 31.52 -29.76 -11.48
CA THR A 1022 31.68 -30.90 -10.59
C THR A 1022 33.08 -31.50 -10.62
N SER A 1023 33.67 -31.68 -11.82
CA SER A 1023 35.00 -32.25 -11.89
C SER A 1023 36.04 -31.33 -11.27
N THR A 1024 35.91 -30.02 -11.50
CA THR A 1024 36.80 -29.07 -10.86
C THR A 1024 36.64 -29.10 -9.35
N ASP A 1025 35.40 -29.24 -8.87
CA ASP A 1025 35.18 -29.37 -7.43
C ASP A 1025 35.84 -30.61 -6.88
N LEU A 1026 35.76 -31.73 -7.60
CA LEU A 1026 36.41 -32.94 -7.15
C LEU A 1026 37.92 -32.76 -7.06
N LYS A 1027 38.52 -32.13 -8.08
CA LYS A 1027 39.96 -31.90 -8.05
C LYS A 1027 40.34 -30.98 -6.90
N LEU A 1028 39.57 -29.91 -6.69
CA LEU A 1028 39.87 -28.98 -5.60
C LEU A 1028 39.76 -29.67 -4.24
N LEU A 1029 38.73 -30.49 -4.05
CA LEU A 1029 38.59 -31.22 -2.81
C LEU A 1029 39.74 -32.19 -2.62
N GLY A 1030 40.22 -32.80 -3.70
CA GLY A 1030 41.36 -33.69 -3.59
C GLY A 1030 42.63 -32.96 -3.19
N LYS A 1031 42.87 -31.79 -3.78
CA LYS A 1031 44.12 -31.08 -3.53
C LYS A 1031 44.05 -30.10 -2.38
N GLY A 1032 42.87 -29.57 -2.07
CA GLY A 1032 42.77 -28.53 -1.08
C GLY A 1032 42.86 -29.04 0.35
N ASN A 1033 43.20 -28.13 1.25
CA ASN A 1033 43.21 -28.38 2.69
C ASN A 1033 42.12 -27.63 3.42
N ILE A 1034 41.80 -26.41 3.00
CA ILE A 1034 40.73 -25.62 3.57
C ILE A 1034 39.70 -25.41 2.48
N ILE A 1035 38.58 -26.12 2.57
CA ILE A 1035 37.55 -26.08 1.55
C ILE A 1035 36.56 -24.97 1.89
N ILE A 1036 36.35 -24.06 0.95
CA ILE A 1036 35.37 -22.99 1.10
C ILE A 1036 34.27 -23.23 0.08
N SER A 1037 33.02 -23.24 0.54
CA SER A 1037 31.93 -23.59 -0.35
C SER A 1037 30.63 -23.01 0.18
N THR A 1038 29.65 -22.98 -0.70
CA THR A 1038 28.27 -22.64 -0.39
C THR A 1038 27.45 -23.91 -0.20
N PRO A 1039 26.29 -23.83 0.45
CA PRO A 1039 25.52 -25.06 0.69
C PRO A 1039 25.13 -25.79 -0.58
N GLU A 1040 24.83 -25.07 -1.67
CA GLU A 1040 24.38 -25.73 -2.88
C GLU A 1040 25.52 -26.51 -3.54
N LYS A 1041 26.68 -25.89 -3.65
CA LYS A 1041 27.82 -26.57 -4.29
C LYS A 1041 28.24 -27.78 -3.48
N TRP A 1042 28.31 -27.65 -2.16
CA TRP A 1042 28.67 -28.80 -1.35
C TRP A 1042 27.59 -29.86 -1.37
N ASP A 1043 26.33 -29.47 -1.48
CA ASP A 1043 25.25 -30.44 -1.62
C ASP A 1043 25.41 -31.26 -2.89
N ILE A 1044 25.68 -30.58 -4.01
CA ILE A 1044 25.95 -31.27 -5.26
C ILE A 1044 27.12 -32.22 -5.10
N LEU A 1045 28.19 -31.74 -4.46
CA LEU A 1045 29.41 -32.54 -4.35
C LEU A 1045 29.20 -33.77 -3.48
N SER A 1046 28.49 -33.62 -2.37
CA SER A 1046 28.41 -34.66 -1.35
C SER A 1046 27.13 -35.48 -1.41
N ARG A 1047 26.25 -35.23 -2.38
CA ARG A 1047 25.08 -36.09 -2.52
C ARG A 1047 25.51 -37.53 -2.76
N ARG A 1048 26.50 -37.74 -3.62
CA ARG A 1048 27.02 -39.08 -3.87
C ARG A 1048 28.22 -39.38 -2.98
N TRP A 1049 28.03 -39.20 -1.67
CA TRP A 1049 29.16 -39.33 -0.76
C TRP A 1049 29.68 -40.76 -0.68
N LYS A 1050 28.84 -41.74 -1.01
CA LYS A 1050 29.31 -43.12 -1.00
C LYS A 1050 30.33 -43.36 -2.10
N GLN A 1051 30.14 -42.73 -3.27
CA GLN A 1051 31.11 -42.85 -4.34
C GLN A 1051 32.39 -42.10 -4.02
N ARG A 1052 32.27 -40.85 -3.58
CA ARG A 1052 33.44 -39.99 -3.37
C ARG A 1052 34.05 -40.27 -2.01
N LYS A 1053 35.29 -40.74 -2.00
CA LYS A 1053 35.97 -40.99 -0.74
C LYS A 1053 36.46 -39.69 -0.10
N ASN A 1054 36.82 -38.70 -0.90
CA ASN A 1054 37.32 -37.45 -0.35
C ASN A 1054 36.25 -36.73 0.46
N VAL A 1055 34.98 -36.89 0.10
CA VAL A 1055 33.91 -36.30 0.90
C VAL A 1055 33.86 -36.96 2.27
N GLN A 1056 34.03 -38.28 2.31
CA GLN A 1056 33.93 -38.99 3.58
C GLN A 1056 35.03 -38.57 4.55
N ASN A 1057 36.28 -38.61 4.09
CA ASN A 1057 37.42 -38.38 4.98
C ASN A 1057 37.77 -36.89 5.00
N ILE A 1058 36.93 -36.13 5.69
CA ILE A 1058 37.24 -34.74 6.03
C ILE A 1058 37.34 -34.64 7.54
N ASN A 1059 38.40 -33.98 8.01
CA ASN A 1059 38.65 -33.94 9.45
C ASN A 1059 37.69 -32.99 10.16
N LEU A 1060 37.41 -31.84 9.56
CA LEU A 1060 36.64 -30.80 10.23
C LEU A 1060 35.60 -30.25 9.27
N PHE A 1061 34.40 -29.97 9.79
CA PHE A 1061 33.31 -29.41 9.00
C PHE A 1061 32.77 -28.20 9.76
N VAL A 1062 33.19 -27.01 9.35
CA VAL A 1062 32.79 -25.77 9.99
C VAL A 1062 31.67 -25.16 9.17
N VAL A 1063 30.53 -24.92 9.80
CA VAL A 1063 29.40 -24.27 9.17
C VAL A 1063 29.21 -22.91 9.81
N ASP A 1064 29.08 -21.88 8.98
CA ASP A 1064 28.97 -20.51 9.45
C ASP A 1064 27.60 -19.97 9.11
N GLU A 1065 27.14 -19.01 9.91
CA GLU A 1065 25.82 -18.41 9.76
C GLU A 1065 24.74 -19.49 9.76
N VAL A 1066 24.89 -20.47 10.65
CA VAL A 1066 23.99 -21.61 10.67
C VAL A 1066 22.60 -21.23 11.18
N HIS A 1067 22.41 -20.00 11.64
CA HIS A 1067 21.07 -19.55 11.98
C HIS A 1067 20.22 -19.28 10.74
N LEU A 1068 20.81 -19.31 9.55
CA LEU A 1068 20.10 -19.10 8.31
C LEU A 1068 19.32 -20.32 7.87
N ILE A 1069 19.20 -21.34 8.72
CA ILE A 1069 18.35 -22.48 8.41
C ILE A 1069 16.90 -22.04 8.36
N GLY A 1070 16.52 -21.09 9.20
CA GLY A 1070 15.17 -20.58 9.20
C GLY A 1070 14.84 -19.67 8.04
N GLY A 1071 15.84 -19.28 7.26
CA GLY A 1071 15.61 -18.42 6.12
C GLY A 1071 15.46 -19.21 4.84
N GLU A 1072 15.19 -18.47 3.76
CA GLU A 1072 15.13 -19.08 2.44
C GLU A 1072 16.50 -19.62 2.06
N ASN A 1073 16.51 -20.76 1.37
CA ASN A 1073 17.70 -21.57 1.08
C ASN A 1073 18.27 -22.22 2.33
N GLY A 1074 17.58 -22.12 3.46
CA GLY A 1074 17.95 -22.82 4.66
C GLY A 1074 17.85 -24.33 4.60
N PRO A 1075 16.83 -24.90 3.93
CA PRO A 1075 16.75 -26.36 3.87
C PRO A 1075 17.97 -27.02 3.27
N VAL A 1076 18.64 -26.39 2.30
CA VAL A 1076 19.86 -26.97 1.75
C VAL A 1076 20.93 -27.08 2.82
N LEU A 1077 21.10 -26.01 3.61
CA LEU A 1077 22.08 -26.04 4.68
C LEU A 1077 21.73 -27.10 5.71
N GLU A 1078 20.46 -27.21 6.06
CA GLU A 1078 20.03 -28.24 7.01
C GLU A 1078 20.33 -29.62 6.47
N VAL A 1079 20.06 -29.85 5.19
CA VAL A 1079 20.28 -31.16 4.60
C VAL A 1079 21.76 -31.50 4.59
N ILE A 1080 22.63 -30.55 4.25
CA ILE A 1080 24.04 -30.88 4.19
C ILE A 1080 24.60 -31.11 5.58
N CYS A 1081 24.14 -30.36 6.58
CA CYS A 1081 24.61 -30.60 7.94
C CYS A 1081 24.14 -31.95 8.45
N SER A 1082 22.88 -32.30 8.20
CA SER A 1082 22.38 -33.60 8.62
C SER A 1082 23.12 -34.72 7.91
N ARG A 1083 23.43 -34.52 6.62
CA ARG A 1083 24.18 -35.52 5.88
C ARG A 1083 25.57 -35.69 6.47
N MET A 1084 26.21 -34.59 6.86
CA MET A 1084 27.54 -34.71 7.48
C MET A 1084 27.47 -35.48 8.79
N ARG A 1085 26.45 -35.22 9.60
CA ARG A 1085 26.29 -35.98 10.85
C ARG A 1085 26.09 -37.46 10.56
N TYR A 1086 25.19 -37.78 9.64
CA TYR A 1086 24.92 -39.18 9.32
C TYR A 1086 26.15 -39.85 8.74
N ILE A 1087 26.91 -39.15 7.90
CA ILE A 1087 28.13 -39.70 7.33
C ILE A 1087 29.14 -39.99 8.43
N SER A 1088 29.33 -39.03 9.34
CA SER A 1088 30.25 -39.23 10.45
C SER A 1088 29.85 -40.42 11.31
N SER A 1089 28.56 -40.74 11.35
CA SER A 1089 28.14 -41.90 12.12
C SER A 1089 28.76 -43.18 11.60
N GLN A 1090 28.84 -43.34 10.28
CA GLN A 1090 29.25 -44.61 9.68
C GLN A 1090 30.72 -44.68 9.30
N ILE A 1091 31.49 -43.61 9.47
CA ILE A 1091 32.90 -43.62 9.06
C ILE A 1091 33.81 -44.19 10.13
N GLU A 1092 33.37 -44.24 11.39
CA GLU A 1092 34.18 -44.73 12.50
C GLU A 1092 35.42 -43.86 12.72
N ARG A 1093 35.32 -42.59 12.35
CA ARG A 1093 36.31 -41.59 12.71
C ARG A 1093 35.58 -40.27 12.71
N PRO A 1094 35.13 -39.80 13.87
CA PRO A 1094 34.14 -38.72 13.91
C PRO A 1094 34.63 -37.45 13.21
N ILE A 1095 33.73 -36.82 12.48
CA ILE A 1095 34.00 -35.56 11.80
C ILE A 1095 33.60 -34.44 12.75
N ARG A 1096 34.58 -33.68 13.21
CA ARG A 1096 34.28 -32.58 14.12
C ARG A 1096 33.47 -31.50 13.40
N ILE A 1097 32.45 -30.99 14.08
CA ILE A 1097 31.58 -29.97 13.53
C ILE A 1097 31.63 -28.76 14.43
N VAL A 1098 31.95 -27.60 13.85
CA VAL A 1098 31.98 -26.34 14.56
C VAL A 1098 30.91 -25.44 13.94
N ALA A 1099 29.89 -25.13 14.70
CA ALA A 1099 28.77 -24.34 14.21
C ALA A 1099 28.89 -22.92 14.74
N LEU A 1100 28.95 -21.95 13.84
CA LEU A 1100 29.00 -20.54 14.19
C LEU A 1100 27.71 -19.89 13.74
N SER A 1101 27.09 -19.14 14.64
CA SER A 1101 25.81 -18.52 14.32
C SER A 1101 25.62 -17.26 15.15
N SER A 1102 24.54 -16.55 14.85
CA SER A 1102 24.11 -15.46 15.71
C SER A 1102 23.45 -16.03 16.95
N SER A 1103 23.11 -15.15 17.88
CA SER A 1103 22.53 -15.59 19.14
C SER A 1103 21.20 -16.27 18.91
N LEU A 1104 21.10 -17.53 19.32
CA LEU A 1104 19.89 -18.32 19.16
C LEU A 1104 19.23 -18.51 20.51
N SER A 1105 17.92 -18.27 20.57
CA SER A 1105 17.19 -18.58 21.80
C SER A 1105 17.19 -20.07 22.08
N ASN A 1106 16.91 -20.87 21.06
CA ASN A 1106 16.92 -22.32 21.17
C ASN A 1106 18.24 -22.90 20.65
N ALA A 1107 19.33 -22.49 21.29
CA ALA A 1107 20.63 -23.05 20.92
C ALA A 1107 20.79 -24.48 21.41
N LYS A 1108 19.96 -24.91 22.35
CA LYS A 1108 20.03 -26.29 22.82
C LYS A 1108 19.59 -27.26 21.74
N ASP A 1109 18.57 -26.89 20.96
CA ASP A 1109 18.12 -27.75 19.88
C ASP A 1109 19.19 -27.90 18.80
N VAL A 1110 19.83 -26.79 18.42
CA VAL A 1110 20.87 -26.87 17.41
C VAL A 1110 22.06 -27.67 17.90
N ALA A 1111 22.44 -27.48 19.16
CA ALA A 1111 23.54 -28.25 19.71
C ALA A 1111 23.21 -29.73 19.77
N HIS A 1112 21.98 -30.07 20.16
CA HIS A 1112 21.58 -31.47 20.20
C HIS A 1112 21.57 -32.08 18.81
N TRP A 1113 21.10 -31.32 17.82
CA TRP A 1113 21.06 -31.83 16.46
C TRP A 1113 22.44 -32.09 15.91
N LEU A 1114 23.38 -31.20 16.18
CA LEU A 1114 24.74 -31.32 15.66
C LEU A 1114 25.67 -32.06 16.60
N GLY A 1115 25.16 -32.57 17.72
CA GLY A 1115 25.98 -33.35 18.62
C GLY A 1115 26.81 -32.58 19.61
N CYS A 1116 26.68 -31.25 19.64
CA CYS A 1116 27.44 -30.46 20.59
C CYS A 1116 26.94 -30.72 22.01
N SER A 1117 27.87 -30.90 22.94
CA SER A 1117 27.48 -31.16 24.32
C SER A 1117 26.98 -29.89 24.98
N ALA A 1118 26.41 -30.06 26.17
CA ALA A 1118 25.91 -28.90 26.91
C ALA A 1118 27.04 -27.99 27.35
N THR A 1119 28.18 -28.57 27.76
CA THR A 1119 29.31 -27.77 28.21
C THR A 1119 30.07 -27.12 27.07
N SER A 1120 29.88 -27.58 25.83
CA SER A 1120 30.56 -27.02 24.67
C SER A 1120 29.61 -26.23 23.79
N THR A 1121 28.54 -25.69 24.36
CA THR A 1121 27.58 -24.86 23.64
C THR A 1121 27.66 -23.46 24.22
N PHE A 1122 28.19 -22.52 23.45
CA PHE A 1122 28.37 -21.15 23.91
C PHE A 1122 27.35 -20.28 23.18
N ASN A 1123 26.23 -20.01 23.83
CA ASN A 1123 25.18 -19.16 23.29
C ASN A 1123 25.16 -17.87 24.10
N PHE A 1124 25.62 -16.78 23.50
CA PHE A 1124 25.79 -15.52 24.22
C PHE A 1124 24.67 -14.55 23.88
N HIS A 1125 24.25 -13.77 24.88
CA HIS A 1125 23.22 -12.77 24.67
C HIS A 1125 23.73 -11.69 23.71
N PRO A 1126 22.85 -11.10 22.91
CA PRO A 1126 23.29 -10.10 21.93
C PRO A 1126 23.99 -8.89 22.54
N ASN A 1127 23.95 -8.69 23.85
CA ASN A 1127 24.62 -7.57 24.47
C ASN A 1127 26.10 -7.83 24.73
N VAL A 1128 26.60 -9.03 24.39
CA VAL A 1128 28.01 -9.36 24.58
C VAL A 1128 28.90 -8.78 23.50
N ARG A 1129 28.32 -8.08 22.53
CA ARG A 1129 29.09 -7.57 21.40
C ARG A 1129 30.15 -6.61 21.87
N PRO A 1130 31.39 -6.71 21.37
CA PRO A 1130 32.46 -5.84 21.89
C PRO A 1130 32.18 -4.35 21.73
N VAL A 1131 31.56 -3.96 20.63
CA VAL A 1131 31.16 -2.57 20.41
C VAL A 1131 29.68 -2.45 20.77
N PRO A 1132 29.32 -1.69 21.79
CA PRO A 1132 27.91 -1.59 22.16
C PRO A 1132 27.08 -1.00 21.02
N LEU A 1133 25.84 -1.46 20.93
CA LEU A 1133 24.94 -1.07 19.85
C LEU A 1133 23.87 -0.13 20.39
N GLU A 1134 23.76 1.04 19.80
CA GLU A 1134 22.69 1.99 20.10
C GLU A 1134 21.71 1.95 18.94
N LEU A 1135 20.54 1.37 19.18
CA LEU A 1135 19.57 1.13 18.12
C LEU A 1135 18.32 1.96 18.37
N HIS A 1136 17.91 2.71 17.36
CA HIS A 1136 16.70 3.54 17.43
C HIS A 1136 15.79 3.18 16.27
N ILE A 1137 14.49 3.18 16.51
CA ILE A 1137 13.50 2.79 15.52
C ILE A 1137 12.52 3.93 15.32
N GLN A 1138 12.27 4.29 14.07
CA GLN A 1138 11.32 5.33 13.71
C GLN A 1138 10.16 4.72 12.94
N GLY A 1139 8.95 5.16 13.25
CA GLY A 1139 7.79 4.66 12.56
C GLY A 1139 7.15 5.69 11.64
N PHE A 1140 6.99 5.34 10.38
CA PHE A 1140 6.36 6.21 9.39
C PHE A 1140 5.02 5.60 9.01
N ASN A 1141 3.94 6.27 9.44
CA ASN A 1141 2.59 5.71 9.30
C ASN A 1141 1.99 6.07 7.94
N ILE A 1142 2.63 5.58 6.88
CA ILE A 1142 2.14 5.76 5.52
C ILE A 1142 1.92 4.37 4.93
N SER A 1143 0.67 4.07 4.56
CA SER A 1143 0.36 2.78 3.98
C SER A 1143 1.02 2.61 2.62
N HIS A 1144 0.97 3.65 1.80
CA HIS A 1144 1.57 3.58 0.47
C HIS A 1144 3.10 3.53 0.60
N THR A 1145 3.71 2.53 -0.02
CA THR A 1145 5.15 2.35 0.15
C THR A 1145 5.94 3.41 -0.60
N GLN A 1146 5.52 3.74 -1.82
CA GLN A 1146 6.21 4.78 -2.57
C GLN A 1146 6.15 6.11 -1.84
N THR A 1147 4.97 6.46 -1.32
CA THR A 1147 4.84 7.70 -0.56
C THR A 1147 5.70 7.66 0.70
N ARG A 1148 5.73 6.52 1.39
CA ARG A 1148 6.57 6.41 2.58
C ARG A 1148 8.03 6.64 2.23
N LEU A 1149 8.52 6.00 1.17
CA LEU A 1149 9.91 6.16 0.77
C LEU A 1149 10.21 7.60 0.40
N LEU A 1150 9.36 8.21 -0.41
CA LEU A 1150 9.61 9.59 -0.84
C LEU A 1150 9.60 10.53 0.35
N SER A 1151 8.67 10.34 1.28
CA SER A 1151 8.57 11.23 2.43
C SER A 1151 9.69 11.04 3.43
N MET A 1152 10.30 9.86 3.49
CA MET A 1152 11.32 9.61 4.48
C MET A 1152 12.73 9.97 4.02
N ALA A 1153 12.87 10.70 2.91
CA ALA A 1153 14.21 11.06 2.43
C ALA A 1153 14.90 12.04 3.36
N LYS A 1154 14.23 13.14 3.68
CA LYS A 1154 14.83 14.13 4.58
C LYS A 1154 15.10 13.58 5.98
N PRO A 1155 14.24 12.77 6.59
CA PRO A 1155 14.60 12.18 7.89
C PRO A 1155 15.91 11.42 7.87
N VAL A 1156 16.28 10.83 6.74
CA VAL A 1156 17.59 10.18 6.64
C VAL A 1156 18.71 11.20 6.86
N TYR A 1157 18.60 12.35 6.19
CA TYR A 1157 19.63 13.38 6.36
C TYR A 1157 19.64 13.92 7.79
N HIS A 1158 18.46 14.10 8.38
CA HIS A 1158 18.42 14.59 9.76
C HIS A 1158 19.04 13.59 10.71
N ALA A 1159 18.81 12.29 10.48
CA ALA A 1159 19.45 11.26 11.28
C ALA A 1159 20.95 11.28 11.11
N ILE A 1160 21.42 11.49 9.87
CA ILE A 1160 22.86 11.57 9.63
C ILE A 1160 23.46 12.72 10.42
N THR A 1161 22.81 13.89 10.37
CA THR A 1161 23.33 15.04 11.09
C THR A 1161 23.31 14.81 12.59
N LYS A 1162 22.24 14.21 13.10
CA LYS A 1162 22.08 14.09 14.55
C LYS A 1162 23.00 13.03 15.14
N HIS A 1163 23.12 11.88 14.48
CA HIS A 1163 23.82 10.75 15.10
C HIS A 1163 25.27 10.65 14.68
N SER A 1164 25.57 10.78 13.39
CA SER A 1164 26.92 10.64 12.87
C SER A 1164 27.23 11.84 11.99
N PRO A 1165 27.50 13.00 12.59
CA PRO A 1165 27.78 14.18 11.77
C PRO A 1165 29.09 14.11 11.02
N LYS A 1166 30.11 13.43 11.56
CA LYS A 1166 31.42 13.40 10.92
C LYS A 1166 32.04 12.02 10.94
N LYS A 1167 31.23 10.98 10.85
CA LYS A 1167 31.71 9.61 10.86
C LYS A 1167 30.99 8.83 9.77
N PRO A 1168 31.58 7.73 9.30
CA PRO A 1168 31.00 7.03 8.14
C PRO A 1168 29.59 6.54 8.40
N VAL A 1169 28.77 6.61 7.35
CA VAL A 1169 27.36 6.27 7.41
C VAL A 1169 27.02 5.35 6.24
N ILE A 1170 26.24 4.31 6.51
CA ILE A 1170 25.75 3.41 5.48
C ILE A 1170 24.23 3.46 5.50
N VAL A 1171 23.63 3.66 4.34
CA VAL A 1171 22.17 3.71 4.20
C VAL A 1171 21.76 2.53 3.32
N PHE A 1172 20.87 1.70 3.85
CA PHE A 1172 20.40 0.53 3.13
C PHE A 1172 19.00 0.82 2.59
N VAL A 1173 18.81 0.61 1.29
CA VAL A 1173 17.55 0.91 0.64
C VAL A 1173 17.03 -0.34 -0.04
N PRO A 1174 15.72 -0.46 -0.27
CA PRO A 1174 15.20 -1.73 -0.82
C PRO A 1174 15.65 -2.02 -2.23
N SER A 1175 15.51 -1.08 -3.15
CA SER A 1175 15.66 -1.37 -4.57
C SER A 1175 16.94 -0.76 -5.13
N ARG A 1176 17.23 -1.13 -6.38
CA ARG A 1176 18.46 -0.69 -7.04
C ARG A 1176 18.38 0.78 -7.43
N LYS A 1177 17.25 1.20 -8.00
CA LYS A 1177 17.10 2.60 -8.38
C LYS A 1177 17.04 3.50 -7.16
N GLN A 1178 16.55 2.96 -6.04
CA GLN A 1178 16.45 3.76 -4.82
C GLN A 1178 17.82 4.18 -4.33
N THR A 1179 18.88 3.44 -4.65
CA THR A 1179 20.22 3.87 -4.26
C THR A 1179 20.55 5.22 -4.88
N ARG A 1180 20.39 5.33 -6.21
CA ARG A 1180 20.67 6.58 -6.90
C ARG A 1180 19.70 7.67 -6.46
N LEU A 1181 18.42 7.34 -6.31
CA LEU A 1181 17.45 8.34 -5.90
C LEU A 1181 17.80 8.91 -4.53
N THR A 1182 18.15 8.05 -3.58
CA THR A 1182 18.47 8.51 -2.23
C THR A 1182 19.77 9.28 -2.21
N ALA A 1183 20.76 8.87 -3.02
CA ALA A 1183 21.99 9.65 -3.08
C ALA A 1183 21.72 11.06 -3.59
N ILE A 1184 20.93 11.17 -4.66
CA ILE A 1184 20.60 12.49 -5.19
C ILE A 1184 19.80 13.29 -4.18
N ASP A 1185 18.85 12.64 -3.48
CA ASP A 1185 18.04 13.36 -2.51
C ASP A 1185 18.88 13.87 -1.34
N ILE A 1186 19.83 13.06 -0.88
CA ILE A 1186 20.71 13.51 0.19
C ILE A 1186 21.56 14.69 -0.28
N LEU A 1187 22.07 14.61 -1.51
CA LEU A 1187 22.85 15.72 -2.04
C LEU A 1187 22.02 16.99 -2.11
N THR A 1188 20.79 16.90 -2.60
CA THR A 1188 19.96 18.09 -2.72
C THR A 1188 19.54 18.62 -1.36
N THR A 1189 19.36 17.73 -0.38
CA THR A 1189 18.95 18.19 0.94
C THR A 1189 20.11 18.87 1.67
N CYS A 1190 21.33 18.37 1.50
CA CYS A 1190 22.45 19.04 2.12
C CYS A 1190 22.82 20.32 1.36
N ALA A 1191 22.56 20.36 0.05
CA ALA A 1191 22.79 21.60 -0.69
C ALA A 1191 21.75 22.65 -0.36
N ALA A 1192 20.51 22.24 -0.08
CA ALA A 1192 19.49 23.18 0.38
C ALA A 1192 19.87 23.77 1.73
N ASP A 1193 20.48 22.97 2.59
CA ASP A 1193 21.12 23.51 3.78
C ASP A 1193 22.36 24.28 3.38
N ILE A 1194 22.85 25.10 4.31
CA ILE A 1194 23.97 25.98 4.00
C ILE A 1194 25.21 25.17 3.64
N GLN A 1195 25.48 24.11 4.40
CA GLN A 1195 26.70 23.34 4.24
C GLN A 1195 26.57 22.38 3.06
N ARG A 1196 27.34 22.64 2.01
CA ARG A 1196 27.43 21.77 0.85
C ARG A 1196 28.81 21.10 0.83
N GLN A 1197 28.85 19.87 0.33
CA GLN A 1197 30.05 19.04 0.35
C GLN A 1197 30.57 18.84 1.76
N ARG A 1198 29.66 18.74 2.73
CA ARG A 1198 30.08 18.42 4.09
C ARG A 1198 30.57 16.98 4.20
N PHE A 1199 30.03 16.09 3.39
CA PHE A 1199 30.37 14.68 3.49
C PHE A 1199 31.76 14.39 2.90
N LEU A 1200 32.15 15.13 1.87
CA LEU A 1200 33.47 14.95 1.28
C LEU A 1200 34.54 15.41 2.27
N HIS A 1201 35.47 14.52 2.60
CA HIS A 1201 36.49 14.79 3.61
C HIS A 1201 37.89 14.93 3.02
N CYS A 1202 38.00 15.16 1.72
CA CYS A 1202 39.30 15.34 1.10
C CYS A 1202 39.14 16.24 -0.12
N THR A 1203 40.26 16.77 -0.59
CA THR A 1203 40.24 17.63 -1.76
C THR A 1203 39.85 16.84 -3.00
N GLU A 1204 39.20 17.52 -3.94
CA GLU A 1204 38.78 16.87 -5.17
C GLU A 1204 39.97 16.44 -6.02
N LYS A 1205 41.08 17.18 -5.95
CA LYS A 1205 42.20 16.93 -6.84
C LYS A 1205 42.76 15.52 -6.67
N ASP A 1206 42.88 15.06 -5.41
CA ASP A 1206 43.45 13.75 -5.18
C ASP A 1206 42.49 12.62 -5.51
N LEU A 1207 41.19 12.90 -5.56
CA LEU A 1207 40.22 11.88 -5.95
C LEU A 1207 39.87 11.94 -7.43
N ILE A 1208 40.38 12.92 -8.17
CA ILE A 1208 40.19 12.98 -9.61
C ILE A 1208 40.62 11.69 -10.30
N PRO A 1209 41.76 11.09 -9.98
CA PRO A 1209 42.14 9.83 -10.65
C PRO A 1209 41.15 8.71 -10.46
N TYR A 1210 40.37 8.73 -9.39
CA TYR A 1210 39.38 7.67 -9.17
C TYR A 1210 38.17 7.78 -10.08
N LEU A 1211 37.89 8.97 -10.61
CA LEU A 1211 36.66 9.17 -11.37
C LEU A 1211 36.71 8.49 -12.72
N GLU A 1212 37.84 8.58 -13.43
CA GLU A 1212 37.91 8.05 -14.78
C GLU A 1212 37.75 6.54 -14.83
N LYS A 1213 38.02 5.85 -13.73
CA LYS A 1213 37.74 4.41 -13.70
C LYS A 1213 36.24 4.15 -13.76
N LEU A 1214 35.44 5.02 -13.15
CA LEU A 1214 33.99 4.85 -13.13
C LEU A 1214 33.40 5.05 -14.52
N SER A 1215 32.29 4.38 -14.77
CA SER A 1215 31.56 4.50 -16.02
C SER A 1215 30.15 5.03 -15.84
N ASP A 1216 29.73 5.33 -14.61
CA ASP A 1216 28.39 5.84 -14.33
C ASP A 1216 28.48 7.35 -14.18
N SER A 1217 27.78 8.08 -15.06
CA SER A 1217 27.83 9.53 -15.03
C SER A 1217 27.23 10.07 -13.74
N THR A 1218 26.08 9.53 -13.33
CA THR A 1218 25.43 10.02 -12.12
C THR A 1218 26.28 9.75 -10.88
N LEU A 1219 26.91 8.58 -10.82
CA LEU A 1219 27.75 8.25 -9.67
C LEU A 1219 28.94 9.19 -9.58
N LYS A 1220 29.46 9.65 -10.72
CA LYS A 1220 30.56 10.60 -10.69
C LYS A 1220 30.16 11.90 -10.00
N GLU A 1221 28.96 12.40 -10.30
CA GLU A 1221 28.53 13.66 -9.70
C GLU A 1221 28.36 13.52 -8.19
N THR A 1222 27.83 12.40 -7.73
CA THR A 1222 27.62 12.23 -6.29
C THR A 1222 28.92 12.06 -5.54
N LEU A 1223 29.90 11.39 -6.15
CA LEU A 1223 31.18 11.18 -5.47
C LEU A 1223 31.88 12.50 -5.20
N LEU A 1224 31.83 13.44 -6.15
CA LEU A 1224 32.45 14.74 -5.93
C LEU A 1224 31.84 15.48 -4.76
N ASN A 1225 30.60 15.17 -4.40
CA ASN A 1225 29.94 15.80 -3.27
C ASN A 1225 30.03 14.99 -1.99
N GLY A 1226 30.73 13.86 -2.00
CA GLY A 1226 30.96 13.09 -0.80
C GLY A 1226 30.00 11.97 -0.52
N VAL A 1227 29.17 11.59 -1.49
CA VAL A 1227 28.20 10.52 -1.31
C VAL A 1227 28.37 9.52 -2.44
N GLY A 1228 28.53 8.25 -2.09
CA GLY A 1228 28.57 7.17 -3.06
C GLY A 1228 27.33 6.30 -2.94
N TYR A 1229 27.21 5.36 -3.87
CA TYR A 1229 26.12 4.39 -3.79
C TYR A 1229 26.55 3.11 -4.50
N LEU A 1230 26.05 1.99 -4.00
CA LEU A 1230 26.40 0.67 -4.50
C LEU A 1230 25.13 -0.11 -4.80
N HIS A 1231 25.14 -0.84 -5.92
CA HIS A 1231 24.06 -1.75 -6.24
C HIS A 1231 24.59 -2.81 -7.19
N GLU A 1232 23.72 -3.75 -7.57
CA GLU A 1232 24.15 -4.90 -8.33
C GLU A 1232 24.66 -4.51 -9.71
N GLY A 1233 24.06 -3.49 -10.31
CA GLY A 1233 24.44 -3.10 -11.65
C GLY A 1233 25.88 -2.63 -11.76
N LEU A 1234 26.43 -2.11 -10.67
CA LEU A 1234 27.82 -1.69 -10.67
C LEU A 1234 28.74 -2.89 -10.87
N SER A 1235 29.77 -2.71 -11.68
CA SER A 1235 30.74 -3.76 -11.88
C SER A 1235 31.57 -3.96 -10.62
N PRO A 1236 32.13 -5.16 -10.41
CA PRO A 1236 32.92 -5.40 -9.20
C PRO A 1236 34.08 -4.43 -9.02
N MET A 1237 34.71 -4.01 -10.12
CA MET A 1237 35.77 -3.01 -10.00
C MET A 1237 35.23 -1.70 -9.46
N GLU A 1238 34.09 -1.25 -9.97
CA GLU A 1238 33.51 -0.01 -9.47
C GLU A 1238 33.11 -0.13 -8.01
N ARG A 1239 32.51 -1.26 -7.63
CA ARG A 1239 32.11 -1.45 -6.24
C ARG A 1239 33.32 -1.46 -5.32
N ARG A 1240 34.39 -2.17 -5.70
CA ARG A 1240 35.56 -2.19 -4.83
C ARG A 1240 36.24 -0.83 -4.78
N LEU A 1241 36.19 -0.06 -5.86
CA LEU A 1241 36.76 1.29 -5.82
C LEU A 1241 35.97 2.19 -4.88
N VAL A 1242 34.63 2.12 -4.95
CA VAL A 1242 33.82 2.95 -4.06
C VAL A 1242 34.00 2.53 -2.61
N GLU A 1243 34.12 1.22 -2.36
CA GLU A 1243 34.37 0.75 -1.00
C GLU A 1243 35.73 1.22 -0.52
N GLN A 1244 36.73 1.25 -1.40
CA GLN A 1244 38.03 1.76 -1.02
C GLN A 1244 37.97 3.23 -0.67
N LEU A 1245 37.21 4.01 -1.44
CA LEU A 1245 37.02 5.42 -1.11
C LEU A 1245 36.33 5.58 0.24
N PHE A 1246 35.31 4.77 0.49
CA PHE A 1246 34.57 4.86 1.76
C PHE A 1246 35.47 4.49 2.94
N SER A 1247 36.27 3.43 2.80
CA SER A 1247 37.14 3.03 3.89
C SER A 1247 38.25 4.04 4.12
N SER A 1248 38.80 4.61 3.06
CA SER A 1248 39.88 5.58 3.21
C SER A 1248 39.42 6.84 3.91
N GLY A 1249 38.12 7.10 3.94
CA GLY A 1249 37.58 8.28 4.57
C GLY A 1249 37.28 9.43 3.63
N ALA A 1250 37.46 9.24 2.32
CA ALA A 1250 37.17 10.31 1.37
C ALA A 1250 35.70 10.68 1.39
N ILE A 1251 34.82 9.69 1.43
CA ILE A 1251 33.38 9.91 1.52
C ILE A 1251 32.88 9.19 2.76
N GLN A 1252 31.87 9.76 3.41
CA GLN A 1252 31.36 9.18 4.64
C GLN A 1252 29.92 8.71 4.51
N VAL A 1253 29.34 8.71 3.32
CA VAL A 1253 28.00 8.21 3.10
C VAL A 1253 28.00 7.31 1.87
N VAL A 1254 27.45 6.12 2.01
CA VAL A 1254 27.19 5.22 0.88
C VAL A 1254 25.76 4.73 0.98
N VAL A 1255 25.08 4.65 -0.16
CA VAL A 1255 23.70 4.20 -0.22
C VAL A 1255 23.72 2.85 -0.93
N ALA A 1256 23.72 1.77 -0.15
CA ALA A 1256 23.79 0.43 -0.69
C ALA A 1256 22.39 -0.18 -0.73
N SER A 1257 22.11 -0.94 -1.77
CA SER A 1257 20.83 -1.61 -1.87
C SER A 1257 20.78 -2.77 -0.87
N ARG A 1258 19.57 -3.28 -0.66
CA ARG A 1258 19.36 -4.31 0.36
C ARG A 1258 20.17 -5.56 0.05
N SER A 1259 20.19 -5.97 -1.23
CA SER A 1259 20.82 -7.23 -1.59
C SER A 1259 22.31 -7.23 -1.30
N LEU A 1260 22.94 -6.07 -1.26
CA LEU A 1260 24.39 -6.00 -1.13
C LEU A 1260 24.86 -6.10 0.32
N CYS A 1261 23.95 -6.22 1.28
CA CYS A 1261 24.38 -6.24 2.68
C CYS A 1261 25.28 -7.43 2.97
N TRP A 1262 25.00 -8.58 2.37
CA TRP A 1262 25.83 -9.75 2.58
C TRP A 1262 27.19 -9.60 1.92
N GLY A 1263 27.20 -9.13 0.67
CA GLY A 1263 28.44 -9.03 -0.08
C GLY A 1263 29.08 -7.66 -0.05
N MET A 1264 29.33 -7.14 1.15
CA MET A 1264 29.90 -5.81 1.29
C MET A 1264 30.76 -5.79 2.54
N ASN A 1265 32.02 -5.39 2.40
CA ASN A 1265 32.95 -5.34 3.52
C ASN A 1265 33.35 -3.89 3.75
N VAL A 1266 32.51 -3.17 4.46
CA VAL A 1266 32.80 -1.81 4.93
C VAL A 1266 32.16 -1.64 6.30
N ALA A 1267 32.90 -1.06 7.22
CA ALA A 1267 32.41 -0.80 8.56
C ALA A 1267 32.11 0.68 8.72
N ALA A 1268 31.02 1.00 9.40
CA ALA A 1268 30.58 2.37 9.56
C ALA A 1268 30.24 2.64 11.02
N HIS A 1269 29.94 3.89 11.31
CA HIS A 1269 29.51 4.30 12.64
C HIS A 1269 28.00 4.28 12.78
N LEU A 1270 27.28 4.72 11.76
CA LEU A 1270 25.83 4.75 11.77
C LEU A 1270 25.32 3.98 10.57
N VAL A 1271 24.37 3.09 10.80
CA VAL A 1271 23.73 2.32 9.74
C VAL A 1271 22.26 2.68 9.74
N ILE A 1272 21.76 3.14 8.59
CA ILE A 1272 20.37 3.54 8.46
C ILE A 1272 19.68 2.55 7.53
N ILE A 1273 18.72 1.81 8.07
CA ILE A 1273 17.89 0.92 7.28
C ILE A 1273 16.63 1.68 6.91
N MET A 1274 16.42 1.88 5.61
CA MET A 1274 15.45 2.88 5.18
C MET A 1274 14.01 2.41 5.31
N ASP A 1275 13.68 1.28 4.73
CA ASP A 1275 12.27 0.89 4.64
C ASP A 1275 11.93 -0.45 5.26
N THR A 1276 12.86 -1.40 5.30
CA THR A 1276 12.60 -2.74 5.84
C THR A 1276 11.40 -3.40 5.16
N GLN A 1277 11.31 -3.22 3.85
CA GLN A 1277 10.19 -3.76 3.08
C GLN A 1277 10.52 -3.63 1.59
N TYR A 1278 10.23 -4.66 0.81
CA TYR A 1278 10.53 -4.64 -0.60
C TYR A 1278 9.35 -5.19 -1.39
N TYR A 1279 9.30 -4.83 -2.67
CA TYR A 1279 8.17 -5.16 -3.52
C TYR A 1279 8.39 -6.51 -4.20
N ASN A 1280 7.41 -7.39 -4.08
CA ASN A 1280 7.40 -8.68 -4.74
C ASN A 1280 6.34 -8.63 -5.83
N GLY A 1281 6.79 -8.44 -7.07
CA GLY A 1281 5.85 -8.32 -8.17
C GLY A 1281 5.15 -9.60 -8.54
N LYS A 1282 5.70 -10.75 -8.13
CA LYS A 1282 5.04 -12.02 -8.40
C LYS A 1282 3.69 -12.09 -7.69
N ILE A 1283 3.64 -11.62 -6.44
CA ILE A 1283 2.40 -11.56 -5.69
C ILE A 1283 1.80 -10.17 -5.67
N HIS A 1284 2.36 -9.25 -6.45
CA HIS A 1284 1.90 -7.86 -6.56
C HIS A 1284 1.65 -7.25 -5.18
N ALA A 1285 2.59 -7.47 -4.27
CA ALA A 1285 2.46 -6.97 -2.91
C ALA A 1285 3.85 -6.68 -2.35
N TYR A 1286 3.88 -6.12 -1.15
CA TYR A 1286 5.12 -5.80 -0.46
C TYR A 1286 5.33 -6.75 0.70
N VAL A 1287 6.56 -7.25 0.83
CA VAL A 1287 6.93 -8.16 1.91
C VAL A 1287 8.12 -7.58 2.65
N ASP A 1288 8.09 -7.68 3.98
CA ASP A 1288 9.14 -7.09 4.78
C ASP A 1288 10.41 -7.91 4.70
N TYR A 1289 11.50 -7.31 5.16
CA TYR A 1289 12.79 -7.98 5.13
C TYR A 1289 12.76 -9.19 6.06
N PRO A 1290 13.48 -10.26 5.71
CA PRO A 1290 13.73 -11.31 6.69
C PRO A 1290 14.58 -10.75 7.82
N ILE A 1291 14.33 -11.27 9.04
CA ILE A 1291 15.02 -10.74 10.21
C ILE A 1291 16.53 -10.97 10.09
N TYR A 1292 16.95 -11.98 9.34
CA TYR A 1292 18.36 -12.24 9.16
C TYR A 1292 19.05 -11.14 8.37
N ASP A 1293 18.38 -10.61 7.34
CA ASP A 1293 18.94 -9.48 6.61
C ASP A 1293 19.05 -8.26 7.50
N VAL A 1294 18.05 -8.04 8.36
CA VAL A 1294 18.12 -6.91 9.29
C VAL A 1294 19.29 -7.09 10.24
N LEU A 1295 19.50 -8.30 10.75
CA LEU A 1295 20.63 -8.55 11.63
C LEU A 1295 21.95 -8.29 10.91
N GLN A 1296 22.07 -8.74 9.66
CA GLN A 1296 23.31 -8.52 8.92
C GLN A 1296 23.54 -7.04 8.67
N MET A 1297 22.49 -6.30 8.33
CA MET A 1297 22.62 -4.87 8.14
C MET A 1297 23.05 -4.17 9.42
N VAL A 1298 22.44 -4.56 10.55
CA VAL A 1298 22.80 -3.95 11.83
C VAL A 1298 24.24 -4.25 12.19
N GLY A 1299 24.70 -5.46 11.87
CA GLY A 1299 26.07 -5.83 12.21
C GLY A 1299 27.14 -5.02 11.50
N HIS A 1300 26.76 -4.26 10.47
CA HIS A 1300 27.73 -3.42 9.77
C HIS A 1300 28.14 -2.20 10.58
N ALA A 1301 27.46 -1.91 11.69
CA ALA A 1301 27.77 -0.76 12.52
C ALA A 1301 28.92 -1.01 13.48
N ASN A 1302 29.73 -2.04 13.24
CA ASN A 1302 30.81 -2.40 14.14
C ASN A 1302 32.12 -1.84 13.60
N ARG A 1303 32.68 -0.87 14.32
CA ARG A 1303 34.02 -0.33 14.03
C ARG A 1303 34.83 -0.45 15.31
N PRO A 1304 35.42 -1.62 15.56
CA PRO A 1304 36.06 -1.86 16.86
C PRO A 1304 37.22 -0.92 17.16
N LEU A 1305 37.97 -0.49 16.15
CA LEU A 1305 39.17 0.28 16.41
C LEU A 1305 38.85 1.75 16.65
N GLN A 1306 38.30 2.43 15.64
CA GLN A 1306 38.09 3.86 15.76
C GLN A 1306 36.91 4.21 16.66
N ASP A 1307 35.79 3.50 16.52
CA ASP A 1307 34.59 3.86 17.24
C ASP A 1307 34.62 3.33 18.67
N ASP A 1308 33.73 3.88 19.49
CA ASP A 1308 33.47 3.37 20.83
C ASP A 1308 32.06 2.84 20.98
N GLU A 1309 31.16 3.11 20.03
CA GLU A 1309 29.82 2.56 20.04
C GLU A 1309 29.32 2.50 18.61
N GLY A 1310 28.26 1.75 18.39
CA GLY A 1310 27.69 1.63 17.06
C GLY A 1310 26.24 2.05 17.00
N ARG A 1311 25.96 3.13 16.29
CA ARG A 1311 24.59 3.60 16.15
C ARG A 1311 23.90 2.91 14.98
N CYS A 1312 22.59 2.74 15.10
CA CYS A 1312 21.80 2.15 14.02
C CYS A 1312 20.40 2.72 14.10
N VAL A 1313 19.94 3.33 13.01
CA VAL A 1313 18.60 3.90 12.94
C VAL A 1313 17.80 3.08 11.95
N ILE A 1314 16.72 2.47 12.42
CA ILE A 1314 15.87 1.63 11.60
C ILE A 1314 14.56 2.37 11.38
N MET A 1315 14.28 2.71 10.13
CA MET A 1315 13.07 3.41 9.76
C MET A 1315 12.15 2.44 9.04
N CYS A 1316 10.88 2.42 9.44
CA CYS A 1316 9.94 1.43 8.94
C CYS A 1316 8.53 1.95 9.13
N GLN A 1317 7.55 1.12 8.77
CA GLN A 1317 6.17 1.42 9.11
C GLN A 1317 6.00 1.39 10.62
N GLY A 1318 4.95 2.07 11.09
CA GLY A 1318 4.68 2.08 12.51
C GLY A 1318 4.34 0.71 13.07
N SER A 1319 3.73 -0.14 12.24
CA SER A 1319 3.27 -1.44 12.73
C SER A 1319 4.42 -2.35 13.12
N LYS A 1320 5.49 -2.37 12.33
CA LYS A 1320 6.61 -3.28 12.56
C LYS A 1320 7.52 -2.83 13.70
N LYS A 1321 7.26 -1.65 14.26
CA LYS A 1321 8.14 -1.07 15.27
C LYS A 1321 8.22 -1.95 16.50
N ASP A 1322 7.08 -2.51 16.92
CA ASP A 1322 7.08 -3.36 18.11
C ASP A 1322 7.84 -4.66 17.87
N PHE A 1323 7.67 -5.26 16.69
CA PHE A 1323 8.34 -6.51 16.39
C PHE A 1323 9.86 -6.34 16.33
N PHE A 1324 10.32 -5.23 15.76
CA PHE A 1324 11.75 -5.07 15.54
C PHE A 1324 12.53 -5.03 16.85
N LYS A 1325 12.06 -4.27 17.84
CA LYS A 1325 12.80 -4.21 19.10
C LYS A 1325 12.82 -5.57 19.79
N LYS A 1326 11.67 -6.25 19.80
CA LYS A 1326 11.57 -7.53 20.48
C LYS A 1326 12.52 -8.55 19.88
N PHE A 1327 12.68 -8.55 18.55
CA PHE A 1327 13.54 -9.55 17.94
C PHE A 1327 14.94 -9.05 17.60
N LEU A 1328 15.26 -7.80 17.93
CA LEU A 1328 16.63 -7.32 17.76
C LEU A 1328 17.38 -7.17 19.07
N TYR A 1329 16.68 -7.00 20.19
CA TYR A 1329 17.37 -6.92 21.47
C TYR A 1329 17.50 -8.26 22.17
N GLU A 1330 16.92 -9.32 21.63
CA GLU A 1330 16.90 -10.61 22.29
C GLU A 1330 17.39 -11.71 21.36
N PRO A 1331 17.91 -12.80 21.90
CA PRO A 1331 18.32 -13.91 21.03
C PRO A 1331 17.16 -14.43 20.21
N LEU A 1332 17.44 -14.74 18.95
CA LEU A 1332 16.55 -15.07 17.85
C LEU A 1332 16.20 -16.56 17.85
N PRO A 1333 14.93 -16.91 17.66
CA PRO A 1333 14.56 -18.32 17.46
C PRO A 1333 14.55 -18.67 15.98
N VAL A 1334 15.04 -19.88 15.68
CA VAL A 1334 15.10 -20.36 14.31
C VAL A 1334 14.33 -21.67 14.20
N GLU A 1335 13.60 -21.82 13.10
CA GLU A 1335 12.84 -23.01 12.80
C GLU A 1335 13.38 -23.65 11.53
N SER A 1336 12.70 -24.70 11.09
CA SER A 1336 13.11 -25.43 9.90
C SER A 1336 12.00 -25.41 8.87
N HIS A 1337 12.36 -25.23 7.61
CA HIS A 1337 11.41 -25.25 6.51
C HIS A 1337 11.65 -26.43 5.58
N LEU A 1338 12.30 -27.49 6.07
CA LEU A 1338 12.60 -28.63 5.23
C LEU A 1338 11.33 -29.38 4.85
N ASP A 1339 10.28 -29.27 5.65
CA ASP A 1339 9.03 -29.98 5.33
C ASP A 1339 8.38 -29.44 4.06
N HIS A 1340 8.76 -28.25 3.62
CA HIS A 1340 8.24 -27.69 2.39
C HIS A 1340 9.13 -27.96 1.18
N CYS A 1341 10.44 -28.07 1.38
CA CYS A 1341 11.40 -28.33 0.32
C CYS A 1341 11.90 -29.77 0.37
N MET A 1342 11.02 -30.71 0.68
CA MET A 1342 11.44 -32.07 0.98
C MET A 1342 11.61 -32.92 -0.27
N HIS A 1343 10.93 -32.58 -1.37
CA HIS A 1343 10.86 -33.48 -2.51
C HIS A 1343 12.22 -33.68 -3.16
N ASP A 1344 12.96 -32.60 -3.36
CA ASP A 1344 14.23 -32.70 -4.09
C ASP A 1344 15.22 -33.58 -3.36
N HIS A 1345 15.30 -33.43 -2.03
CA HIS A 1345 16.28 -34.19 -1.27
C HIS A 1345 15.90 -35.66 -1.20
N PHE A 1346 14.61 -35.97 -1.05
CA PHE A 1346 14.19 -37.36 -1.10
C PHE A 1346 14.48 -37.97 -2.45
N ASN A 1347 14.26 -37.21 -3.52
CA ASN A 1347 14.57 -37.71 -4.85
C ASN A 1347 16.06 -38.00 -5.00
N ALA A 1348 16.90 -37.09 -4.52
CA ALA A 1348 18.34 -37.28 -4.59
C ALA A 1348 18.78 -38.50 -3.79
N GLU A 1349 18.20 -38.69 -2.61
CA GLU A 1349 18.59 -39.84 -1.80
C GLU A 1349 18.09 -41.15 -2.41
N ILE A 1350 16.96 -41.12 -3.10
CA ILE A 1350 16.48 -42.31 -3.78
C ILE A 1350 17.38 -42.65 -4.95
N VAL A 1351 17.84 -41.62 -5.68
CA VAL A 1351 18.73 -41.87 -6.82
C VAL A 1351 20.04 -42.49 -6.36
N THR A 1352 20.59 -41.98 -5.25
CA THR A 1352 21.85 -42.50 -4.72
C THR A 1352 21.66 -43.72 -3.86
N LYS A 1353 20.48 -44.33 -3.86
CA LYS A 1353 20.19 -45.57 -3.14
C LYS A 1353 20.32 -45.42 -1.63
N THR A 1354 20.33 -44.19 -1.13
CA THR A 1354 20.33 -44.00 0.32
C THR A 1354 18.98 -44.35 0.92
N ILE A 1355 17.90 -43.96 0.25
CA ILE A 1355 16.54 -44.30 0.66
C ILE A 1355 16.01 -45.33 -0.32
N GLU A 1356 15.71 -46.53 0.19
CA GLU A 1356 15.21 -47.61 -0.63
C GLU A 1356 13.78 -48.01 -0.31
N ASN A 1357 13.23 -47.55 0.82
CA ASN A 1357 11.85 -47.82 1.15
C ASN A 1357 11.34 -46.71 2.06
N LYS A 1358 10.08 -46.82 2.47
CA LYS A 1358 9.45 -45.79 3.29
C LYS A 1358 10.11 -45.69 4.66
N GLN A 1359 10.44 -46.83 5.27
CA GLN A 1359 11.10 -46.82 6.56
C GLN A 1359 12.45 -46.12 6.48
N ASP A 1360 13.15 -46.28 5.35
CA ASP A 1360 14.39 -45.53 5.15
C ASP A 1360 14.12 -44.03 5.15
N ALA A 1361 13.01 -43.60 4.55
CA ALA A 1361 12.69 -42.18 4.53
C ALA A 1361 12.44 -41.67 5.94
N VAL A 1362 11.71 -42.43 6.75
CA VAL A 1362 11.45 -41.99 8.12
C VAL A 1362 12.74 -41.91 8.91
N ASP A 1363 13.57 -42.95 8.81
CA ASP A 1363 14.85 -42.93 9.52
C ASP A 1363 15.74 -41.80 9.04
N TYR A 1364 15.67 -41.47 7.75
CA TYR A 1364 16.43 -40.34 7.24
C TYR A 1364 15.96 -39.04 7.85
N LEU A 1365 14.65 -38.87 7.97
CA LEU A 1365 14.14 -37.65 8.57
C LEU A 1365 14.45 -37.58 10.06
N THR A 1366 14.79 -38.71 10.69
CA THR A 1366 15.18 -38.64 12.08
C THR A 1366 16.47 -37.87 12.32
N TRP A 1367 17.24 -37.56 11.29
CA TRP A 1367 18.53 -36.90 11.45
C TRP A 1367 18.49 -35.39 11.29
N THR A 1368 17.32 -34.82 11.02
CA THR A 1368 17.23 -33.41 10.64
C THR A 1368 16.90 -32.52 11.83
N PHE A 1369 17.11 -31.23 11.64
CA PHE A 1369 16.70 -30.24 12.63
C PHE A 1369 15.19 -30.15 12.73
N LEU A 1370 14.50 -30.51 11.65
CA LEU A 1370 13.04 -30.55 11.68
C LEU A 1370 12.54 -31.54 12.71
N TYR A 1371 13.19 -32.69 12.81
CA TYR A 1371 12.79 -33.69 13.80
C TYR A 1371 12.94 -33.15 15.22
N ARG A 1372 14.02 -32.40 15.47
CA ARG A 1372 14.20 -31.81 16.79
C ARG A 1372 13.16 -30.75 17.07
N ARG A 1373 12.86 -29.90 16.10
CA ARG A 1373 11.98 -28.77 16.35
C ARG A 1373 10.50 -29.14 16.32
N MET A 1374 10.14 -30.29 15.77
CA MET A 1374 8.73 -30.65 15.70
C MET A 1374 8.13 -30.82 17.08
N THR A 1375 8.87 -31.43 18.01
CA THR A 1375 8.35 -31.60 19.36
C THR A 1375 8.43 -30.31 20.16
N GLN A 1376 9.41 -29.45 19.89
CA GLN A 1376 9.55 -28.23 20.67
C GLN A 1376 8.45 -27.24 20.35
N ASN A 1377 8.16 -27.03 19.07
CA ASN A 1377 7.16 -26.07 18.62
C ASN A 1377 6.25 -26.77 17.62
N PRO A 1378 5.29 -27.56 18.10
CA PRO A 1378 4.50 -28.38 17.16
C PRO A 1378 3.59 -27.57 16.26
N ASN A 1379 2.92 -26.54 16.79
CA ASN A 1379 1.97 -25.81 15.96
C ASN A 1379 2.62 -25.05 14.83
N TYR A 1380 3.92 -24.78 14.92
CA TYR A 1380 4.60 -24.14 13.80
C TYR A 1380 4.63 -25.05 12.58
N TYR A 1381 4.64 -26.36 12.80
CA TYR A 1381 4.73 -27.33 11.72
C TYR A 1381 3.42 -28.05 11.48
N ASN A 1382 2.30 -27.43 11.85
CA ASN A 1382 0.96 -28.02 11.69
C ASN A 1382 0.89 -29.38 12.39
N LEU A 1383 1.52 -29.47 13.55
CA LEU A 1383 1.47 -30.66 14.38
C LEU A 1383 0.59 -30.35 15.58
N GLN A 1384 -0.43 -31.16 15.80
CA GLN A 1384 -1.46 -30.86 16.77
C GLN A 1384 -1.19 -31.45 18.14
N GLY A 1385 -0.08 -32.16 18.32
CA GLY A 1385 0.22 -32.75 19.61
C GLY A 1385 1.72 -32.96 19.78
N ILE A 1386 2.12 -33.20 21.03
CA ILE A 1386 3.52 -33.40 21.37
C ILE A 1386 3.85 -34.85 21.62
N SER A 1387 2.86 -35.73 21.66
CA SER A 1387 3.11 -37.14 21.97
C SER A 1387 3.97 -37.79 20.91
N HIS A 1388 4.62 -38.88 21.29
CA HIS A 1388 5.45 -39.62 20.34
C HIS A 1388 4.62 -40.19 19.21
N ARG A 1389 3.41 -40.66 19.52
CA ARG A 1389 2.53 -41.19 18.49
C ARG A 1389 2.15 -40.12 17.49
N HIS A 1390 1.87 -38.91 17.97
CA HIS A 1390 1.55 -37.81 17.05
C HIS A 1390 2.72 -37.50 16.14
N LEU A 1391 3.93 -37.45 16.70
CA LEU A 1391 5.11 -37.17 15.89
C LEU A 1391 5.32 -38.26 14.84
N SER A 1392 5.17 -39.52 15.23
CA SER A 1392 5.34 -40.62 14.28
C SER A 1392 4.30 -40.56 13.17
N ASP A 1393 3.04 -40.28 13.54
CA ASP A 1393 1.99 -40.21 12.52
C ASP A 1393 2.24 -39.05 11.56
N HIS A 1394 2.63 -37.89 12.09
CA HIS A 1394 2.89 -36.75 11.22
C HIS A 1394 4.07 -37.01 10.30
N LEU A 1395 5.14 -37.61 10.83
CA LEU A 1395 6.30 -37.92 10.02
C LEU A 1395 5.95 -38.93 8.93
N SER A 1396 5.18 -39.95 9.26
CA SER A 1396 4.75 -40.92 8.26
C SER A 1396 3.88 -40.27 7.21
N GLU A 1397 2.98 -39.38 7.61
CA GLU A 1397 2.14 -38.68 6.64
C GLU A 1397 2.96 -37.81 5.72
N LEU A 1398 3.99 -37.15 6.25
CA LEU A 1398 4.85 -36.30 5.42
C LEU A 1398 5.63 -37.13 4.42
N VAL A 1399 6.27 -38.21 4.88
CA VAL A 1399 7.02 -39.06 3.96
C VAL A 1399 6.13 -39.87 3.05
N GLU A 1400 4.83 -39.93 3.33
CA GLU A 1400 3.90 -40.54 2.41
C GLU A 1400 3.50 -39.57 1.32
N GLN A 1401 3.17 -38.33 1.71
CA GLN A 1401 2.78 -37.33 0.72
C GLN A 1401 3.92 -37.00 -0.22
N THR A 1402 5.14 -36.87 0.30
CA THR A 1402 6.27 -36.55 -0.56
C THR A 1402 6.55 -37.67 -1.55
N LEU A 1403 6.51 -38.92 -1.09
CA LEU A 1403 6.75 -40.04 -1.98
C LEU A 1403 5.62 -40.17 -3.00
N SER A 1404 4.40 -39.86 -2.61
CA SER A 1404 3.30 -39.87 -3.57
C SER A 1404 3.49 -38.81 -4.64
N ASP A 1405 3.96 -37.62 -4.24
CA ASP A 1405 4.24 -36.58 -5.22
C ASP A 1405 5.33 -37.01 -6.19
N LEU A 1406 6.40 -37.61 -5.67
CA LEU A 1406 7.48 -38.06 -6.55
C LEU A 1406 7.01 -39.18 -7.47
N GLU A 1407 6.20 -40.10 -6.97
CA GLU A 1407 5.71 -41.20 -7.79
C GLU A 1407 4.76 -40.69 -8.86
N GLN A 1408 3.95 -39.69 -8.53
CA GLN A 1408 3.00 -39.14 -9.50
C GLN A 1408 3.72 -38.46 -10.66
N SER A 1409 4.84 -37.80 -10.39
CA SER A 1409 5.62 -37.12 -11.42
C SER A 1409 6.55 -38.07 -12.15
N LYS A 1410 6.44 -39.37 -11.93
CA LYS A 1410 7.27 -40.40 -12.57
C LYS A 1410 8.73 -40.25 -12.22
N CYS A 1411 9.05 -39.46 -11.18
CA CYS A 1411 10.44 -39.37 -10.73
C CYS A 1411 10.90 -40.68 -10.10
N ILE A 1412 10.03 -41.33 -9.33
CA ILE A 1412 10.33 -42.61 -8.70
C ILE A 1412 9.20 -43.57 -8.99
N SER A 1413 9.38 -44.82 -8.57
CA SER A 1413 8.36 -45.85 -8.72
C SER A 1413 8.21 -46.58 -7.40
N ILE A 1414 6.98 -46.69 -6.92
CA ILE A 1414 6.67 -47.35 -5.66
C ILE A 1414 6.08 -48.71 -5.99
N GLU A 1415 6.90 -49.76 -5.93
CA GLU A 1415 6.39 -51.11 -6.07
C GLU A 1415 5.80 -51.58 -4.75
N ASP A 1416 4.68 -52.29 -4.83
CA ASP A 1416 3.89 -52.68 -3.65
C ASP A 1416 3.53 -51.39 -2.92
N GLU A 1417 3.77 -51.27 -1.62
CA GLU A 1417 3.55 -50.02 -0.91
C GLU A 1417 4.74 -49.60 -0.07
N MET A 1418 5.86 -50.32 -0.15
CA MET A 1418 7.01 -50.06 0.70
C MET A 1418 8.23 -49.60 -0.09
N ASP A 1419 8.65 -50.37 -1.09
CA ASP A 1419 9.90 -50.07 -1.78
C ASP A 1419 9.75 -48.90 -2.73
N VAL A 1420 10.84 -48.16 -2.91
CA VAL A 1420 10.91 -47.06 -3.86
C VAL A 1420 12.18 -47.22 -4.69
N ALA A 1421 12.07 -46.94 -5.98
CA ALA A 1421 13.20 -47.02 -6.89
C ALA A 1421 13.19 -45.81 -7.81
N PRO A 1422 14.37 -45.33 -8.22
CA PRO A 1422 14.42 -44.17 -9.10
C PRO A 1422 14.06 -44.51 -10.53
N LEU A 1423 13.52 -43.53 -11.23
CA LEU A 1423 13.24 -43.62 -12.65
C LEU A 1423 14.10 -42.61 -13.39
N ASN A 1424 13.99 -42.61 -14.73
CA ASN A 1424 14.87 -41.77 -15.52
C ASN A 1424 14.64 -40.29 -15.28
N LEU A 1425 13.38 -39.88 -15.10
CA LEU A 1425 13.10 -38.48 -14.82
C LEU A 1425 13.74 -38.05 -13.51
N GLY A 1426 13.63 -38.87 -12.47
CA GLY A 1426 14.26 -38.52 -11.21
C GLY A 1426 15.77 -38.50 -11.32
N MET A 1427 16.33 -39.42 -12.10
CA MET A 1427 17.78 -39.45 -12.28
C MET A 1427 18.28 -38.19 -12.98
N ILE A 1428 17.58 -37.73 -14.01
CA ILE A 1428 18.02 -36.52 -14.69
C ILE A 1428 17.68 -35.28 -13.90
N ALA A 1429 16.72 -35.35 -12.98
CA ALA A 1429 16.49 -34.22 -12.08
C ALA A 1429 17.61 -34.11 -11.05
N ALA A 1430 18.04 -35.24 -10.50
CA ALA A 1430 19.13 -35.21 -9.53
C ALA A 1430 20.47 -34.92 -10.19
N TYR A 1431 20.64 -35.32 -11.44
CA TYR A 1431 21.92 -35.12 -12.11
C TYR A 1431 22.23 -33.64 -12.30
N TYR A 1432 21.26 -32.86 -12.75
CA TYR A 1432 21.47 -31.46 -13.06
C TYR A 1432 21.12 -30.52 -11.92
N TYR A 1433 20.76 -31.06 -10.76
CA TYR A 1433 20.34 -30.25 -9.62
C TYR A 1433 19.22 -29.29 -10.01
N ILE A 1434 18.13 -29.89 -10.48
CA ILE A 1434 16.97 -29.16 -10.97
C ILE A 1434 15.76 -29.60 -10.18
N ASN A 1435 14.92 -28.64 -9.81
CA ASN A 1435 13.72 -28.95 -9.06
C ASN A 1435 12.85 -29.93 -9.84
N TYR A 1436 12.30 -30.93 -9.12
CA TYR A 1436 11.55 -31.98 -9.79
C TYR A 1436 10.31 -31.44 -10.50
N THR A 1437 9.78 -30.31 -10.05
CA THR A 1437 8.65 -29.71 -10.72
C THR A 1437 9.02 -29.30 -12.14
N THR A 1438 10.24 -28.77 -12.32
CA THR A 1438 10.70 -28.40 -13.65
C THR A 1438 10.78 -29.61 -14.57
N ILE A 1439 11.30 -30.72 -14.07
CA ILE A 1439 11.40 -31.92 -14.90
C ILE A 1439 10.03 -32.46 -15.23
N GLU A 1440 9.10 -32.40 -14.28
CA GLU A 1440 7.73 -32.81 -14.57
C GLU A 1440 7.09 -31.93 -15.63
N LEU A 1441 7.32 -30.61 -15.55
CA LEU A 1441 6.84 -29.70 -16.57
C LEU A 1441 7.40 -30.07 -17.94
N PHE A 1442 8.70 -30.32 -18.00
CA PHE A 1442 9.32 -30.69 -19.26
C PHE A 1442 8.72 -31.97 -19.82
N SER A 1443 8.54 -32.98 -18.97
CA SER A 1443 7.99 -34.24 -19.46
C SER A 1443 6.55 -34.08 -19.93
N MET A 1444 5.76 -33.28 -19.22
CA MET A 1444 4.35 -33.13 -19.59
C MET A 1444 4.16 -32.27 -20.83
N SER A 1445 5.06 -31.33 -21.08
CA SER A 1445 4.85 -30.39 -22.18
C SER A 1445 5.55 -30.81 -23.47
N LEU A 1446 6.75 -31.37 -23.38
CA LEU A 1446 7.48 -31.77 -24.56
C LEU A 1446 6.75 -32.91 -25.26
N ASN A 1447 6.55 -32.76 -26.57
CA ASN A 1447 5.98 -33.81 -27.40
C ASN A 1447 6.91 -34.07 -28.57
N ALA A 1448 6.47 -34.91 -29.50
CA ALA A 1448 7.31 -35.32 -30.62
C ALA A 1448 7.40 -34.26 -31.71
N LYS A 1449 6.71 -33.13 -31.56
CA LYS A 1449 6.69 -32.11 -32.59
C LYS A 1449 7.04 -30.72 -32.07
N THR A 1450 7.59 -30.60 -30.87
CA THR A 1450 7.95 -29.30 -30.34
C THR A 1450 9.12 -28.72 -31.13
N LYS A 1451 8.96 -27.49 -31.60
CA LYS A 1451 10.02 -26.77 -32.26
C LYS A 1451 10.56 -25.70 -31.32
N VAL A 1452 11.50 -24.90 -31.81
CA VAL A 1452 12.20 -23.94 -30.96
C VAL A 1452 11.22 -22.97 -30.32
N ARG A 1453 10.16 -22.61 -31.05
CA ARG A 1453 9.19 -21.65 -30.52
C ARG A 1453 8.56 -22.15 -29.24
N GLY A 1454 8.23 -23.45 -29.19
CA GLY A 1454 7.70 -24.02 -27.98
C GLY A 1454 8.76 -24.29 -26.93
N LEU A 1455 9.99 -24.57 -27.36
CA LEU A 1455 11.07 -24.80 -26.41
C LEU A 1455 11.37 -23.56 -25.61
N ILE A 1456 11.31 -22.39 -26.22
CA ILE A 1456 11.54 -21.15 -25.47
C ILE A 1456 10.52 -21.03 -24.35
N GLU A 1457 9.25 -21.29 -24.67
CA GLU A 1457 8.20 -21.18 -23.66
C GLU A 1457 8.40 -22.20 -22.54
N ILE A 1458 8.69 -23.44 -22.91
CA ILE A 1458 8.87 -24.50 -21.91
C ILE A 1458 10.03 -24.16 -20.99
N ILE A 1459 11.16 -23.73 -21.56
CA ILE A 1459 12.30 -23.32 -20.75
C ILE A 1459 11.91 -22.16 -19.83
N SER A 1460 11.15 -21.20 -20.37
CA SER A 1460 10.73 -20.07 -19.55
C SER A 1460 9.86 -20.49 -18.37
N ASN A 1461 9.19 -21.64 -18.47
CA ASN A 1461 8.29 -22.06 -17.40
C ASN A 1461 8.98 -22.89 -16.34
N ALA A 1462 10.31 -23.01 -16.37
CA ALA A 1462 11.02 -23.78 -15.36
C ALA A 1462 10.93 -23.12 -14.00
N ALA A 1463 11.03 -23.93 -12.95
CA ALA A 1463 10.95 -23.42 -11.58
C ALA A 1463 12.19 -22.64 -11.17
N GLU A 1464 13.28 -22.75 -11.92
CA GLU A 1464 14.47 -21.96 -11.62
C GLU A 1464 14.23 -20.48 -11.79
N TYR A 1465 13.33 -20.10 -12.69
CA TYR A 1465 13.00 -18.72 -12.96
C TYR A 1465 11.83 -18.23 -12.14
N GLU A 1466 11.33 -19.04 -11.22
CA GLU A 1466 10.18 -18.66 -10.40
C GLU A 1466 10.48 -17.45 -9.54
N ASN A 1467 11.75 -17.18 -9.26
CA ASN A 1467 12.13 -16.07 -8.39
C ASN A 1467 12.78 -14.92 -9.16
N ILE A 1468 12.51 -14.82 -10.46
CA ILE A 1468 12.99 -13.65 -11.21
C ILE A 1468 12.28 -12.41 -10.71
N PRO A 1469 12.99 -11.36 -10.33
CA PRO A 1469 12.33 -10.19 -9.73
C PRO A 1469 11.44 -9.47 -10.71
N ILE A 1470 10.35 -8.92 -10.17
CA ILE A 1470 9.41 -8.09 -10.92
C ILE A 1470 9.34 -6.74 -10.22
N ARG A 1471 9.58 -5.67 -10.96
CA ARG A 1471 9.68 -4.33 -10.40
C ARG A 1471 8.51 -3.47 -10.88
N HIS A 1472 8.41 -2.29 -10.28
CA HIS A 1472 7.38 -1.34 -10.68
C HIS A 1472 7.64 -0.82 -12.09
N HIS A 1473 6.56 -0.50 -12.80
CA HIS A 1473 6.60 0.11 -14.12
C HIS A 1473 7.26 -0.78 -15.16
N GLU A 1474 7.62 -2.01 -14.78
CA GLU A 1474 8.17 -2.93 -15.75
C GLU A 1474 7.13 -3.46 -16.72
N ASP A 1475 5.84 -3.30 -16.42
CA ASP A 1475 4.80 -3.77 -17.33
C ASP A 1475 4.86 -3.03 -18.66
N ASN A 1476 5.10 -1.72 -18.63
CA ASN A 1476 5.22 -0.95 -19.87
C ASN A 1476 6.38 -1.45 -20.70
N LEU A 1477 7.55 -1.63 -20.07
CA LEU A 1477 8.72 -2.11 -20.79
C LEU A 1477 8.46 -3.50 -21.37
N LEU A 1478 7.82 -4.37 -20.59
CA LEU A 1478 7.55 -5.73 -21.06
C LEU A 1478 6.57 -5.72 -22.23
N ARG A 1479 5.56 -4.86 -22.19
CA ARG A 1479 4.63 -4.77 -23.32
C ARG A 1479 5.33 -4.26 -24.56
N GLN A 1480 6.12 -3.18 -24.43
CA GLN A 1480 6.83 -2.66 -25.58
C GLN A 1480 7.78 -3.71 -26.15
N LEU A 1481 8.40 -4.50 -25.28
CA LEU A 1481 9.29 -5.57 -25.74
C LEU A 1481 8.51 -6.66 -26.45
N ALA A 1482 7.36 -7.04 -25.89
CA ALA A 1482 6.55 -8.11 -26.49
C ALA A 1482 6.05 -7.70 -27.86
N GLN A 1483 5.85 -6.40 -28.08
CA GLN A 1483 5.47 -5.94 -29.42
C GLN A 1483 6.54 -6.24 -30.46
N LYS A 1484 7.80 -6.39 -30.05
CA LYS A 1484 8.91 -6.48 -30.98
C LYS A 1484 9.47 -7.88 -31.16
N VAL A 1485 9.19 -8.80 -30.22
CA VAL A 1485 9.82 -10.12 -30.23
C VAL A 1485 9.27 -10.96 -31.37
N PRO A 1486 10.08 -11.88 -31.92
CA PRO A 1486 9.60 -12.68 -33.06
C PRO A 1486 8.39 -13.54 -32.77
N HIS A 1487 8.21 -13.98 -31.54
CA HIS A 1487 7.06 -14.80 -31.17
C HIS A 1487 6.23 -14.05 -30.14
N LYS A 1488 5.00 -13.70 -30.49
CA LYS A 1488 4.14 -12.98 -29.57
C LYS A 1488 3.57 -13.94 -28.53
N LEU A 1489 3.13 -13.35 -27.41
CA LEU A 1489 2.57 -14.09 -26.29
C LEU A 1489 1.08 -13.78 -26.21
N ASN A 1490 0.25 -14.83 -26.25
CA ASN A 1490 -1.19 -14.65 -26.30
C ASN A 1490 -1.72 -14.36 -24.91
N ASN A 1491 -2.21 -13.13 -24.71
CA ASN A 1491 -2.74 -12.64 -23.45
C ASN A 1491 -1.81 -12.98 -22.29
N PRO A 1492 -0.62 -12.39 -22.24
CA PRO A 1492 0.32 -12.74 -21.17
C PRO A 1492 0.11 -11.92 -19.91
N LYS A 1493 0.33 -12.57 -18.77
CA LYS A 1493 0.32 -11.88 -17.49
C LYS A 1493 1.69 -11.28 -17.24
N PHE A 1494 1.76 -9.96 -17.12
CA PHE A 1494 3.04 -9.27 -17.03
C PHE A 1494 3.57 -9.18 -15.61
N ASN A 1495 2.83 -9.66 -14.62
CA ASN A 1495 3.38 -9.88 -13.29
C ASN A 1495 3.91 -11.30 -13.12
N ASP A 1496 3.78 -12.13 -14.14
CA ASP A 1496 4.27 -13.49 -14.10
C ASP A 1496 5.75 -13.49 -14.48
N PRO A 1497 6.65 -13.99 -13.62
CA PRO A 1497 8.07 -14.01 -13.99
C PRO A 1497 8.37 -14.89 -15.18
N HIS A 1498 7.52 -15.87 -15.49
CA HIS A 1498 7.80 -16.74 -16.62
C HIS A 1498 7.54 -16.01 -17.94
N VAL A 1499 6.51 -15.17 -17.98
CA VAL A 1499 6.32 -14.31 -19.15
C VAL A 1499 7.52 -13.38 -19.33
N LYS A 1500 8.00 -12.81 -18.23
CA LYS A 1500 9.14 -11.90 -18.31
C LYS A 1500 10.37 -12.63 -18.82
N THR A 1501 10.63 -13.85 -18.33
CA THR A 1501 11.82 -14.54 -18.79
C THR A 1501 11.68 -15.01 -20.23
N ASN A 1502 10.46 -15.33 -20.68
CA ASN A 1502 10.26 -15.60 -22.10
C ASN A 1502 10.61 -14.38 -22.94
N LEU A 1503 10.11 -13.21 -22.53
CA LEU A 1503 10.38 -12.00 -23.26
C LEU A 1503 11.88 -11.69 -23.27
N LEU A 1504 12.54 -11.87 -22.14
CA LEU A 1504 13.97 -11.56 -22.06
C LEU A 1504 14.80 -12.54 -22.89
N LEU A 1505 14.42 -13.82 -22.91
CA LEU A 1505 15.12 -14.77 -23.76
C LEU A 1505 14.97 -14.40 -25.23
N GLN A 1506 13.76 -14.03 -25.65
CA GLN A 1506 13.56 -13.65 -27.04
C GLN A 1506 14.32 -12.37 -27.37
N ALA A 1507 14.33 -11.40 -26.46
CA ALA A 1507 15.08 -10.18 -26.69
C ALA A 1507 16.56 -10.45 -26.80
N HIS A 1508 17.10 -11.31 -25.93
CA HIS A 1508 18.51 -11.65 -26.01
C HIS A 1508 18.84 -12.35 -27.32
N LEU A 1509 17.97 -13.26 -27.76
CA LEU A 1509 18.21 -13.92 -29.04
C LEU A 1509 18.12 -12.94 -30.19
N SER A 1510 17.31 -11.89 -30.07
CA SER A 1510 17.21 -10.87 -31.10
C SER A 1510 18.19 -9.72 -30.91
N ARG A 1511 19.04 -9.79 -29.91
CA ARG A 1511 20.04 -8.75 -29.63
C ARG A 1511 19.38 -7.38 -29.45
N MET A 1512 18.21 -7.37 -28.83
CA MET A 1512 17.53 -6.11 -28.58
C MET A 1512 18.17 -5.39 -27.40
N GLN A 1513 18.08 -4.07 -27.42
CA GLN A 1513 18.64 -3.24 -26.36
C GLN A 1513 17.62 -3.09 -25.24
N LEU A 1514 18.08 -3.26 -24.01
CA LEU A 1514 17.22 -3.20 -22.83
C LEU A 1514 17.88 -2.33 -21.77
N SER A 1515 17.10 -2.00 -20.75
CA SER A 1515 17.62 -1.20 -19.65
C SER A 1515 18.62 -2.03 -18.84
N ALA A 1516 19.33 -1.35 -17.94
CA ALA A 1516 20.36 -2.03 -17.16
C ALA A 1516 19.77 -3.11 -16.27
N GLU A 1517 18.63 -2.84 -15.64
CA GLU A 1517 18.00 -3.84 -14.80
C GLU A 1517 17.57 -5.06 -15.61
N LEU A 1518 16.96 -4.83 -16.77
CA LEU A 1518 16.60 -5.95 -17.63
C LEU A 1518 17.83 -6.68 -18.13
N GLN A 1519 18.94 -5.96 -18.34
CA GLN A 1519 20.18 -6.63 -18.74
C GLN A 1519 20.68 -7.55 -17.64
N SER A 1520 20.64 -7.09 -16.39
CA SER A 1520 21.07 -7.96 -15.29
C SER A 1520 20.14 -9.15 -15.14
N ASP A 1521 18.84 -8.95 -15.31
CA ASP A 1521 17.91 -10.07 -15.29
C ASP A 1521 18.21 -11.06 -16.41
N THR A 1522 18.58 -10.56 -17.58
CA THR A 1522 18.97 -11.44 -18.68
C THR A 1522 20.21 -12.24 -18.33
N GLU A 1523 21.18 -11.60 -17.67
CA GLU A 1523 22.36 -12.34 -17.20
C GLU A 1523 21.94 -13.47 -16.28
N GLU A 1524 21.07 -13.17 -15.31
CA GLU A 1524 20.64 -14.18 -14.36
C GLU A 1524 19.93 -15.33 -15.05
N ILE A 1525 19.08 -15.03 -16.04
CA ILE A 1525 18.36 -16.08 -16.76
C ILE A 1525 19.34 -16.94 -17.56
N LEU A 1526 20.27 -16.28 -18.27
CA LEU A 1526 21.20 -17.03 -19.12
C LEU A 1526 22.12 -17.90 -18.29
N SER A 1527 22.31 -17.56 -17.00
CA SER A 1527 23.16 -18.41 -16.15
C SER A 1527 22.62 -19.83 -16.07
N LYS A 1528 21.30 -19.98 -15.92
CA LYS A 1528 20.68 -21.30 -15.78
C LYS A 1528 20.12 -21.85 -17.09
N ALA A 1529 20.07 -21.03 -18.13
CA ALA A 1529 19.49 -21.46 -19.40
C ALA A 1529 20.15 -22.73 -19.93
N ILE A 1530 21.48 -22.81 -19.85
CA ILE A 1530 22.17 -23.93 -20.47
C ILE A 1530 21.89 -25.23 -19.74
N ARG A 1531 21.88 -25.20 -18.40
CA ARG A 1531 21.51 -26.39 -17.65
C ARG A 1531 20.09 -26.84 -17.99
N LEU A 1532 19.17 -25.88 -18.09
CA LEU A 1532 17.79 -26.24 -18.40
C LEU A 1532 17.69 -26.86 -19.80
N ILE A 1533 18.43 -26.31 -20.76
CA ILE A 1533 18.37 -26.84 -22.12
C ILE A 1533 18.97 -28.24 -22.19
N GLN A 1534 20.04 -28.48 -21.44
CA GLN A 1534 20.60 -29.84 -21.40
C GLN A 1534 19.61 -30.82 -20.76
N ALA A 1535 18.90 -30.37 -19.73
CA ALA A 1535 17.86 -31.22 -19.15
C ALA A 1535 16.77 -31.53 -20.16
N CYS A 1536 16.36 -30.54 -20.96
CA CYS A 1536 15.37 -30.77 -22.00
C CYS A 1536 15.87 -31.79 -23.01
N VAL A 1537 17.14 -31.67 -23.40
CA VAL A 1537 17.71 -32.63 -24.34
C VAL A 1537 17.66 -34.03 -23.77
N ASP A 1538 18.00 -34.17 -22.48
CA ASP A 1538 17.97 -35.49 -21.86
C ASP A 1538 16.54 -36.04 -21.81
N VAL A 1539 15.56 -35.21 -21.49
CA VAL A 1539 14.17 -35.65 -21.49
C VAL A 1539 13.76 -36.16 -22.85
N LEU A 1540 14.02 -35.36 -23.89
CA LEU A 1540 13.62 -35.75 -25.24
C LEU A 1540 14.33 -37.01 -25.69
N SER A 1541 15.61 -37.14 -25.36
CA SER A 1541 16.34 -38.34 -25.74
C SER A 1541 15.81 -39.58 -25.02
N SER A 1542 15.42 -39.42 -23.75
CA SER A 1542 14.80 -40.54 -23.03
C SER A 1542 13.49 -40.94 -23.67
N ASN A 1543 12.68 -39.96 -24.08
CA ASN A 1543 11.42 -40.29 -24.75
C ASN A 1543 11.63 -40.86 -26.14
N GLY A 1544 12.79 -40.61 -26.76
CA GLY A 1544 13.10 -41.18 -28.06
C GLY A 1544 12.80 -40.30 -29.25
N TRP A 1545 12.45 -39.03 -29.03
CA TRP A 1545 12.12 -38.13 -30.12
C TRP A 1545 13.37 -37.43 -30.63
N LEU A 1546 13.50 -37.34 -31.96
CA LEU A 1546 14.72 -36.86 -32.60
C LEU A 1546 14.63 -35.40 -33.01
N SER A 1547 13.55 -35.01 -33.69
CA SER A 1547 13.42 -33.62 -34.14
C SER A 1547 13.43 -32.63 -33.00
N PRO A 1548 12.63 -32.79 -31.93
CA PRO A 1548 12.73 -31.82 -30.83
C PRO A 1548 14.06 -31.84 -30.12
N ALA A 1549 14.75 -32.99 -30.08
CA ALA A 1549 16.08 -33.02 -29.48
C ALA A 1549 17.06 -32.18 -30.29
N LEU A 1550 17.03 -32.32 -31.62
CA LEU A 1550 17.88 -31.48 -32.45
C LEU A 1550 17.50 -30.01 -32.31
N ALA A 1551 16.21 -29.74 -32.18
CA ALA A 1551 15.77 -28.36 -31.98
C ALA A 1551 16.33 -27.81 -30.67
N ALA A 1552 16.36 -28.62 -29.62
CA ALA A 1552 16.89 -28.16 -28.34
C ALA A 1552 18.40 -27.93 -28.42
N MET A 1553 19.12 -28.80 -29.14
CA MET A 1553 20.54 -28.58 -29.32
C MET A 1553 20.80 -27.29 -30.08
N GLU A 1554 20.02 -27.03 -31.13
CA GLU A 1554 20.15 -25.76 -31.85
C GLU A 1554 19.81 -24.59 -30.94
N LEU A 1555 18.81 -24.75 -30.08
CA LEU A 1555 18.46 -23.69 -29.15
C LEU A 1555 19.61 -23.38 -28.22
N ALA A 1556 20.29 -24.40 -27.71
CA ALA A 1556 21.46 -24.16 -26.86
C ALA A 1556 22.54 -23.43 -27.63
N GLN A 1557 22.90 -23.95 -28.81
CA GLN A 1557 24.01 -23.37 -29.56
C GLN A 1557 23.68 -21.98 -30.08
N MET A 1558 22.42 -21.57 -30.10
CA MET A 1558 22.10 -20.22 -30.51
C MET A 1558 21.80 -19.29 -29.35
N VAL A 1559 21.47 -19.82 -28.18
CA VAL A 1559 21.45 -19.00 -26.97
C VAL A 1559 22.87 -18.62 -26.60
N THR A 1560 23.83 -19.54 -26.80
CA THR A 1560 25.22 -19.20 -26.55
C THR A 1560 25.67 -18.04 -27.43
N GLN A 1561 25.33 -18.07 -28.71
CA GLN A 1561 25.76 -17.04 -29.65
C GLN A 1561 24.78 -15.88 -29.76
N ALA A 1562 23.64 -15.94 -29.08
CA ALA A 1562 22.66 -14.85 -29.05
C ALA A 1562 22.20 -14.47 -30.46
N MET A 1563 21.59 -15.43 -31.12
CA MET A 1563 21.06 -15.21 -32.46
C MET A 1563 19.93 -16.19 -32.72
N TRP A 1564 19.06 -15.82 -33.65
CA TRP A 1564 17.98 -16.70 -34.07
C TRP A 1564 18.48 -17.69 -35.09
N SER A 1565 17.67 -18.72 -35.36
CA SER A 1565 18.06 -19.76 -36.29
C SER A 1565 18.00 -19.31 -37.75
N LYS A 1566 17.20 -18.30 -38.06
CA LYS A 1566 17.09 -17.81 -39.42
C LYS A 1566 18.18 -16.82 -39.79
N ASP A 1567 18.96 -16.34 -38.81
CA ASP A 1567 19.99 -15.36 -39.09
C ASP A 1567 21.15 -16.00 -39.84
N SER A 1568 21.91 -15.16 -40.54
CA SER A 1568 23.08 -15.64 -41.26
C SER A 1568 24.13 -16.13 -40.28
N TYR A 1569 24.79 -17.23 -40.64
CA TYR A 1569 25.81 -17.80 -39.76
C TYR A 1569 26.92 -16.81 -39.47
N LEU A 1570 27.19 -15.88 -40.38
CA LEU A 1570 28.27 -14.94 -40.21
C LEU A 1570 28.00 -13.89 -39.14
N LYS A 1571 26.77 -13.81 -38.62
CA LYS A 1571 26.46 -12.82 -37.60
C LYS A 1571 27.28 -13.04 -36.33
N GLN A 1572 27.60 -14.30 -36.02
CA GLN A 1572 28.34 -14.57 -34.81
C GLN A 1572 29.79 -14.09 -34.89
N LEU A 1573 30.28 -13.77 -36.07
CA LEU A 1573 31.61 -13.21 -36.19
C LEU A 1573 31.65 -11.84 -35.53
N PRO A 1574 32.68 -11.51 -34.76
CA PRO A 1574 32.72 -10.21 -34.09
C PRO A 1574 32.84 -9.07 -35.08
N HIS A 1575 32.30 -7.92 -34.67
CA HIS A 1575 32.37 -6.69 -35.46
C HIS A 1575 31.74 -6.86 -36.84
N PHE A 1576 30.66 -7.62 -36.90
CA PHE A 1576 29.92 -7.87 -38.14
C PHE A 1576 28.52 -7.30 -37.99
N THR A 1577 28.13 -6.42 -38.91
CA THR A 1577 26.78 -5.89 -38.98
C THR A 1577 26.11 -6.36 -40.26
N SER A 1578 24.88 -5.90 -40.47
CA SER A 1578 24.11 -6.36 -41.62
C SER A 1578 24.76 -5.97 -42.94
N GLU A 1579 25.35 -4.78 -42.99
CA GLU A 1579 25.99 -4.33 -44.23
C GLU A 1579 27.11 -5.28 -44.64
N HIS A 1580 27.92 -5.71 -43.68
CA HIS A 1580 28.96 -6.69 -43.98
C HIS A 1580 28.34 -7.99 -44.47
N ILE A 1581 27.25 -8.41 -43.84
CA ILE A 1581 26.53 -9.60 -44.31
C ILE A 1581 26.00 -9.38 -45.71
N LYS A 1582 25.44 -8.18 -45.97
CA LYS A 1582 24.94 -7.88 -47.30
C LYS A 1582 26.04 -7.98 -48.35
N ARG A 1583 27.21 -7.44 -48.04
CA ARG A 1583 28.34 -7.54 -48.96
C ARG A 1583 28.76 -8.99 -49.15
N CYS A 1584 28.77 -9.76 -48.05
CA CYS A 1584 29.16 -11.16 -48.14
C CYS A 1584 28.14 -11.99 -48.93
N THR A 1585 26.85 -11.70 -48.75
CA THR A 1585 25.82 -12.53 -49.37
C THR A 1585 25.93 -12.51 -50.89
N ASP A 1586 26.05 -11.31 -51.48
CA ASP A 1586 26.13 -11.22 -52.93
C ASP A 1586 27.39 -11.89 -53.46
N LYS A 1587 28.48 -11.86 -52.68
CA LYS A 1587 29.69 -12.55 -53.09
C LYS A 1587 29.48 -14.06 -53.17
N GLY A 1588 28.57 -14.59 -52.37
CA GLY A 1588 28.26 -16.01 -52.38
C GLY A 1588 28.67 -16.76 -51.13
N VAL A 1589 29.42 -16.13 -50.23
CA VAL A 1589 29.85 -16.79 -49.00
C VAL A 1589 28.67 -16.82 -48.02
N GLU A 1590 28.45 -17.98 -47.41
CA GLU A 1590 27.37 -18.14 -46.45
C GLU A 1590 27.80 -18.79 -45.15
N SER A 1591 29.01 -19.32 -45.05
CA SER A 1591 29.48 -20.01 -43.86
C SER A 1591 30.78 -19.39 -43.37
N VAL A 1592 31.09 -19.64 -42.10
CA VAL A 1592 32.32 -19.15 -41.52
C VAL A 1592 33.53 -19.81 -42.18
N PHE A 1593 33.40 -21.08 -42.56
CA PHE A 1593 34.50 -21.77 -43.23
C PHE A 1593 34.89 -21.07 -44.52
N ASP A 1594 33.90 -20.62 -45.29
CA ASP A 1594 34.15 -20.08 -46.62
C ASP A 1594 34.99 -18.82 -46.60
N ILE A 1595 35.11 -18.17 -45.45
CA ILE A 1595 36.09 -17.08 -45.30
C ILE A 1595 37.25 -17.46 -44.41
N MET A 1596 37.10 -18.47 -43.55
CA MET A 1596 38.24 -18.94 -42.77
C MET A 1596 39.32 -19.49 -43.68
N GLU A 1597 38.93 -20.22 -44.72
CA GLU A 1597 39.89 -20.76 -45.69
C GLU A 1597 40.10 -19.83 -46.88
N MET A 1598 39.49 -18.66 -46.88
CA MET A 1598 39.57 -17.73 -48.01
C MET A 1598 40.74 -16.77 -47.84
N GLU A 1599 41.11 -16.12 -48.93
CA GLU A 1599 42.29 -15.27 -48.97
C GLU A 1599 42.16 -14.10 -48.00
N ASP A 1600 43.27 -13.79 -47.32
CA ASP A 1600 43.30 -12.66 -46.40
C ASP A 1600 43.12 -11.34 -47.13
N GLU A 1601 43.74 -11.19 -48.29
CA GLU A 1601 43.62 -9.95 -49.05
C GLU A 1601 42.17 -9.70 -49.44
N GLU A 1602 41.50 -10.71 -49.98
CA GLU A 1602 40.11 -10.55 -50.38
C GLU A 1602 39.22 -10.30 -49.17
N ARG A 1603 39.47 -11.00 -48.06
CA ARG A 1603 38.62 -10.82 -46.89
C ARG A 1603 38.78 -9.42 -46.31
N ASN A 1604 40.00 -8.87 -46.33
CA ASN A 1604 40.18 -7.50 -45.85
C ASN A 1604 39.80 -6.47 -46.89
N ALA A 1605 39.62 -6.87 -48.15
CA ALA A 1605 39.07 -5.97 -49.15
C ALA A 1605 37.56 -5.85 -49.02
N LEU A 1606 36.88 -6.99 -48.84
CA LEU A 1606 35.43 -6.96 -48.67
C LEU A 1606 35.04 -6.48 -47.28
N LEU A 1607 35.95 -6.55 -46.30
CA LEU A 1607 35.68 -6.13 -44.94
C LEU A 1607 36.57 -4.93 -44.64
N GLN A 1608 35.95 -3.79 -44.36
CA GLN A 1608 36.65 -2.52 -44.20
C GLN A 1608 36.64 -2.16 -42.72
N LEU A 1609 37.82 -2.19 -42.09
CA LEU A 1609 37.92 -1.98 -40.66
C LEU A 1609 39.39 -1.82 -40.31
N THR A 1610 39.65 -1.47 -39.05
CA THR A 1610 41.02 -1.34 -38.56
C THR A 1610 41.64 -2.71 -38.36
N ASP A 1611 42.98 -2.76 -38.44
CA ASP A 1611 43.68 -4.03 -38.30
C ASP A 1611 43.49 -4.63 -36.91
N SER A 1612 43.44 -3.78 -35.88
CA SER A 1612 43.16 -4.28 -34.54
C SER A 1612 41.77 -4.90 -34.47
N GLN A 1613 40.80 -4.31 -35.17
CA GLN A 1613 39.44 -4.83 -35.17
C GLN A 1613 39.30 -6.10 -36.00
N ILE A 1614 40.24 -6.38 -36.90
CA ILE A 1614 40.20 -7.60 -37.68
C ILE A 1614 41.09 -8.69 -37.10
N ALA A 1615 42.04 -8.34 -36.23
CA ALA A 1615 42.89 -9.36 -35.62
C ALA A 1615 42.07 -10.34 -34.80
N ASP A 1616 41.15 -9.84 -33.97
CA ASP A 1616 40.33 -10.72 -33.17
C ASP A 1616 39.32 -11.48 -34.02
N VAL A 1617 38.85 -10.88 -35.12
CA VAL A 1617 37.96 -11.59 -36.03
C VAL A 1617 38.68 -12.77 -36.65
N ALA A 1618 39.92 -12.57 -37.09
CA ALA A 1618 40.70 -13.67 -37.64
C ALA A 1618 40.99 -14.71 -36.57
N ARG A 1619 41.27 -14.27 -35.35
CA ARG A 1619 41.53 -15.20 -34.25
C ARG A 1619 40.28 -16.01 -33.91
N PHE A 1620 39.10 -15.44 -34.12
CA PHE A 1620 37.86 -16.17 -33.87
C PHE A 1620 37.78 -17.41 -34.74
N CYS A 1621 38.11 -17.27 -36.02
CA CYS A 1621 38.09 -18.42 -36.92
C CYS A 1621 39.10 -19.47 -36.49
N ASN A 1622 40.19 -19.06 -35.86
CA ASN A 1622 41.14 -20.03 -35.31
C ASN A 1622 40.49 -20.83 -34.19
N ARG A 1623 39.75 -20.16 -33.31
CA ARG A 1623 39.07 -20.85 -32.21
C ARG A 1623 37.83 -21.59 -32.67
N TYR A 1624 37.27 -21.23 -33.81
CA TYR A 1624 36.03 -21.83 -34.28
C TYR A 1624 36.23 -23.33 -34.48
N PRO A 1625 35.27 -24.15 -34.08
CA PRO A 1625 35.45 -25.61 -34.12
C PRO A 1625 35.66 -26.10 -35.54
N ASN A 1626 36.85 -26.66 -35.79
CA ASN A 1626 37.20 -27.26 -37.07
C ASN A 1626 37.62 -28.70 -36.78
N ILE A 1627 36.64 -29.59 -36.71
CA ILE A 1627 36.86 -30.98 -36.36
C ILE A 1627 36.20 -31.85 -37.41
N GLU A 1628 36.67 -33.10 -37.48
CA GLU A 1628 36.05 -34.08 -38.38
C GLU A 1628 36.15 -35.45 -37.74
N LEU A 1629 35.23 -36.33 -38.12
CA LEU A 1629 35.10 -37.63 -37.50
C LEU A 1629 35.02 -38.74 -38.54
N SER A 1630 35.26 -39.97 -38.09
CA SER A 1630 35.05 -41.15 -38.89
C SER A 1630 34.32 -42.18 -38.04
N TYR A 1631 33.36 -42.87 -38.65
CA TYR A 1631 32.52 -43.82 -37.95
C TYR A 1631 32.54 -45.16 -38.65
N GLU A 1632 32.38 -46.23 -37.88
CA GLU A 1632 32.28 -47.56 -38.43
C GLU A 1632 31.40 -48.41 -37.53
N VAL A 1633 30.70 -49.37 -38.14
CA VAL A 1633 29.87 -50.31 -37.40
C VAL A 1633 30.70 -51.55 -37.14
N VAL A 1634 30.87 -51.90 -35.87
CA VAL A 1634 31.70 -53.05 -35.51
C VAL A 1634 30.99 -54.32 -35.99
N ASP A 1635 31.60 -54.99 -36.97
CA ASP A 1635 31.05 -56.21 -37.57
C ASP A 1635 29.64 -55.97 -38.09
N LYS A 1636 29.54 -55.06 -39.07
CA LYS A 1636 28.24 -54.72 -39.64
C LYS A 1636 27.63 -55.92 -40.37
N ASP A 1637 28.46 -56.83 -40.89
CA ASP A 1637 27.93 -58.00 -41.56
C ASP A 1637 27.29 -58.96 -40.57
N SER A 1638 27.89 -59.10 -39.37
CA SER A 1638 27.37 -60.01 -38.36
C SER A 1638 26.48 -59.26 -37.38
N ILE A 1639 25.33 -58.84 -37.89
CA ILE A 1639 24.31 -58.15 -37.10
C ILE A 1639 23.01 -58.94 -37.21
N ARG A 1640 22.46 -59.31 -36.07
CA ARG A 1640 21.22 -60.06 -36.01
C ARG A 1640 20.15 -59.23 -35.31
N SER A 1641 18.89 -59.52 -35.63
CA SER A 1641 17.77 -58.81 -35.04
C SER A 1641 17.77 -59.00 -33.53
N GLY A 1642 17.59 -57.91 -32.80
CA GLY A 1642 17.57 -57.96 -31.35
C GLY A 1642 18.92 -58.03 -30.69
N GLY A 1643 20.01 -58.02 -31.46
CA GLY A 1643 21.34 -58.07 -30.91
C GLY A 1643 21.92 -56.69 -30.71
N PRO A 1644 22.97 -56.60 -29.89
CA PRO A 1644 23.60 -55.30 -29.66
C PRO A 1644 24.39 -54.85 -30.89
N VAL A 1645 24.19 -53.59 -31.26
CA VAL A 1645 24.90 -52.98 -32.39
C VAL A 1645 25.84 -51.93 -31.83
N VAL A 1646 27.12 -52.08 -32.11
CA VAL A 1646 28.14 -51.17 -31.61
C VAL A 1646 28.62 -50.30 -32.75
N VAL A 1647 28.45 -48.98 -32.61
CA VAL A 1647 28.91 -48.00 -33.57
C VAL A 1647 29.94 -47.12 -32.87
N LEU A 1648 31.10 -46.97 -33.49
CA LEU A 1648 32.23 -46.26 -32.90
C LEU A 1648 32.53 -45.00 -33.69
N VAL A 1649 32.63 -43.88 -32.98
CA VAL A 1649 32.87 -42.57 -33.58
C VAL A 1649 34.12 -41.97 -32.99
N GLN A 1650 35.06 -41.58 -33.85
CA GLN A 1650 36.33 -40.98 -33.45
C GLN A 1650 36.45 -39.62 -34.10
N LEU A 1651 36.69 -38.58 -33.30
CA LEU A 1651 36.79 -37.23 -33.81
C LEU A 1651 38.02 -36.56 -33.25
N GLU A 1652 38.89 -36.07 -34.14
CA GLU A 1652 40.10 -35.35 -33.76
C GLU A 1652 40.05 -33.97 -34.41
N ARG A 1653 40.19 -32.93 -33.59
CA ARG A 1653 40.27 -31.58 -34.12
C ARG A 1653 41.67 -31.30 -34.64
N GLU A 1654 41.75 -30.40 -35.62
CA GLU A 1654 43.03 -30.11 -36.26
C GLU A 1654 43.77 -28.97 -35.57
N GLU A 1655 43.17 -27.80 -35.52
CA GLU A 1655 43.78 -26.66 -34.85
C GLU A 1655 43.59 -26.78 -33.34
N GLU A 1656 44.65 -26.47 -32.60
CA GLU A 1656 44.66 -26.70 -31.16
C GLU A 1656 43.84 -25.66 -30.43
N VAL A 1657 43.27 -26.08 -29.29
CA VAL A 1657 42.44 -25.20 -28.48
C VAL A 1657 43.31 -24.12 -27.86
N THR A 1658 42.90 -22.86 -28.04
CA THR A 1658 43.60 -21.73 -27.44
C THR A 1658 42.89 -21.17 -26.22
N GLY A 1659 41.77 -21.77 -25.81
CA GLY A 1659 41.02 -21.29 -24.67
C GLY A 1659 39.56 -21.68 -24.74
N PRO A 1660 38.72 -20.98 -23.98
CA PRO A 1660 37.28 -21.27 -23.99
C PRO A 1660 36.64 -20.74 -25.27
N VAL A 1661 35.33 -21.01 -25.40
CA VAL A 1661 34.62 -20.55 -26.57
C VAL A 1661 34.49 -19.03 -26.54
N ILE A 1662 34.38 -18.44 -27.72
CA ILE A 1662 34.28 -16.99 -27.87
C ILE A 1662 32.81 -16.64 -27.98
N ALA A 1663 32.19 -16.29 -26.87
CA ALA A 1663 30.79 -15.90 -26.81
C ALA A 1663 30.72 -14.57 -26.06
N PRO A 1664 31.02 -13.46 -26.75
CA PRO A 1664 31.04 -12.17 -26.06
C PRO A 1664 29.69 -11.76 -25.48
N LEU A 1665 28.59 -12.27 -26.01
CA LEU A 1665 27.26 -11.89 -25.56
C LEU A 1665 26.70 -12.85 -24.52
N PHE A 1666 27.54 -13.66 -23.89
CA PHE A 1666 27.08 -14.59 -22.89
C PHE A 1666 27.71 -14.28 -21.53
N PRO A 1667 26.94 -14.38 -20.45
CA PRO A 1667 27.47 -14.01 -19.13
C PRO A 1667 28.65 -14.86 -18.69
N GLN A 1668 28.47 -16.18 -18.64
CA GLN A 1668 29.46 -17.05 -18.05
C GLN A 1668 30.48 -17.49 -19.08
N LYS A 1669 31.41 -18.35 -18.67
CA LYS A 1669 32.46 -18.85 -19.54
C LYS A 1669 32.07 -20.24 -19.99
N ARG A 1670 31.49 -20.34 -21.19
CA ARG A 1670 31.04 -21.61 -21.71
C ARG A 1670 32.23 -22.48 -22.11
N GLU A 1671 32.00 -23.78 -22.16
CA GLU A 1671 32.99 -24.76 -22.58
C GLU A 1671 32.42 -25.58 -23.73
N GLU A 1672 33.29 -26.00 -24.65
CA GLU A 1672 32.85 -26.76 -25.81
C GLU A 1672 32.15 -28.04 -25.40
N GLY A 1673 30.85 -28.13 -25.66
CA GLY A 1673 30.10 -29.35 -25.47
C GLY A 1673 29.58 -29.83 -26.81
N TRP A 1674 29.48 -31.15 -26.95
CA TRP A 1674 29.05 -31.74 -28.21
C TRP A 1674 27.99 -32.79 -27.94
N TRP A 1675 27.41 -33.30 -29.02
CA TRP A 1675 26.40 -34.34 -28.94
C TRP A 1675 26.57 -35.27 -30.13
N VAL A 1676 26.58 -36.57 -29.88
CA VAL A 1676 26.59 -37.57 -30.92
C VAL A 1676 25.27 -38.31 -30.86
N VAL A 1677 24.50 -38.25 -31.94
CA VAL A 1677 23.15 -38.78 -31.99
C VAL A 1677 23.03 -39.73 -33.16
N ILE A 1678 22.45 -40.90 -32.92
CA ILE A 1678 22.09 -41.85 -33.97
C ILE A 1678 20.58 -41.90 -34.05
N GLY A 1679 20.03 -41.75 -35.25
CA GLY A 1679 18.59 -41.79 -35.39
C GLY A 1679 18.18 -42.00 -36.83
N ASP A 1680 16.88 -42.18 -37.00
CA ASP A 1680 16.26 -42.31 -38.32
C ASP A 1680 15.37 -41.10 -38.54
N ALA A 1681 15.68 -40.31 -39.56
CA ALA A 1681 14.90 -39.10 -39.84
C ALA A 1681 13.50 -39.46 -40.30
N LYS A 1682 13.36 -40.54 -41.06
CA LYS A 1682 12.05 -40.92 -41.58
C LYS A 1682 11.08 -41.25 -40.46
N SER A 1683 11.54 -42.00 -39.45
CA SER A 1683 10.68 -42.39 -38.34
C SER A 1683 10.68 -41.38 -37.21
N ASN A 1684 11.55 -40.37 -37.26
CA ASN A 1684 11.66 -39.37 -36.20
C ASN A 1684 11.91 -40.02 -34.84
N SER A 1685 12.93 -40.87 -34.78
CA SER A 1685 13.26 -41.60 -33.58
C SER A 1685 14.73 -41.41 -33.24
N LEU A 1686 15.01 -41.19 -31.96
CA LEU A 1686 16.37 -41.01 -31.47
C LEU A 1686 16.86 -42.36 -30.96
N ILE A 1687 17.68 -43.04 -31.75
CA ILE A 1687 18.11 -44.38 -31.38
C ILE A 1687 19.10 -44.34 -30.23
N SER A 1688 20.08 -43.44 -30.28
CA SER A 1688 21.07 -43.34 -29.24
C SER A 1688 21.63 -41.92 -29.19
N ILE A 1689 22.22 -41.58 -28.05
CA ILE A 1689 22.76 -40.23 -27.85
C ILE A 1689 23.82 -40.31 -26.76
N LYS A 1690 24.86 -39.51 -26.91
CA LYS A 1690 25.93 -39.43 -25.92
C LYS A 1690 26.52 -38.03 -25.96
N ARG A 1691 26.61 -37.38 -24.81
CA ARG A 1691 27.15 -36.03 -24.71
C ARG A 1691 28.57 -36.09 -24.18
N LEU A 1692 29.46 -35.29 -24.76
CA LEU A 1692 30.87 -35.32 -24.43
C LEU A 1692 31.45 -33.92 -24.48
N THR A 1693 32.66 -33.78 -23.94
CA THR A 1693 33.49 -32.60 -24.14
C THR A 1693 34.76 -33.03 -24.84
N LEU A 1694 35.08 -32.37 -25.94
CA LEU A 1694 36.24 -32.72 -26.77
C LEU A 1694 37.42 -31.82 -26.42
N GLN A 1695 38.56 -32.43 -26.14
CA GLN A 1695 39.76 -31.63 -25.86
C GLN A 1695 40.63 -31.48 -27.10
N GLN A 1696 41.18 -32.59 -27.59
CA GLN A 1696 41.93 -32.61 -28.84
C GLN A 1696 41.61 -33.81 -29.70
N LYS A 1697 41.11 -34.90 -29.12
CA LYS A 1697 40.74 -36.14 -29.80
C LYS A 1697 39.83 -36.90 -28.86
N ALA A 1698 38.95 -37.72 -29.41
CA ALA A 1698 37.98 -38.42 -28.59
C ALA A 1698 37.52 -39.69 -29.30
N LYS A 1699 36.87 -40.56 -28.53
CA LYS A 1699 36.31 -41.80 -29.03
C LYS A 1699 34.96 -42.02 -28.35
N VAL A 1700 33.93 -42.32 -29.14
CA VAL A 1700 32.59 -42.53 -28.64
C VAL A 1700 32.01 -43.79 -29.27
N LYS A 1701 31.46 -44.66 -28.44
CA LYS A 1701 30.73 -45.83 -28.90
C LYS A 1701 29.28 -45.72 -28.48
N LEU A 1702 28.37 -46.02 -29.40
CA LEU A 1702 26.93 -45.95 -29.16
C LEU A 1702 26.33 -47.32 -29.37
N ASP A 1703 25.50 -47.76 -28.43
CA ASP A 1703 24.92 -49.09 -28.44
C ASP A 1703 23.42 -49.02 -28.59
N PHE A 1704 22.86 -49.96 -29.34
CA PHE A 1704 21.42 -50.08 -29.49
C PHE A 1704 21.12 -51.48 -30.03
N VAL A 1705 19.82 -51.77 -30.18
CA VAL A 1705 19.36 -53.07 -30.64
C VAL A 1705 18.87 -52.95 -32.06
N ALA A 1706 19.27 -53.88 -32.91
CA ALA A 1706 18.87 -53.83 -34.32
C ALA A 1706 17.40 -54.19 -34.46
N PRO A 1707 16.66 -53.48 -35.31
CA PRO A 1707 15.25 -53.83 -35.52
C PRO A 1707 15.11 -55.13 -36.29
N ALA A 1708 13.85 -55.61 -36.35
CA ALA A 1708 13.58 -56.88 -37.01
C ALA A 1708 13.88 -56.83 -38.50
N THR A 1709 13.53 -55.73 -39.17
CA THR A 1709 13.73 -55.62 -40.60
C THR A 1709 15.22 -55.66 -40.93
N GLY A 1710 15.55 -56.40 -41.99
CA GLY A 1710 16.96 -56.58 -42.33
C GLY A 1710 17.64 -55.30 -42.77
N ALA A 1711 16.95 -54.48 -43.56
CA ALA A 1711 17.53 -53.28 -44.13
C ALA A 1711 17.10 -52.06 -43.33
N HIS A 1712 18.08 -51.28 -42.87
CA HIS A 1712 17.82 -50.05 -42.14
C HIS A 1712 18.96 -49.08 -42.37
N ASN A 1713 18.63 -47.80 -42.43
CA ASN A 1713 19.61 -46.73 -42.56
C ASN A 1713 19.42 -45.72 -41.44
N TYR A 1714 20.53 -45.12 -41.02
CA TYR A 1714 20.50 -44.14 -39.94
C TYR A 1714 21.37 -42.96 -40.31
N THR A 1715 21.02 -41.80 -39.76
CA THR A 1715 21.75 -40.56 -39.99
C THR A 1715 22.45 -40.17 -38.69
N LEU A 1716 23.77 -40.25 -38.70
CA LEU A 1716 24.57 -39.94 -37.51
C LEU A 1716 24.69 -38.43 -37.38
N TYR A 1717 24.04 -37.86 -36.39
CA TYR A 1717 24.11 -36.43 -36.14
C TYR A 1717 25.27 -36.13 -35.20
N PHE A 1718 25.83 -34.93 -35.36
CA PHE A 1718 26.94 -34.47 -34.52
C PHE A 1718 26.73 -32.96 -34.30
N MET A 1719 26.21 -32.62 -33.12
CA MET A 1719 25.76 -31.26 -32.84
C MET A 1719 26.60 -30.65 -31.74
N SER A 1720 26.70 -29.33 -31.75
CA SER A 1720 27.40 -28.56 -30.73
C SER A 1720 26.40 -27.81 -29.87
N ASP A 1721 26.90 -27.19 -28.81
CA ASP A 1721 26.07 -26.36 -27.95
C ASP A 1721 26.64 -24.95 -27.78
N ALA A 1722 27.66 -24.59 -28.56
CA ALA A 1722 28.28 -23.28 -28.39
C ALA A 1722 28.42 -22.56 -29.72
N TYR A 1723 28.51 -23.30 -30.82
CA TYR A 1723 28.75 -22.73 -32.12
C TYR A 1723 27.71 -23.22 -33.12
N MET A 1724 27.42 -22.38 -34.11
CA MET A 1724 26.45 -22.70 -35.15
C MET A 1724 27.16 -22.86 -36.49
N GLY A 1725 26.62 -23.76 -37.31
CA GLY A 1725 27.17 -24.02 -38.62
C GLY A 1725 28.23 -25.08 -38.66
N CYS A 1726 28.69 -25.57 -37.52
CA CYS A 1726 29.67 -26.65 -37.47
C CYS A 1726 29.03 -28.02 -37.31
N ASP A 1727 27.70 -28.10 -37.29
CA ASP A 1727 27.01 -29.37 -37.14
C ASP A 1727 27.12 -30.18 -38.42
N GLN A 1728 27.41 -31.46 -38.26
CA GLN A 1728 27.59 -32.37 -39.39
C GLN A 1728 26.61 -33.53 -39.28
N GLU A 1729 26.28 -34.11 -40.42
CA GLU A 1729 25.42 -35.29 -40.44
C GLU A 1729 25.87 -36.22 -41.56
N TYR A 1730 25.86 -37.52 -41.28
CA TYR A 1730 26.27 -38.53 -42.23
C TYR A 1730 25.21 -39.62 -42.26
N LYS A 1731 25.15 -40.34 -43.37
CA LYS A 1731 24.15 -41.38 -43.57
C LYS A 1731 24.85 -42.72 -43.75
N PHE A 1732 24.41 -43.71 -42.97
CA PHE A 1732 24.93 -45.06 -43.05
C PHE A 1732 23.79 -46.05 -42.94
N SER A 1733 24.04 -47.27 -43.41
CA SER A 1733 23.04 -48.33 -43.39
C SER A 1733 23.61 -49.56 -42.70
N VAL A 1734 22.71 -50.36 -42.11
CA VAL A 1734 23.07 -51.57 -41.41
C VAL A 1734 22.36 -52.74 -42.06
N ASP A 1735 23.07 -53.86 -42.20
CA ASP A 1735 22.53 -55.07 -42.80
C ASP A 1735 22.24 -56.07 -41.69
N VAL A 1736 20.95 -56.23 -41.37
CA VAL A 1736 20.51 -57.14 -40.33
C VAL A 1736 20.06 -58.45 -40.98
N LYS A 1737 20.41 -59.57 -40.36
CA LYS A 1737 20.01 -60.88 -40.83
C LYS A 1737 18.99 -61.47 -39.86
N GLU A 1738 18.58 -62.70 -40.14
CA GLU A 1738 17.61 -63.39 -39.30
C GLU A 1738 18.24 -63.83 -37.98
N ARG B 9 32.16 -36.62 -46.70
CA ARG B 9 33.36 -35.89 -46.31
C ARG B 9 33.02 -34.42 -46.09
N LYS B 10 33.09 -34.00 -44.83
CA LYS B 10 32.78 -32.63 -44.43
C LYS B 10 31.40 -32.18 -44.93
N ILE B 11 30.39 -32.97 -44.62
CA ILE B 11 29.02 -32.61 -44.96
C ILE B 11 28.44 -31.88 -43.77
N PHE B 12 27.77 -30.76 -43.99
CA PHE B 12 27.25 -30.01 -42.87
C PHE B 12 25.74 -30.13 -42.80
N ARG B 13 25.20 -29.68 -41.67
CA ARG B 13 23.76 -29.68 -41.43
C ARG B 13 23.14 -28.42 -42.06
N ARG B 14 22.86 -28.48 -43.37
CA ARG B 14 22.29 -27.29 -43.98
C ARG B 14 20.95 -26.99 -43.33
N ARG B 15 20.69 -25.73 -42.98
CA ARG B 15 19.46 -25.42 -42.27
C ARG B 15 18.31 -25.11 -43.23
N ARG B 16 17.17 -25.76 -43.05
CA ARG B 16 15.98 -25.48 -43.87
C ARG B 16 14.79 -25.36 -42.91
N GLY B 17 14.81 -24.35 -42.03
CA GLY B 17 13.71 -24.21 -41.09
C GLY B 17 12.35 -23.93 -41.71
N ASP B 18 12.33 -23.18 -42.81
CA ASP B 18 11.09 -22.79 -43.50
C ASP B 18 10.11 -22.19 -42.50
N SER B 19 10.61 -21.23 -41.73
CA SER B 19 9.87 -20.50 -40.69
C SER B 19 9.13 -21.49 -39.78
N GLU B 20 9.87 -22.52 -39.37
CA GLU B 20 9.40 -23.64 -38.56
C GLU B 20 8.24 -24.35 -39.25
N SER B 21 8.34 -24.48 -40.57
CA SER B 21 7.27 -25.05 -41.41
C SER B 21 5.95 -24.33 -41.15
N GLU B 22 5.98 -23.00 -41.06
CA GLU B 22 4.77 -22.23 -40.73
C GLU B 22 4.11 -22.80 -39.47
N GLU B 23 4.81 -22.63 -38.34
CA GLU B 23 4.37 -23.23 -37.08
C GLU B 23 2.95 -22.81 -36.70
N ASP B 24 2.14 -23.80 -36.33
CA ASP B 24 0.75 -23.58 -35.98
C ASP B 24 0.61 -22.84 -34.64
N GLU B 25 -0.30 -21.87 -34.61
CA GLU B 25 -0.63 -21.15 -33.39
C GLU B 25 -1.29 -22.07 -32.36
N GLN B 26 -2.14 -22.98 -32.84
CA GLN B 26 -2.80 -23.95 -31.97
C GLN B 26 -1.78 -24.84 -31.28
N ASP B 27 -0.71 -25.21 -31.97
CA ASP B 27 0.32 -26.05 -31.34
C ASP B 27 0.91 -25.35 -30.13
N SER B 28 1.15 -24.03 -30.25
CA SER B 28 1.67 -23.28 -29.12
C SER B 28 0.62 -23.17 -28.04
N GLU B 29 -0.65 -23.10 -28.44
CA GLU B 29 -1.70 -22.98 -27.43
C GLU B 29 -1.78 -24.28 -26.64
N GLU B 30 -1.66 -25.41 -27.34
CA GLU B 30 -1.73 -26.70 -26.66
C GLU B 30 -0.57 -26.83 -25.68
N VAL B 31 0.62 -26.36 -26.07
CA VAL B 31 1.75 -26.43 -25.14
C VAL B 31 1.46 -25.58 -23.92
N ARG B 32 0.80 -24.43 -24.14
CA ARG B 32 0.47 -23.56 -23.01
C ARG B 32 -0.57 -24.21 -22.12
N LEU B 33 -1.52 -24.95 -22.71
CA LEU B 33 -2.56 -25.59 -21.92
C LEU B 33 -1.95 -26.65 -21.03
N LYS B 34 -1.06 -27.47 -21.62
CA LYS B 34 -0.44 -28.56 -20.88
C LYS B 34 0.38 -28.02 -19.73
N LEU B 35 1.07 -26.89 -19.97
CA LEU B 35 1.86 -26.25 -18.92
C LEU B 35 0.94 -25.71 -17.83
N GLU B 36 -0.19 -25.12 -18.20
CA GLU B 36 -1.07 -24.56 -17.18
C GLU B 36 -1.66 -25.66 -16.31
N GLU B 37 -2.14 -26.74 -16.92
CA GLU B 37 -2.74 -27.79 -16.10
C GLU B 37 -1.70 -28.46 -15.20
N THR B 38 -0.48 -28.68 -15.69
CA THR B 38 0.53 -29.30 -14.84
C THR B 38 0.84 -28.39 -13.67
N ARG B 39 1.05 -27.09 -13.95
CA ARG B 39 1.38 -26.14 -12.90
C ARG B 39 0.26 -26.07 -11.87
N GLU B 40 -0.99 -26.18 -12.31
CA GLU B 40 -2.11 -26.21 -11.37
C GLU B 40 -2.04 -27.43 -10.46
N VAL B 41 -1.67 -28.59 -11.01
CA VAL B 41 -1.54 -29.78 -10.17
C VAL B 41 -0.40 -29.60 -9.17
N GLN B 42 0.73 -29.06 -9.63
CA GLN B 42 1.87 -28.84 -8.75
C GLN B 42 1.52 -27.87 -7.63
N ASN B 43 0.77 -26.81 -7.95
CA ASN B 43 0.30 -25.89 -6.91
C ASN B 43 -0.66 -26.59 -5.96
N LEU B 44 -1.44 -27.53 -6.47
CA LEU B 44 -2.29 -28.34 -5.61
C LEU B 44 -1.47 -29.21 -4.67
N ARG B 45 -0.22 -29.49 -4.99
CA ARG B 45 0.61 -30.30 -4.10
C ARG B 45 1.12 -29.53 -2.90
N LYS B 46 0.99 -28.21 -2.90
CA LYS B 46 1.53 -27.40 -1.80
C LYS B 46 0.78 -27.63 -0.51
N ARG B 47 1.52 -27.79 0.60
CA ARG B 47 0.98 -27.95 1.94
C ARG B 47 1.03 -26.62 2.69
N PRO B 48 0.14 -26.40 3.65
CA PRO B 48 0.15 -25.13 4.38
C PRO B 48 0.99 -25.17 5.64
N ASN B 49 1.51 -23.99 5.98
CA ASN B 49 2.36 -23.83 7.15
C ASN B 49 1.58 -23.20 8.30
N GLY B 50 1.78 -23.73 9.50
CA GLY B 50 1.02 -23.31 10.65
C GLY B 50 -0.32 -24.00 10.72
N VAL B 51 -0.93 -23.94 11.88
CA VAL B 51 -2.24 -24.54 12.11
C VAL B 51 -3.31 -23.54 11.70
N SER B 52 -4.38 -24.07 11.10
CA SER B 52 -5.50 -23.23 10.70
C SER B 52 -6.39 -22.92 11.90
N ALA B 53 -7.26 -21.92 11.72
CA ALA B 53 -8.17 -21.53 12.79
C ALA B 53 -9.11 -22.67 13.14
N VAL B 54 -9.69 -23.32 12.12
CA VAL B 54 -10.66 -24.39 12.38
C VAL B 54 -10.01 -25.52 13.14
N ALA B 55 -8.72 -25.76 12.90
CA ALA B 55 -8.00 -26.79 13.65
C ALA B 55 -7.95 -26.45 15.13
N LEU B 56 -7.74 -25.17 15.46
CA LEU B 56 -7.74 -24.78 16.86
C LEU B 56 -9.15 -24.82 17.45
N LEU B 57 -10.18 -24.55 16.65
CA LEU B 57 -11.54 -24.73 17.15
C LEU B 57 -11.82 -26.19 17.49
N VAL B 58 -11.38 -27.12 16.65
CA VAL B 58 -11.71 -28.52 16.85
C VAL B 58 -10.64 -29.26 17.65
N GLY B 59 -9.37 -28.91 17.47
CA GLY B 59 -8.31 -29.62 18.17
C GLY B 59 -8.15 -31.05 17.67
N GLU B 60 -7.75 -31.93 18.58
CA GLU B 60 -7.62 -33.34 18.22
C GLU B 60 -8.97 -33.93 17.84
N LYS B 61 -8.96 -34.78 16.81
CA LYS B 61 -10.18 -35.47 16.41
C LYS B 61 -10.67 -36.42 17.49
N VAL B 62 -9.76 -37.14 18.13
CA VAL B 62 -10.12 -38.08 19.19
C VAL B 62 -9.32 -37.77 20.46
N LYS C 13 -43.23 4.00 24.77
CA LYS C 13 -43.08 5.26 25.49
C LYS C 13 -41.82 5.99 25.04
N THR C 14 -41.69 7.26 25.45
CA THR C 14 -40.53 8.07 25.15
C THR C 14 -39.50 8.06 26.27
N GLU C 15 -39.67 7.20 27.27
CA GLU C 15 -38.80 7.16 28.43
C GLU C 15 -37.56 6.32 28.20
N TRP C 16 -37.39 5.75 27.01
CA TRP C 16 -36.18 4.98 26.76
C TRP C 16 -34.95 5.86 26.61
N ARG C 17 -35.13 7.16 26.36
CA ARG C 17 -33.98 8.03 26.15
C ARG C 17 -33.23 8.27 27.46
N VAL C 18 -33.95 8.54 28.54
CA VAL C 18 -33.28 8.76 29.82
C VAL C 18 -32.62 7.47 30.29
N ARG C 19 -33.27 6.33 30.03
CA ARG C 19 -32.66 5.05 30.39
C ARG C 19 -31.41 4.79 29.58
N ALA C 20 -31.41 5.15 28.29
CA ALA C 20 -30.21 4.97 27.48
C ALA C 20 -29.09 5.87 27.97
N ILE C 21 -29.41 7.11 28.34
CA ILE C 21 -28.40 8.00 28.87
C ILE C 21 -27.81 7.45 30.17
N SER C 22 -28.67 6.93 31.05
CA SER C 22 -28.17 6.34 32.29
C SER C 22 -27.31 5.12 32.01
N ALA C 23 -27.73 4.27 31.09
CA ALA C 23 -26.98 3.05 30.79
C ALA C 23 -25.67 3.34 30.07
N ALA C 24 -25.55 4.52 29.46
CA ALA C 24 -24.27 4.88 28.86
C ALA C 24 -23.17 5.08 29.89
N ASN C 25 -23.54 5.22 31.17
CA ASN C 25 -22.58 5.43 32.24
C ASN C 25 -22.42 4.19 33.12
N LEU C 26 -22.67 3.01 32.56
CA LEU C 26 -22.54 1.78 33.33
C LEU C 26 -21.10 1.35 33.50
N HIS C 27 -20.16 1.90 32.72
CA HIS C 27 -18.77 1.56 32.91
C HIS C 27 -18.22 2.11 34.22
N LEU C 28 -18.89 3.11 34.81
CA LEU C 28 -18.44 3.64 36.09
C LEU C 28 -18.71 2.66 37.22
N ARG C 29 -19.83 1.93 37.15
CA ARG C 29 -20.12 0.91 38.15
C ARG C 29 -19.11 -0.22 38.08
N THR C 30 -18.46 -0.40 36.92
CA THR C 30 -17.54 -1.51 36.74
C THR C 30 -16.38 -1.47 37.71
N ASN C 31 -15.95 -0.27 38.10
CA ASN C 31 -14.77 -0.15 38.97
C ASN C 31 -15.04 -0.79 40.33
N HIS C 32 -16.23 -0.59 40.88
CA HIS C 32 -16.56 -1.08 42.21
C HIS C 32 -17.53 -2.26 42.10
N ILE C 33 -16.99 -3.46 42.27
CA ILE C 33 -17.78 -4.69 42.28
C ILE C 33 -17.54 -5.38 43.61
N TYR C 34 -18.60 -5.62 44.36
CA TYR C 34 -18.50 -6.19 45.70
C TYR C 34 -19.09 -7.60 45.69
N VAL C 35 -18.30 -8.58 46.10
CA VAL C 35 -18.78 -9.94 46.27
C VAL C 35 -19.26 -10.09 47.72
N SER C 36 -20.50 -10.54 47.87
CA SER C 36 -21.07 -10.66 49.21
C SER C 36 -20.39 -11.78 49.99
N SER C 37 -19.99 -11.47 51.22
CA SER C 37 -19.44 -12.46 52.13
C SER C 37 -20.50 -12.84 53.15
N ASP C 38 -20.61 -14.14 53.41
CA ASP C 38 -21.72 -14.67 54.19
C ASP C 38 -21.21 -15.78 55.09
N ASP C 39 -22.14 -16.48 55.73
CA ASP C 39 -21.83 -17.69 56.50
C ASP C 39 -21.80 -18.86 55.52
N ILE C 40 -20.64 -19.04 54.89
CA ILE C 40 -20.48 -20.10 53.91
C ILE C 40 -20.61 -21.47 54.58
N LYS C 41 -21.13 -22.43 53.83
CA LYS C 41 -21.22 -23.80 54.32
C LYS C 41 -20.02 -24.64 53.93
N GLU C 42 -19.30 -24.26 52.87
CA GLU C 42 -18.07 -24.91 52.40
C GLU C 42 -18.20 -26.43 52.33
N THR C 43 -19.42 -26.92 52.15
CA THR C 43 -19.64 -28.33 51.88
C THR C 43 -19.81 -28.62 50.39
N GLY C 44 -20.36 -27.68 49.64
CA GLY C 44 -20.52 -27.82 48.21
C GLY C 44 -19.39 -27.18 47.44
N TYR C 45 -19.67 -26.89 46.17
CA TYR C 45 -18.66 -26.32 45.29
C TYR C 45 -18.49 -24.83 45.56
N THR C 46 -17.42 -24.27 45.00
CA THR C 46 -17.22 -22.83 44.97
C THR C 46 -16.88 -22.41 43.55
N TYR C 47 -17.30 -21.20 43.18
CA TYR C 47 -17.30 -20.77 41.79
C TYR C 47 -16.46 -19.52 41.64
N ILE C 48 -15.69 -19.47 40.55
CA ILE C 48 -14.79 -18.35 40.28
C ILE C 48 -15.24 -17.70 38.98
N LEU C 49 -15.56 -16.41 39.05
CA LEU C 49 -16.05 -15.67 37.91
C LEU C 49 -15.00 -14.68 37.45
N PRO C 50 -14.47 -14.81 36.23
CA PRO C 50 -13.46 -13.85 35.77
C PRO C 50 -14.05 -12.46 35.66
N LYS C 51 -13.22 -11.45 35.92
CA LYS C 51 -13.73 -10.10 36.03
C LYS C 51 -14.06 -9.49 34.67
N ASN C 52 -13.39 -9.90 33.59
CA ASN C 52 -13.61 -9.24 32.32
C ASN C 52 -15.02 -9.49 31.79
N VAL C 53 -15.48 -10.74 31.86
CA VAL C 53 -16.82 -11.04 31.39
C VAL C 53 -17.86 -10.36 32.26
N LEU C 54 -17.60 -10.26 33.57
CA LEU C 54 -18.52 -9.55 34.44
C LEU C 54 -18.59 -8.08 34.09
N LYS C 55 -17.44 -7.46 33.80
CA LYS C 55 -17.42 -6.07 33.41
C LYS C 55 -18.24 -5.86 32.14
N LYS C 56 -18.00 -6.68 31.12
CA LYS C 56 -18.75 -6.52 29.88
C LYS C 56 -20.24 -6.80 30.08
N PHE C 57 -20.57 -7.82 30.87
CA PHE C 57 -21.97 -8.14 31.12
C PHE C 57 -22.68 -7.01 31.83
N ILE C 58 -21.99 -6.32 32.74
CA ILE C 58 -22.59 -5.15 33.37
C ILE C 58 -22.73 -4.01 32.37
N CYS C 59 -21.73 -3.82 31.51
CA CYS C 59 -21.76 -2.72 30.56
C CYS C 59 -22.88 -2.85 29.55
N ILE C 60 -23.31 -4.07 29.24
CA ILE C 60 -24.32 -4.28 28.22
C ILE C 60 -25.70 -4.38 28.84
N SER C 61 -25.81 -4.09 30.13
CA SER C 61 -27.06 -4.27 30.83
C SER C 61 -27.87 -2.98 30.83
N ASP C 62 -29.02 -3.02 31.49
CA ASP C 62 -29.86 -1.86 31.70
C ASP C 62 -30.28 -1.83 33.16
N LEU C 63 -30.45 -0.61 33.69
CA LEU C 63 -30.84 -0.47 35.08
C LEU C 63 -32.27 -0.94 35.30
N ARG C 64 -33.16 -0.70 34.34
CA ARG C 64 -34.57 -0.99 34.56
C ARG C 64 -34.91 -2.43 34.20
N ALA C 65 -34.36 -2.95 33.12
CA ALA C 65 -34.70 -4.28 32.63
C ALA C 65 -33.57 -5.26 32.90
N GLN C 66 -33.92 -6.44 33.41
CA GLN C 66 -32.93 -7.46 33.71
C GLN C 66 -32.51 -8.17 32.43
N ILE C 67 -31.22 -8.44 32.32
CA ILE C 67 -30.70 -9.31 31.28
C ILE C 67 -30.13 -10.55 31.94
N ALA C 68 -30.04 -11.63 31.18
CA ALA C 68 -29.61 -12.91 31.71
C ALA C 68 -28.61 -13.55 30.77
N GLY C 69 -27.77 -14.42 31.32
CA GLY C 69 -26.79 -15.14 30.54
C GLY C 69 -26.40 -16.46 31.16
N TYR C 70 -26.39 -17.51 30.35
CA TYR C 70 -26.06 -18.83 30.88
C TYR C 70 -24.57 -18.93 31.20
N LEU C 71 -24.25 -19.71 32.22
CA LEU C 71 -22.88 -19.88 32.69
C LEU C 71 -22.37 -21.25 32.28
N TYR C 72 -21.19 -21.27 31.66
CA TYR C 72 -20.54 -22.50 31.25
C TYR C 72 -19.09 -22.45 31.72
N GLY C 73 -18.64 -23.53 32.37
CA GLY C 73 -17.28 -23.56 32.86
C GLY C 73 -16.85 -24.98 33.18
N VAL C 74 -15.60 -25.11 33.59
CA VAL C 74 -14.99 -26.40 33.88
C VAL C 74 -14.27 -26.33 35.22
N SER C 75 -14.06 -27.50 35.80
CA SER C 75 -13.23 -27.60 37.00
C SER C 75 -11.76 -27.73 36.60
N PRO C 76 -10.88 -26.94 37.18
CA PRO C 76 -9.46 -27.05 36.85
C PRO C 76 -8.90 -28.37 37.35
N PRO C 77 -7.73 -28.79 36.85
CA PRO C 77 -7.19 -30.09 37.23
C PRO C 77 -6.93 -30.18 38.74
N ASP C 78 -6.98 -31.42 39.24
CA ASP C 78 -6.76 -31.83 40.63
C ASP C 78 -7.32 -30.84 41.65
N ASN C 79 -8.51 -30.33 41.38
CA ASN C 79 -9.22 -29.49 42.33
C ASN C 79 -10.70 -29.48 41.94
N PRO C 80 -11.46 -30.52 42.27
CA PRO C 80 -12.85 -30.59 41.80
C PRO C 80 -13.81 -29.68 42.56
N GLN C 81 -13.42 -29.18 43.74
CA GLN C 81 -14.34 -28.34 44.50
C GLN C 81 -14.57 -27.01 43.83
N VAL C 82 -13.53 -26.40 43.27
CA VAL C 82 -13.68 -25.11 42.62
C VAL C 82 -14.26 -25.31 41.22
N LYS C 83 -14.99 -24.32 40.74
CA LYS C 83 -15.61 -24.34 39.42
C LYS C 83 -15.31 -23.02 38.73
N GLU C 84 -14.40 -23.04 37.78
CA GLU C 84 -14.09 -21.84 37.02
C GLU C 84 -15.14 -21.62 35.95
N ILE C 85 -15.66 -20.40 35.86
CA ILE C 85 -16.63 -20.04 34.84
C ILE C 85 -15.87 -19.49 33.64
N ARG C 86 -16.03 -20.14 32.49
CA ARG C 86 -15.25 -19.80 31.31
C ARG C 86 -16.04 -19.03 30.26
N CYS C 87 -17.34 -19.26 30.16
CA CYS C 87 -18.14 -18.64 29.11
C CYS C 87 -19.46 -18.15 29.67
N ILE C 88 -19.92 -17.03 29.14
CA ILE C 88 -21.26 -16.52 29.39
C ILE C 88 -21.97 -16.45 28.05
N VAL C 89 -23.11 -17.11 27.94
CA VAL C 89 -23.85 -17.22 26.69
C VAL C 89 -25.07 -16.33 26.75
N MET C 90 -25.16 -15.39 25.82
CA MET C 90 -26.31 -14.51 25.71
C MET C 90 -27.27 -15.07 24.66
N VAL C 91 -28.54 -15.18 25.02
CA VAL C 91 -29.54 -15.80 24.15
C VAL C 91 -30.64 -14.79 23.92
N PRO C 92 -31.42 -14.94 22.84
CA PRO C 92 -32.53 -14.02 22.59
C PRO C 92 -33.46 -13.93 23.78
N GLN C 93 -33.68 -12.70 24.26
CA GLN C 93 -34.38 -12.54 25.52
C GLN C 93 -35.03 -11.17 25.57
N TRP C 94 -36.02 -11.05 26.45
CA TRP C 94 -36.60 -9.77 26.82
C TRP C 94 -36.91 -9.83 28.31
N GLY C 95 -36.61 -8.75 29.02
CA GLY C 95 -36.64 -8.76 30.46
C GLY C 95 -37.60 -7.74 31.04
N THR C 96 -38.19 -8.09 32.19
CA THR C 96 -38.95 -7.19 33.04
C THR C 96 -38.09 -6.83 34.24
N HIS C 97 -38.48 -5.78 34.95
CA HIS C 97 -37.69 -5.36 36.10
C HIS C 97 -37.69 -6.41 37.21
N GLN C 98 -38.62 -7.35 37.21
CA GLN C 98 -38.66 -8.37 38.24
C GLN C 98 -38.41 -9.77 37.73
N THR C 99 -38.35 -9.98 36.41
CA THR C 99 -38.07 -11.30 35.86
C THR C 99 -37.54 -11.14 34.45
N VAL C 100 -36.91 -12.20 33.96
CA VAL C 100 -36.35 -12.23 32.62
C VAL C 100 -36.96 -13.40 31.86
N HIS C 101 -37.42 -13.14 30.64
CA HIS C 101 -38.03 -14.16 29.80
C HIS C 101 -37.02 -14.60 28.75
N LEU C 102 -36.73 -15.89 28.70
CA LEU C 102 -35.73 -16.45 27.81
C LEU C 102 -36.24 -17.79 27.28
N PRO C 103 -35.79 -18.21 26.10
CA PRO C 103 -36.42 -19.37 25.46
C PRO C 103 -36.12 -20.66 26.20
N GLY C 104 -37.00 -21.64 25.96
CA GLY C 104 -36.84 -22.93 26.61
C GLY C 104 -35.60 -23.67 26.19
N GLN C 105 -35.18 -23.50 24.94
CA GLN C 105 -34.01 -24.23 24.43
C GLN C 105 -32.74 -23.73 25.09
N LEU C 106 -32.01 -24.63 25.74
CA LEU C 106 -30.71 -24.27 26.28
C LEU C 106 -29.72 -24.10 25.13
N PRO C 107 -28.68 -23.29 25.32
CA PRO C 107 -27.71 -23.08 24.25
C PRO C 107 -26.91 -24.34 23.97
N GLN C 108 -26.80 -24.70 22.69
CA GLN C 108 -26.04 -25.85 22.27
C GLN C 108 -25.10 -25.44 21.15
N HIS C 109 -23.84 -25.86 21.24
CA HIS C 109 -22.85 -25.53 20.24
C HIS C 109 -21.68 -26.48 20.40
N GLU C 110 -20.91 -26.65 19.33
CA GLU C 110 -19.76 -27.53 19.38
C GLU C 110 -18.72 -27.03 20.37
N TYR C 111 -18.62 -25.71 20.53
CA TYR C 111 -17.62 -25.13 21.43
C TYR C 111 -17.94 -25.39 22.90
N LEU C 112 -19.20 -25.63 23.23
CA LEU C 112 -19.62 -25.81 24.61
C LEU C 112 -19.68 -27.26 25.05
N LYS C 113 -19.41 -28.21 24.15
CA LYS C 113 -19.51 -29.62 24.52
C LYS C 113 -18.43 -30.02 25.52
N GLU C 114 -17.26 -29.40 25.43
CA GLU C 114 -16.20 -29.68 26.39
C GLU C 114 -16.59 -29.23 27.79
N MET C 115 -17.20 -28.06 27.90
CA MET C 115 -17.56 -27.48 29.19
C MET C 115 -18.92 -27.99 29.65
N GLU C 116 -19.32 -27.59 30.85
CA GLU C 116 -20.58 -28.02 31.42
C GLU C 116 -21.38 -26.82 31.91
N PRO C 117 -22.71 -26.93 31.91
CA PRO C 117 -23.52 -25.81 32.39
C PRO C 117 -23.40 -25.66 33.89
N LEU C 118 -23.23 -24.42 34.33
CA LEU C 118 -23.07 -24.10 35.74
C LEU C 118 -24.19 -23.23 36.29
N GLY C 119 -25.14 -22.84 35.46
CA GLY C 119 -26.21 -21.97 35.92
C GLY C 119 -26.42 -20.76 35.03
N TRP C 120 -26.87 -19.65 35.61
CA TRP C 120 -27.14 -18.45 34.83
C TRP C 120 -27.00 -17.23 35.73
N ILE C 121 -26.57 -16.13 35.13
CA ILE C 121 -26.36 -14.88 35.83
C ILE C 121 -27.34 -13.85 35.28
N HIS C 122 -27.85 -12.99 36.15
CA HIS C 122 -28.78 -11.96 35.71
C HIS C 122 -28.63 -10.72 36.58
N THR C 123 -28.80 -9.56 35.96
CA THR C 123 -28.76 -8.30 36.69
C THR C 123 -30.07 -8.08 37.44
N GLN C 124 -30.01 -7.22 38.45
CA GLN C 124 -31.16 -6.94 39.28
C GLN C 124 -31.28 -5.44 39.50
N PRO C 125 -32.47 -4.86 39.36
CA PRO C 125 -32.60 -3.40 39.49
C PRO C 125 -32.19 -2.87 40.86
N ASN C 126 -32.48 -3.59 41.94
CA ASN C 126 -32.17 -3.10 43.27
C ASN C 126 -31.64 -4.24 44.13
N GLU C 127 -30.98 -3.88 45.21
CA GLU C 127 -30.48 -4.87 46.16
C GLU C 127 -31.64 -5.56 46.86
N SER C 128 -31.53 -6.88 47.00
CA SER C 128 -32.54 -7.68 47.66
C SER C 128 -31.87 -8.62 48.64
N PRO C 129 -32.32 -8.69 49.90
CA PRO C 129 -31.69 -9.59 50.85
C PRO C 129 -31.95 -11.06 50.58
N GLN C 130 -32.97 -11.38 49.77
CA GLN C 130 -33.36 -12.75 49.51
C GLN C 130 -33.53 -12.98 48.01
N LEU C 131 -33.38 -14.22 47.60
CA LEU C 131 -33.56 -14.57 46.19
C LEU C 131 -35.03 -14.45 45.82
N SER C 132 -35.30 -13.84 44.68
CA SER C 132 -36.68 -13.59 44.28
C SER C 132 -37.36 -14.90 43.88
N PRO C 133 -38.66 -15.04 44.17
CA PRO C 133 -39.36 -16.26 43.76
C PRO C 133 -39.36 -16.49 42.26
N GLN C 134 -39.31 -15.41 41.47
CA GLN C 134 -39.22 -15.59 40.02
C GLN C 134 -37.95 -16.32 39.64
N ASP C 135 -36.84 -16.00 40.29
CA ASP C 135 -35.57 -16.65 39.97
C ASP C 135 -35.63 -18.14 40.30
N VAL C 136 -36.16 -18.50 41.47
CA VAL C 136 -36.19 -19.91 41.84
C VAL C 136 -37.16 -20.66 40.95
N THR C 137 -38.29 -20.03 40.58
CA THR C 137 -39.21 -20.68 39.67
C THR C 137 -38.57 -20.92 38.31
N THR C 138 -37.87 -19.92 37.79
CA THR C 138 -37.21 -20.07 36.49
C THR C 138 -36.15 -21.16 36.54
N HIS C 139 -35.33 -21.17 37.59
CA HIS C 139 -34.28 -22.17 37.70
C HIS C 139 -34.88 -23.58 37.82
N ALA C 140 -35.95 -23.72 38.61
CA ALA C 140 -36.58 -25.02 38.74
C ALA C 140 -37.18 -25.49 37.43
N LYS C 141 -37.80 -24.56 36.68
CA LYS C 141 -38.35 -24.95 35.38
C LYS C 141 -37.25 -25.39 34.43
N ILE C 142 -36.13 -24.67 34.42
CA ILE C 142 -35.02 -25.05 33.54
C ILE C 142 -34.48 -26.42 33.94
N MET C 143 -34.33 -26.67 35.23
CA MET C 143 -33.86 -27.98 35.67
C MET C 143 -34.83 -29.08 35.29
N ALA C 144 -36.12 -28.84 35.46
CA ALA C 144 -37.11 -29.86 35.14
C ALA C 144 -37.14 -30.17 33.65
N ASP C 145 -37.04 -29.14 32.80
CA ASP C 145 -37.11 -29.38 31.37
C ASP C 145 -35.86 -30.09 30.86
N ASN C 146 -34.70 -29.76 31.41
CA ASN C 146 -33.44 -30.28 30.91
C ASN C 146 -32.71 -31.06 31.99
N PRO C 147 -32.49 -32.37 31.82
CA PRO C 147 -31.74 -33.13 32.82
C PRO C 147 -30.29 -32.76 32.91
N SER C 148 -29.75 -32.03 31.93
CA SER C 148 -28.35 -31.66 31.94
C SER C 148 -27.99 -30.74 33.10
N TRP C 149 -28.96 -30.00 33.64
CA TRP C 149 -28.73 -29.10 34.76
C TRP C 149 -28.86 -29.88 36.06
N ASP C 150 -27.74 -30.09 36.73
CA ASP C 150 -27.76 -30.79 38.00
C ASP C 150 -28.33 -29.89 39.09
N GLY C 151 -28.94 -30.52 40.09
CA GLY C 151 -29.55 -29.75 41.17
C GLY C 151 -28.55 -28.96 41.98
N GLU C 152 -27.40 -29.56 42.26
CA GLU C 152 -26.39 -28.93 43.11
C GLU C 152 -25.32 -28.19 42.33
N LYS C 153 -25.03 -28.60 41.09
CA LYS C 153 -23.97 -27.94 40.34
C LYS C 153 -24.39 -26.57 39.84
N THR C 154 -25.63 -26.42 39.40
CA THR C 154 -26.11 -25.16 38.84
C THR C 154 -26.40 -24.15 39.95
N ILE C 155 -26.14 -22.88 39.65
CA ILE C 155 -26.33 -21.79 40.61
C ILE C 155 -26.98 -20.62 39.90
N ILE C 156 -27.41 -19.63 40.69
CA ILE C 156 -27.95 -18.37 40.21
C ILE C 156 -27.10 -17.25 40.77
N ILE C 157 -26.60 -16.39 39.90
CA ILE C 157 -25.82 -15.22 40.30
C ILE C 157 -26.64 -13.98 40.01
N THR C 158 -26.89 -13.18 41.04
CA THR C 158 -27.69 -11.97 40.91
C THR C 158 -26.78 -10.76 41.10
N CYS C 159 -26.67 -9.94 40.07
CA CYS C 159 -25.80 -8.77 40.09
C CYS C 159 -26.67 -7.54 40.30
N SER C 160 -26.93 -7.20 41.56
CA SER C 160 -27.76 -6.06 41.89
C SER C 160 -27.00 -4.76 41.67
N PHE C 161 -27.74 -3.70 41.37
CA PHE C 161 -27.17 -2.38 41.13
C PHE C 161 -27.30 -1.54 42.39
N THR C 162 -26.29 -1.61 43.24
CA THR C 162 -26.23 -0.76 44.41
C THR C 162 -25.87 0.67 43.99
N PRO C 163 -26.14 1.65 44.85
CA PRO C 163 -25.81 3.04 44.48
C PRO C 163 -24.32 3.24 44.25
N GLY C 164 -23.95 3.52 43.00
CA GLY C 164 -22.58 3.77 42.64
C GLY C 164 -21.72 2.54 42.45
N SER C 165 -22.27 1.34 42.61
CA SER C 165 -21.49 0.12 42.52
C SER C 165 -22.44 -1.02 42.15
N CYS C 166 -21.96 -2.25 42.30
CA CYS C 166 -22.78 -3.42 42.06
C CYS C 166 -22.31 -4.55 42.95
N THR C 167 -23.25 -5.23 43.61
CA THR C 167 -22.95 -6.37 44.45
C THR C 167 -23.60 -7.60 43.87
N LEU C 168 -22.83 -8.68 43.76
CA LEU C 168 -23.31 -9.92 43.15
C LEU C 168 -23.20 -11.05 44.15
N THR C 169 -24.23 -11.89 44.19
CA THR C 169 -24.32 -13.00 45.14
C THR C 169 -24.79 -14.25 44.41
N ALA C 170 -24.21 -15.39 44.78
CA ALA C 170 -24.58 -16.67 44.20
C ALA C 170 -25.56 -17.40 45.11
N TYR C 171 -26.44 -18.19 44.49
CA TYR C 171 -27.43 -18.94 45.22
C TYR C 171 -27.56 -20.34 44.63
N LYS C 172 -28.05 -21.27 45.45
CA LYS C 172 -28.29 -22.65 45.04
C LYS C 172 -29.66 -23.08 45.54
N LEU C 173 -30.31 -23.97 44.79
CA LEU C 173 -31.64 -24.45 45.13
C LEU C 173 -31.56 -25.78 45.87
N THR C 174 -32.21 -25.85 47.03
CA THR C 174 -32.34 -27.09 47.74
C THR C 174 -33.36 -27.98 47.03
N PRO C 175 -33.35 -29.29 47.30
CA PRO C 175 -34.34 -30.17 46.66
C PRO C 175 -35.78 -29.75 46.95
N SER C 176 -36.06 -29.24 48.15
CA SER C 176 -37.37 -28.69 48.40
C SER C 176 -37.64 -27.48 47.52
N GLY C 177 -36.62 -26.67 47.28
CA GLY C 177 -36.76 -25.56 46.36
C GLY C 177 -37.10 -26.00 44.95
N TYR C 178 -36.42 -27.05 44.46
CA TYR C 178 -36.77 -27.59 43.15
C TYR C 178 -38.20 -28.12 43.14
N GLU C 179 -38.59 -28.82 44.19
CA GLU C 179 -39.94 -29.38 44.26
C GLU C 179 -41.00 -28.29 44.21
N TRP C 180 -40.77 -27.20 44.95
CA TRP C 180 -41.76 -26.12 44.96
C TRP C 180 -41.75 -25.34 43.66
N GLY C 181 -40.56 -25.05 43.12
CA GLY C 181 -40.47 -24.24 41.92
C GLY C 181 -41.02 -24.93 40.69
N ARG C 182 -40.81 -26.25 40.58
CA ARG C 182 -41.28 -26.95 39.40
C ARG C 182 -42.80 -26.89 39.28
N GLN C 183 -43.50 -27.00 40.40
CA GLN C 183 -44.96 -26.97 40.39
C GLN C 183 -45.52 -25.55 40.52
N ASN C 184 -44.68 -24.55 40.71
CA ASN C 184 -45.15 -23.19 40.87
C ASN C 184 -45.69 -22.65 39.57
N THR C 185 -46.88 -22.06 39.60
CA THR C 185 -47.51 -21.46 38.43
C THR C 185 -47.87 -19.99 38.66
N ASP C 186 -47.48 -19.42 39.80
CA ASP C 186 -47.80 -18.03 40.12
C ASP C 186 -46.61 -17.14 39.81
N LYS C 187 -46.85 -16.10 39.03
CA LYS C 187 -45.82 -15.14 38.67
C LYS C 187 -45.84 -13.90 39.55
N GLY C 188 -46.61 -13.92 40.63
CA GLY C 188 -46.67 -12.79 41.53
C GLY C 188 -45.37 -12.58 42.28
N ASN C 189 -45.30 -11.42 42.95
CA ASN C 189 -44.08 -11.10 43.69
C ASN C 189 -43.97 -11.90 44.96
N ASN C 190 -45.09 -12.33 45.54
CA ASN C 190 -45.10 -13.12 46.77
C ASN C 190 -46.00 -14.33 46.59
N PRO C 191 -45.52 -15.36 45.89
CA PRO C 191 -46.32 -16.57 45.71
C PRO C 191 -46.51 -17.30 47.03
N LYS C 192 -47.60 -18.05 47.11
CA LYS C 192 -47.87 -18.85 48.29
C LYS C 192 -46.93 -20.06 48.34
N GLY C 193 -46.61 -20.48 49.56
CA GLY C 193 -45.72 -21.62 49.73
C GLY C 193 -44.26 -21.36 49.48
N TYR C 194 -43.85 -20.10 49.52
CA TYR C 194 -42.45 -19.72 49.28
C TYR C 194 -41.82 -19.32 50.60
N LEU C 195 -40.73 -19.98 50.95
CA LEU C 195 -40.01 -19.72 52.19
C LEU C 195 -38.52 -19.77 51.91
N PRO C 196 -37.70 -19.12 52.73
CA PRO C 196 -36.26 -19.04 52.43
C PRO C 196 -35.54 -20.38 52.46
N SER C 197 -36.16 -21.43 53.01
CA SER C 197 -35.53 -22.74 53.03
C SER C 197 -35.31 -23.31 51.63
N HIS C 198 -35.97 -22.75 50.61
CA HIS C 198 -35.84 -23.28 49.27
C HIS C 198 -34.44 -23.10 48.70
N TYR C 199 -33.81 -21.97 48.97
CA TYR C 199 -32.53 -21.63 48.38
C TYR C 199 -31.43 -21.58 49.44
N GLU C 200 -30.20 -21.75 48.99
CA GLU C 200 -29.02 -21.60 49.82
C GLU C 200 -28.00 -20.74 49.11
N ARG C 201 -27.25 -19.97 49.88
CA ARG C 201 -26.25 -19.06 49.34
C ARG C 201 -24.91 -19.77 49.21
N VAL C 202 -24.23 -19.53 48.10
CA VAL C 202 -23.01 -20.25 47.75
C VAL C 202 -21.86 -19.27 47.62
N GLN C 203 -20.70 -19.66 48.15
CA GLN C 203 -19.50 -18.83 48.04
C GLN C 203 -19.07 -18.70 46.59
N MET C 204 -18.67 -17.50 46.20
CA MET C 204 -18.14 -17.24 44.87
C MET C 204 -17.03 -16.19 44.98
N LEU C 205 -16.14 -16.20 44.00
CA LEU C 205 -15.00 -15.29 43.97
C LEU C 205 -14.84 -14.70 42.59
N LEU C 206 -14.28 -13.49 42.55
CA LEU C 206 -13.85 -12.87 41.31
C LEU C 206 -12.36 -13.02 41.14
N SER C 207 -11.90 -13.07 39.89
CA SER C 207 -10.49 -13.34 39.65
C SER C 207 -10.05 -12.68 38.34
N ASP C 208 -8.80 -12.24 38.33
CA ASP C 208 -8.11 -11.81 37.13
C ASP C 208 -7.10 -12.83 36.65
N ARG C 209 -7.06 -14.01 37.27
CA ARG C 209 -6.08 -15.02 36.89
C ARG C 209 -6.32 -15.52 35.48
N PHE C 210 -7.58 -15.69 35.09
CA PHE C 210 -7.93 -16.19 33.77
C PHE C 210 -9.00 -15.31 33.15
N LEU C 211 -9.16 -15.44 31.85
CA LEU C 211 -10.13 -14.67 31.08
C LEU C 211 -11.25 -15.56 30.58
N GLY C 212 -12.45 -15.01 30.52
CA GLY C 212 -13.60 -15.68 29.95
C GLY C 212 -13.96 -15.08 28.60
N PHE C 213 -14.90 -15.72 27.93
CA PHE C 213 -15.35 -15.28 26.62
C PHE C 213 -16.88 -15.31 26.57
N PHE C 214 -17.42 -14.70 25.51
CA PHE C 214 -18.85 -14.57 25.32
C PHE C 214 -19.28 -15.34 24.08
N MET C 215 -20.54 -15.75 24.06
CA MET C 215 -21.16 -16.33 22.88
C MET C 215 -22.53 -15.72 22.68
N VAL C 216 -22.83 -15.35 21.45
CA VAL C 216 -24.05 -14.59 21.14
C VAL C 216 -24.73 -15.25 19.96
N PRO C 217 -26.03 -15.01 19.76
CA PRO C 217 -26.75 -15.66 18.66
C PRO C 217 -26.13 -15.32 17.31
N ALA C 218 -26.17 -16.30 16.41
CA ALA C 218 -25.58 -16.11 15.09
C ALA C 218 -26.37 -15.13 14.25
N GLN C 219 -27.69 -15.11 14.39
CA GLN C 219 -28.55 -14.25 13.60
C GLN C 219 -29.11 -13.14 14.47
N SER C 220 -29.06 -11.92 13.95
CA SER C 220 -29.63 -10.73 14.61
C SER C 220 -28.88 -10.54 15.93
N SER C 221 -29.58 -10.18 17.00
CA SER C 221 -28.95 -9.81 18.25
C SER C 221 -29.61 -10.55 19.41
N TRP C 222 -28.98 -10.46 20.58
CA TRP C 222 -29.45 -11.18 21.75
C TRP C 222 -30.60 -10.49 22.47
N ASN C 223 -30.88 -9.24 22.17
CA ASN C 223 -31.81 -8.44 22.95
C ASN C 223 -33.10 -8.22 22.18
N TYR C 224 -34.22 -8.60 22.78
CA TYR C 224 -35.53 -8.44 22.17
C TYR C 224 -36.45 -7.59 23.03
N ASN C 225 -35.88 -6.71 23.86
CA ASN C 225 -36.72 -5.86 24.70
C ASN C 225 -37.51 -4.86 23.87
N PHE C 226 -36.91 -4.34 22.80
CA PHE C 226 -37.62 -3.40 21.95
C PHE C 226 -38.49 -4.13 20.93
N MET C 227 -37.99 -5.19 20.32
CA MET C 227 -38.76 -5.99 19.37
C MET C 227 -39.37 -7.19 20.10
N GLY C 228 -40.31 -6.88 20.99
CA GLY C 228 -40.88 -7.91 21.84
C GLY C 228 -41.70 -8.92 21.07
N VAL C 229 -42.41 -8.48 20.03
CA VAL C 229 -43.31 -9.38 19.32
C VAL C 229 -42.54 -10.48 18.60
N ARG C 230 -41.29 -10.23 18.25
CA ARG C 230 -40.50 -11.21 17.52
C ARG C 230 -39.95 -12.32 18.41
N HIS C 231 -40.11 -12.22 19.72
CA HIS C 231 -39.56 -13.19 20.65
C HIS C 231 -40.66 -14.15 21.09
N ASP C 232 -40.42 -15.44 20.90
CA ASP C 232 -41.38 -16.49 21.21
C ASP C 232 -40.64 -17.56 22.02
N PRO C 233 -41.19 -18.01 23.15
CA PRO C 233 -40.47 -18.97 24.00
C PRO C 233 -39.99 -20.23 23.30
N ASN C 234 -40.57 -20.57 22.15
CA ASN C 234 -40.21 -21.79 21.44
C ASN C 234 -39.26 -21.54 20.28
N MET C 235 -38.64 -20.37 20.21
CA MET C 235 -37.75 -20.07 19.11
C MET C 235 -36.45 -20.86 19.21
N LYS C 236 -35.82 -21.05 18.05
CA LYS C 236 -34.54 -21.73 17.96
C LYS C 236 -33.46 -20.73 17.56
N TYR C 237 -32.23 -21.00 17.97
CA TYR C 237 -31.14 -20.10 17.66
C TYR C 237 -29.84 -20.87 17.62
N GLU C 238 -28.85 -20.28 16.95
CA GLU C 238 -27.51 -20.82 16.86
C GLU C 238 -26.52 -19.80 17.40
N LEU C 239 -25.45 -20.28 18.01
CA LEU C 239 -24.50 -19.40 18.68
C LEU C 239 -23.28 -19.15 17.80
N GLN C 240 -22.44 -18.23 18.26
CA GLN C 240 -21.19 -17.90 17.58
C GLN C 240 -20.26 -17.26 18.60
N LEU C 241 -18.97 -17.25 18.25
CA LEU C 241 -17.96 -16.62 19.10
C LEU C 241 -17.89 -15.14 18.74
N ALA C 242 -18.56 -14.30 19.52
CA ALA C 242 -18.50 -12.87 19.31
C ALA C 242 -18.91 -12.17 20.60
N ASN C 243 -18.47 -10.93 20.73
CA ASN C 243 -18.82 -10.19 21.93
C ASN C 243 -20.19 -9.54 21.78
N PRO C 244 -20.97 -9.48 22.85
CA PRO C 244 -22.33 -8.93 22.75
C PRO C 244 -22.31 -7.42 22.57
N LYS C 245 -23.39 -6.93 21.97
CA LYS C 245 -23.60 -5.50 21.81
C LYS C 245 -24.25 -4.93 23.07
N GLU C 246 -24.18 -3.61 23.20
CA GLU C 246 -24.77 -2.95 24.36
C GLU C 246 -26.30 -3.02 24.27
N PHE C 247 -26.94 -2.76 25.40
CA PHE C 247 -28.39 -2.88 25.49
C PHE C 247 -29.08 -1.96 24.49
N TYR C 248 -28.61 -0.71 24.41
CA TYR C 248 -29.23 0.28 23.53
C TYR C 248 -28.46 0.44 22.23
N HIS C 249 -27.85 -0.63 21.74
CA HIS C 249 -27.21 -0.59 20.44
C HIS C 249 -28.25 -0.39 19.35
N GLU C 250 -27.80 0.16 18.22
CA GLU C 250 -28.71 0.46 17.12
C GLU C 250 -29.40 -0.79 16.61
N VAL C 251 -28.69 -1.92 16.57
CA VAL C 251 -29.25 -3.15 16.07
C VAL C 251 -30.45 -3.58 16.92
N HIS C 252 -30.37 -3.36 18.23
CA HIS C 252 -31.39 -3.88 19.12
C HIS C 252 -32.72 -3.15 19.01
N ARG C 253 -32.72 -1.93 18.48
CA ARG C 253 -33.94 -1.11 18.40
C ARG C 253 -34.08 -0.59 16.98
N PRO C 254 -34.53 -1.44 16.05
CA PRO C 254 -34.68 -0.98 14.66
C PRO C 254 -35.90 -0.10 14.45
N SER C 255 -36.88 -0.13 15.34
CA SER C 255 -38.06 0.69 15.16
C SER C 255 -37.79 2.17 15.33
N HIS C 256 -36.60 2.54 15.81
CA HIS C 256 -36.22 3.94 15.92
C HIS C 256 -35.44 4.43 14.72
N PHE C 257 -34.80 3.54 13.97
CA PHE C 257 -33.97 3.91 12.84
C PHE C 257 -34.62 3.63 11.50
N LEU C 258 -35.25 2.45 11.36
CA LEU C 258 -35.70 2.02 10.04
C LEU C 258 -36.84 2.88 9.51
N ASN C 259 -37.88 3.10 10.32
CA ASN C 259 -39.05 3.82 9.82
C ASN C 259 -38.70 5.30 9.73
N PHE C 260 -38.55 5.78 8.49
CA PHE C 260 -38.21 7.17 8.23
C PHE C 260 -38.63 7.48 6.79
N ALA C 261 -39.54 8.43 6.62
CA ALA C 261 -39.93 8.84 5.28
C ALA C 261 -38.74 9.48 4.58
N LEU C 262 -38.31 8.89 3.47
CA LEU C 262 -37.17 9.38 2.72
C LEU C 262 -37.62 10.50 1.79
N LEU C 263 -37.11 11.70 2.02
CA LEU C 263 -37.54 12.85 1.24
C LEU C 263 -37.05 12.74 -0.21
N GLN C 264 -37.85 13.31 -1.10
CA GLN C 264 -37.46 13.48 -2.50
C GLN C 264 -37.41 14.95 -2.89
N GLU C 265 -38.47 15.69 -2.63
CA GLU C 265 -38.50 17.13 -2.88
C GLU C 265 -38.13 17.94 -1.65
N GLY C 266 -37.61 17.30 -0.61
CA GLY C 266 -37.12 18.06 0.53
C GLY C 266 -35.90 18.89 0.20
N GLU C 267 -35.04 18.36 -0.68
CA GLU C 267 -33.78 19.01 -1.02
C GLU C 267 -33.90 19.97 -2.20
N VAL C 268 -35.10 20.20 -2.71
CA VAL C 268 -35.24 21.09 -3.86
C VAL C 268 -34.83 22.51 -3.51
N TYR C 269 -35.09 22.93 -2.27
CA TYR C 269 -34.70 24.25 -1.79
C TYR C 269 -33.60 24.17 -0.74
N SER C 270 -32.85 23.08 -0.71
CA SER C 270 -31.72 22.98 0.19
C SER C 270 -30.69 24.06 -0.11
N ALA C 271 -30.12 24.63 0.94
CA ALA C 271 -29.09 25.64 0.76
C ALA C 271 -27.87 25.02 0.09
N ASP C 272 -27.25 25.78 -0.82
CA ASP C 272 -26.16 25.28 -1.63
C ASP C 272 -24.85 25.95 -1.22
N ARG C 273 -23.89 25.13 -0.82
CA ARG C 273 -22.52 25.58 -0.65
C ARG C 273 -21.61 24.45 -1.07
N GLU C 274 -20.46 24.80 -1.63
CA GLU C 274 -19.55 23.83 -2.21
C GLU C 274 -18.60 23.32 -1.13
N ASP C 275 -18.47 22.00 -1.05
CA ASP C 275 -17.49 21.38 -0.16
C ASP C 275 -16.15 21.44 -0.85
N LEU C 276 -15.38 22.49 -0.57
CA LEU C 276 -14.13 22.71 -1.29
C LEU C 276 -13.14 21.60 -1.00
N TYR C 277 -13.12 21.08 0.22
CA TYR C 277 -12.14 20.06 0.57
C TYR C 277 -12.50 18.69 0.00
N ALA C 278 -13.74 18.51 -0.45
CA ALA C 278 -14.16 17.22 -0.99
C ALA C 278 -13.44 16.91 -2.29
#